data_1OWY
# 
_entry.id   1OWY 
# 
_audit_conform.dict_name       mmcif_pdbx.dic 
_audit_conform.dict_version    5.376 
_audit_conform.dict_location   http://mmcif.pdb.org/dictionaries/ascii/mmcif_pdbx.dic 
# 
loop_
_database_2.database_id 
_database_2.database_code 
_database_2.pdbx_database_accession 
_database_2.pdbx_DOI 
PDB   1OWY         pdb_00001owy 10.2210/pdb1owy/pdb 
RCSB  RCSB018755   ?            ?                   
WWPDB D_1000018755 ?            ?                   
# 
loop_
_pdbx_database_related.db_name 
_pdbx_database_related.db_id 
_pdbx_database_related.details 
_pdbx_database_related.content_type 
PDB 1LGU 'T4 Lysozyme Mutant L99A/M102Q'                                             unspecified 
PDB 1LGW 'T4 Lysozyme Mutant L99A/M102Q Bound By 2-Fluoroaniline'                    unspecified 
PDB 1LGX 'T4 Lysozyme Mutant L99A/M102Q Bound By 3,5-Difluoroaniline'                unspecified 
PDB 1LI2 'T4 Lysozyme Mutant L99A/M102Q Bound By Phenol'                             unspecified 
PDB 1LI3 'T4 Lysozyme Mutant L99A/M102Q Bound By 3-Chlorophenol'                     unspecified 
PDB 1LI6 'T4 Lysozyme Mutant L99A/M102Q Bound By 5-Methylpyrrole'                    unspecified 
PDB 1OV5 'T4 Lysozyme Cavity Mutant L99a/M102Q Bound With 2-Allylphenol'             unspecified 
PDB 1OV7 'T4 Lysozyme Cavity Mutant L99A/M102Q Bound with 2-Allyl-6-Methyl-Phenol'   unspecified 
PDB 1OVH 'T4 Lysozyme Cavity Mutant L99A/M102Q Bound With 2-Chloro-6-Methyl-Aniline' unspecified 
PDB 1OVJ 'T4 Lysozyme Cavity Mutant L99A/M102Q Bound with 3-Fluoro-2-Methyl_Aniline' unspecified 
PDB 1OVK 'T4 Lysozyme Cavity Mutant L99A/M102Q Bound with N-Allyl-Aniline'           unspecified 
PDB 1OWZ 'T4 Lysozyme Cavity Mutant L99A/M102Q Bound With 4-FluoroPhenEthyl Alcohol' unspecified 
# 
_pdbx_database_status.status_code                     REL 
_pdbx_database_status.entry_id                        1OWY 
_pdbx_database_status.recvd_initial_deposition_date   2003-03-31 
_pdbx_database_status.deposit_site                    RCSB 
_pdbx_database_status.process_site                    RCSB 
_pdbx_database_status.status_code_sf                  REL 
_pdbx_database_status.SG_entry                        . 
_pdbx_database_status.pdb_format_compatible           Y 
_pdbx_database_status.status_code_mr                  ? 
_pdbx_database_status.status_code_cs                  ? 
_pdbx_database_status.status_code_nmr_data            ? 
_pdbx_database_status.methods_development_category    ? 
# 
loop_
_audit_author.name 
_audit_author.pdbx_ordinal 
'Wei, B.Q.'      1 
'Baase, W.A.'    2 
'Weaver, L.H.'   3 
'Matthews, B.W.' 4 
'Shoichet, B.K.' 5 
# 
loop_
_citation.id 
_citation.title 
_citation.journal_abbrev 
_citation.journal_volume 
_citation.page_first 
_citation.page_last 
_citation.year 
_citation.journal_id_ASTM 
_citation.country 
_citation.journal_id_ISSN 
_citation.journal_id_CSD 
_citation.book_publisher 
_citation.pdbx_database_id_PubMed 
_citation.pdbx_database_id_DOI 
primary 'Testing a Flexible-receptor Docking Algorithm in a Model Binding Site'   J.Mol.Biol. 337 1161 1182 2004 JMOBAK UK 
0022-2836 0070 ? 15046985 10.1016/j.jmb.2004.02.015       
1       'A Model Binding Site for Testing Scoring Functions in Molecular Docking' J.Mol.Biol. 322 339  355  2002 JMOBAK UK 
0022-2836 0070 ? ?        '10.1016/S0022-2836(02)00777-5' 
# 
loop_
_citation_author.citation_id 
_citation_author.name 
_citation_author.ordinal 
_citation_author.identifier_ORCID 
primary 'Wei, B.Q.'      1  ? 
primary 'Weaver, L.H.'   2  ? 
primary 'Ferrari, A.M.'  3  ? 
primary 'Matthews, B.W.' 4  ? 
primary 'Shoichet, B.K.' 5  ? 
1       'Wei, B.Q.'      6  ? 
1       'Baase, W.A.'    7  ? 
1       'Weaver, L.H.'   8  ? 
1       'Matthews, B.W.' 9  ? 
1       'Shoichet, B.K.' 10 ? 
# 
_cell.entry_id           1OWY 
_cell.length_a           60.700 
_cell.length_b           60.700 
_cell.length_c           97.500 
_cell.angle_alpha        90.00 
_cell.angle_beta         90.00 
_cell.angle_gamma        120.00 
_cell.Z_PDB              6 
_cell.pdbx_unique_axis   ? 
# 
_symmetry.entry_id                         1OWY 
_symmetry.space_group_name_H-M             'P 32 2 1' 
_symmetry.pdbx_full_space_group_name_H-M   ? 
_symmetry.Int_Tables_number                154 
_symmetry.cell_setting                     ? 
# 
loop_
_entity.id 
_entity.type 
_entity.src_method 
_entity.pdbx_description 
_entity.formula_weight 
_entity.pdbx_number_of_molecules 
_entity.pdbx_ec 
_entity.pdbx_mutation 
_entity.pdbx_fragment 
_entity.details 
1 polymer     man Lysozyme             18617.320 1  3.2.1.17 'L99A, M102Q' ? ? 
2 non-polymer syn 'CHLORIDE ION'       35.453    2  ?        ?             ? ? 
3 non-polymer syn BETA-MERCAPTOETHANOL 78.133    2  ?        ?             ? ? 
4 non-polymer syn 2-PROPYL-ANILINE     135.206   1  ?        ?             ? ? 
5 water       nat water                18.015    68 ?        ?             ? ? 
# 
_entity_name_com.entity_id   1 
_entity_name_com.name        'Lysis protein, Muramidase, Endolysin' 
# 
_entity_poly.entity_id                      1 
_entity_poly.type                           'polypeptide(L)' 
_entity_poly.nstd_linkage                   no 
_entity_poly.nstd_monomer                   no 
_entity_poly.pdbx_seq_one_letter_code       
;MNIFEMLRIDEGLRLKIYKDTEGYYTIGIGHLLTKSPSLNAAKSELDKAIGRNCNGVITKDEAEKLFNQDVDAAVRGILR
NAKLKPVYDSLDAVRRCAAINQVFQMGETGVAGFTNSLRMLQQKRWDEAAVNLAKSRWYNQTPNRAKRVITTFRTGTWDA
YKNL
;
_entity_poly.pdbx_seq_one_letter_code_can   
;MNIFEMLRIDEGLRLKIYKDTEGYYTIGIGHLLTKSPSLNAAKSELDKAIGRNCNGVITKDEAEKLFNQDVDAAVRGILR
NAKLKPVYDSLDAVRRCAAINQVFQMGETGVAGFTNSLRMLQQKRWDEAAVNLAKSRWYNQTPNRAKRVITTFRTGTWDA
YKNL
;
_entity_poly.pdbx_strand_id                 A 
_entity_poly.pdbx_target_identifier         ? 
# 
loop_
_entity_poly_seq.entity_id 
_entity_poly_seq.num 
_entity_poly_seq.mon_id 
_entity_poly_seq.hetero 
1 1   MET n 
1 2   ASN n 
1 3   ILE n 
1 4   PHE n 
1 5   GLU n 
1 6   MET n 
1 7   LEU n 
1 8   ARG n 
1 9   ILE n 
1 10  ASP n 
1 11  GLU n 
1 12  GLY n 
1 13  LEU n 
1 14  ARG n 
1 15  LEU n 
1 16  LYS n 
1 17  ILE n 
1 18  TYR n 
1 19  LYS n 
1 20  ASP n 
1 21  THR n 
1 22  GLU n 
1 23  GLY n 
1 24  TYR n 
1 25  TYR n 
1 26  THR n 
1 27  ILE n 
1 28  GLY n 
1 29  ILE n 
1 30  GLY n 
1 31  HIS n 
1 32  LEU n 
1 33  LEU n 
1 34  THR n 
1 35  LYS n 
1 36  SER n 
1 37  PRO n 
1 38  SER n 
1 39  LEU n 
1 40  ASN n 
1 41  ALA n 
1 42  ALA n 
1 43  LYS n 
1 44  SER n 
1 45  GLU n 
1 46  LEU n 
1 47  ASP n 
1 48  LYS n 
1 49  ALA n 
1 50  ILE n 
1 51  GLY n 
1 52  ARG n 
1 53  ASN n 
1 54  CYS n 
1 55  ASN n 
1 56  GLY n 
1 57  VAL n 
1 58  ILE n 
1 59  THR n 
1 60  LYS n 
1 61  ASP n 
1 62  GLU n 
1 63  ALA n 
1 64  GLU n 
1 65  LYS n 
1 66  LEU n 
1 67  PHE n 
1 68  ASN n 
1 69  GLN n 
1 70  ASP n 
1 71  VAL n 
1 72  ASP n 
1 73  ALA n 
1 74  ALA n 
1 75  VAL n 
1 76  ARG n 
1 77  GLY n 
1 78  ILE n 
1 79  LEU n 
1 80  ARG n 
1 81  ASN n 
1 82  ALA n 
1 83  LYS n 
1 84  LEU n 
1 85  LYS n 
1 86  PRO n 
1 87  VAL n 
1 88  TYR n 
1 89  ASP n 
1 90  SER n 
1 91  LEU n 
1 92  ASP n 
1 93  ALA n 
1 94  VAL n 
1 95  ARG n 
1 96  ARG n 
1 97  CYS n 
1 98  ALA n 
1 99  ALA n 
1 100 ILE n 
1 101 ASN n 
1 102 GLN n 
1 103 VAL n 
1 104 PHE n 
1 105 GLN n 
1 106 MET n 
1 107 GLY n 
1 108 GLU n 
1 109 THR n 
1 110 GLY n 
1 111 VAL n 
1 112 ALA n 
1 113 GLY n 
1 114 PHE n 
1 115 THR n 
1 116 ASN n 
1 117 SER n 
1 118 LEU n 
1 119 ARG n 
1 120 MET n 
1 121 LEU n 
1 122 GLN n 
1 123 GLN n 
1 124 LYS n 
1 125 ARG n 
1 126 TRP n 
1 127 ASP n 
1 128 GLU n 
1 129 ALA n 
1 130 ALA n 
1 131 VAL n 
1 132 ASN n 
1 133 LEU n 
1 134 ALA n 
1 135 LYS n 
1 136 SER n 
1 137 ARG n 
1 138 TRP n 
1 139 TYR n 
1 140 ASN n 
1 141 GLN n 
1 142 THR n 
1 143 PRO n 
1 144 ASN n 
1 145 ARG n 
1 146 ALA n 
1 147 LYS n 
1 148 ARG n 
1 149 VAL n 
1 150 ILE n 
1 151 THR n 
1 152 THR n 
1 153 PHE n 
1 154 ARG n 
1 155 THR n 
1 156 GLY n 
1 157 THR n 
1 158 TRP n 
1 159 ASP n 
1 160 ALA n 
1 161 TYR n 
1 162 LYS n 
1 163 ASN n 
1 164 LEU n 
# 
_entity_src_gen.entity_id                          1 
_entity_src_gen.pdbx_src_id                        1 
_entity_src_gen.pdbx_alt_source_flag               sample 
_entity_src_gen.pdbx_seq_type                      ? 
_entity_src_gen.pdbx_beg_seq_num                   ? 
_entity_src_gen.pdbx_end_seq_num                   ? 
_entity_src_gen.gene_src_common_name               ? 
_entity_src_gen.gene_src_genus                     'T4-like viruses' 
_entity_src_gen.pdbx_gene_src_gene                 ? 
_entity_src_gen.gene_src_species                   'Enterobacteria phage T4 sensu lato' 
_entity_src_gen.gene_src_strain                    ? 
_entity_src_gen.gene_src_tissue                    ? 
_entity_src_gen.gene_src_tissue_fraction           ? 
_entity_src_gen.gene_src_details                   ? 
_entity_src_gen.pdbx_gene_src_fragment             ? 
_entity_src_gen.pdbx_gene_src_scientific_name      'Enterobacteria phage T4' 
_entity_src_gen.pdbx_gene_src_ncbi_taxonomy_id     10665 
_entity_src_gen.pdbx_gene_src_variant              ? 
_entity_src_gen.pdbx_gene_src_cell_line            ? 
_entity_src_gen.pdbx_gene_src_atcc                 ? 
_entity_src_gen.pdbx_gene_src_organ                ? 
_entity_src_gen.pdbx_gene_src_organelle            ? 
_entity_src_gen.pdbx_gene_src_cell                 ? 
_entity_src_gen.pdbx_gene_src_cellular_location    ? 
_entity_src_gen.host_org_common_name               ? 
_entity_src_gen.pdbx_host_org_scientific_name      'Escherichia coli' 
_entity_src_gen.pdbx_host_org_ncbi_taxonomy_id     562 
_entity_src_gen.host_org_genus                     Escherichia 
_entity_src_gen.pdbx_host_org_gene                 ? 
_entity_src_gen.pdbx_host_org_organ                ? 
_entity_src_gen.host_org_species                   ? 
_entity_src_gen.pdbx_host_org_tissue               ? 
_entity_src_gen.pdbx_host_org_tissue_fraction      ? 
_entity_src_gen.pdbx_host_org_strain               ? 
_entity_src_gen.pdbx_host_org_variant              ? 
_entity_src_gen.pdbx_host_org_cell_line            ? 
_entity_src_gen.pdbx_host_org_atcc                 ? 
_entity_src_gen.pdbx_host_org_culture_collection   ? 
_entity_src_gen.pdbx_host_org_cell                 ? 
_entity_src_gen.pdbx_host_org_organelle            ? 
_entity_src_gen.pdbx_host_org_cellular_location    ? 
_entity_src_gen.pdbx_host_org_vector_type          ? 
_entity_src_gen.pdbx_host_org_vector               ? 
_entity_src_gen.host_org_details                   ? 
_entity_src_gen.expression_system_id               ? 
_entity_src_gen.plasmid_name                       ? 
_entity_src_gen.plasmid_details                    ? 
_entity_src_gen.pdbx_description                   ? 
# 
_struct_ref.id                         1 
_struct_ref.db_name                    UNP 
_struct_ref.db_code                    LYS_BPT4 
_struct_ref.entity_id                  1 
_struct_ref.pdbx_seq_one_letter_code   
;MNIFEMLRIDEGLRLKIYKDTEGYYTIGIGHLLTKSPSLNAAKSELDKAIGRNCNGVITKDEAEKLFNQDVDAAVRGILR
NAKLKPVYDSLDAVRRCALINMVFQMGETGVAGFTNSLRMLQQKRWDEAAVNLAKSRWYNQTPNRAKRVITTFRTGTWDA
YKNL
;
_struct_ref.pdbx_align_begin           1 
_struct_ref.pdbx_db_accession          P00720 
_struct_ref.pdbx_db_isoform            ? 
# 
_struct_ref_seq.align_id                      1 
_struct_ref_seq.ref_id                        1 
_struct_ref_seq.pdbx_PDB_id_code              1OWY 
_struct_ref_seq.pdbx_strand_id                A 
_struct_ref_seq.seq_align_beg                 1 
_struct_ref_seq.pdbx_seq_align_beg_ins_code   ? 
_struct_ref_seq.seq_align_end                 164 
_struct_ref_seq.pdbx_seq_align_end_ins_code   ? 
_struct_ref_seq.pdbx_db_accession             P00720 
_struct_ref_seq.db_align_beg                  1 
_struct_ref_seq.pdbx_db_align_beg_ins_code    ? 
_struct_ref_seq.db_align_end                  164 
_struct_ref_seq.pdbx_db_align_end_ins_code    ? 
_struct_ref_seq.pdbx_auth_seq_align_beg       1 
_struct_ref_seq.pdbx_auth_seq_align_end       164 
# 
loop_
_struct_ref_seq_dif.align_id 
_struct_ref_seq_dif.pdbx_pdb_id_code 
_struct_ref_seq_dif.mon_id 
_struct_ref_seq_dif.pdbx_pdb_strand_id 
_struct_ref_seq_dif.seq_num 
_struct_ref_seq_dif.pdbx_pdb_ins_code 
_struct_ref_seq_dif.pdbx_seq_db_name 
_struct_ref_seq_dif.pdbx_seq_db_accession_code 
_struct_ref_seq_dif.db_mon_id 
_struct_ref_seq_dif.pdbx_seq_db_seq_num 
_struct_ref_seq_dif.details 
_struct_ref_seq_dif.pdbx_auth_seq_num 
_struct_ref_seq_dif.pdbx_ordinal 
1 1OWY ALA A 99  ? UNP P00720 LEU 99  'engineered mutation' 99  1 
1 1OWY GLN A 102 ? UNP P00720 MET 102 'engineered mutation' 102 2 
# 
loop_
_chem_comp.id 
_chem_comp.type 
_chem_comp.mon_nstd_flag 
_chem_comp.name 
_chem_comp.pdbx_synonyms 
_chem_comp.formula 
_chem_comp.formula_weight 
ALA 'L-peptide linking' y ALANINE              ? 'C3 H7 N O2'     89.093  
ARG 'L-peptide linking' y ARGININE             ? 'C6 H15 N4 O2 1' 175.209 
ASN 'L-peptide linking' y ASPARAGINE           ? 'C4 H8 N2 O3'    132.118 
ASP 'L-peptide linking' y 'ASPARTIC ACID'      ? 'C4 H7 N O4'     133.103 
BME non-polymer         . BETA-MERCAPTOETHANOL ? 'C2 H6 O S'      78.133  
CL  non-polymer         . 'CHLORIDE ION'       ? 'Cl -1'          35.453  
CYS 'L-peptide linking' y CYSTEINE             ? 'C3 H7 N O2 S'   121.158 
GLN 'L-peptide linking' y GLUTAMINE            ? 'C5 H10 N2 O3'   146.144 
GLU 'L-peptide linking' y 'GLUTAMIC ACID'      ? 'C5 H9 N O4'     147.129 
GLY 'peptide linking'   y GLYCINE              ? 'C2 H5 N O2'     75.067  
HIS 'L-peptide linking' y HISTIDINE            ? 'C6 H10 N3 O2 1' 156.162 
HOH non-polymer         . WATER                ? 'H2 O'           18.015  
ILE 'L-peptide linking' y ISOLEUCINE           ? 'C6 H13 N O2'    131.173 
LEU 'L-peptide linking' y LEUCINE              ? 'C6 H13 N O2'    131.173 
LYS 'L-peptide linking' y LYSINE               ? 'C6 H15 N2 O2 1' 147.195 
MET 'L-peptide linking' y METHIONINE           ? 'C5 H11 N O2 S'  149.211 
PHE 'L-peptide linking' y PHENYLALANINE        ? 'C9 H11 N O2'    165.189 
PRO 'L-peptide linking' y PROLINE              ? 'C5 H9 N O2'     115.130 
PRY non-polymer         . 2-PROPYL-ANILINE     ? 'C9 H13 N'       135.206 
SER 'L-peptide linking' y SERINE               ? 'C3 H7 N O3'     105.093 
THR 'L-peptide linking' y THREONINE            ? 'C4 H9 N O3'     119.119 
TRP 'L-peptide linking' y TRYPTOPHAN           ? 'C11 H12 N2 O2'  204.225 
TYR 'L-peptide linking' y TYROSINE             ? 'C9 H11 N O3'    181.189 
VAL 'L-peptide linking' y VALINE               ? 'C5 H11 N O2'    117.146 
# 
_exptl.entry_id          1OWY 
_exptl.method            'X-RAY DIFFRACTION' 
_exptl.crystals_number   1 
# 
_exptl_crystal.id                    1 
_exptl_crystal.density_meas          ? 
_exptl_crystal.density_Matthews      2.69 
_exptl_crystal.density_percent_sol   53.88 
_exptl_crystal.description           ? 
# 
_diffrn.id                     1 
_diffrn.ambient_temp           298 
_diffrn.ambient_temp_details   ? 
_diffrn.crystal_id             1 
# 
_diffrn_detector.diffrn_id              1 
_diffrn_detector.detector               'AREA DETECTOR' 
_diffrn_detector.type                   'UCSD MARK II' 
_diffrn_detector.pdbx_collection_date   ? 
_diffrn_detector.details                ? 
# 
_diffrn_radiation.diffrn_id                        1 
_diffrn_radiation.wavelength_id                    1 
_diffrn_radiation.pdbx_monochromatic_or_laue_m_l   M 
_diffrn_radiation.monochromator                    graphite 
_diffrn_radiation.pdbx_diffrn_protocol             'SINGLE WAVELENGTH' 
_diffrn_radiation.pdbx_scattering_type             x-ray 
# 
_diffrn_radiation_wavelength.id           1 
_diffrn_radiation_wavelength.wavelength   1.5418 
_diffrn_radiation_wavelength.wt           1.0 
# 
_diffrn_source.diffrn_id                   1 
_diffrn_source.source                      'ROTATING ANODE' 
_diffrn_source.type                        'RIGAKU RU200' 
_diffrn_source.pdbx_synchrotron_site       ? 
_diffrn_source.pdbx_synchrotron_beamline   ? 
_diffrn_source.pdbx_wavelength             ? 
_diffrn_source.pdbx_wavelength_list        1.5418 
# 
_reflns.entry_id                     1OWY 
_reflns.observed_criterion_sigma_F   0 
_reflns.observed_criterion_sigma_I   0 
_reflns.d_resolution_high            1.9 
_reflns.d_resolution_low             13. 
_reflns.number_all                   15141 
_reflns.number_obs                   15141 
_reflns.percent_possible_obs         90 
_reflns.pdbx_Rmerge_I_obs            0.062 
_reflns.pdbx_Rsym_value              ? 
_reflns.pdbx_netI_over_sigmaI        13.4 
_reflns.B_iso_Wilson_estimate        ? 
_reflns.pdbx_redundancy              ? 
_reflns.R_free_details               ? 
_reflns.limit_h_max                  ? 
_reflns.limit_h_min                  ? 
_reflns.limit_k_max                  ? 
_reflns.limit_k_min                  ? 
_reflns.limit_l_max                  ? 
_reflns.limit_l_min                  ? 
_reflns.observed_criterion_F_max     ? 
_reflns.observed_criterion_F_min     ? 
_reflns.pdbx_diffrn_id               1 
_reflns.pdbx_ordinal                 1 
# 
_reflns_shell.d_res_high             1.9 
_reflns_shell.d_res_low              2.0 
_reflns_shell.percent_possible_all   70 
_reflns_shell.Rmerge_I_obs           0.163 
_reflns_shell.pdbx_Rsym_value        ? 
_reflns_shell.meanI_over_sigI_obs    2.4 
_reflns_shell.pdbx_redundancy        ? 
_reflns_shell.percent_possible_obs   ? 
_reflns_shell.number_unique_all      2303 
_reflns_shell.pdbx_diffrn_id         ? 
_reflns_shell.pdbx_ordinal           1 
# 
_refine.entry_id                                 1OWY 
_refine.ls_d_res_high                            1.9 
_refine.ls_d_res_low                             13. 
_refine.pdbx_ls_sigma_F                          0 
_refine.pdbx_ls_sigma_I                          0 
_refine.ls_number_reflns_all                     15088 
_refine.ls_number_reflns_obs                     15088 
_refine.ls_number_reflns_R_free                  ? 
_refine.ls_percent_reflns_obs                    86 
_refine.ls_R_factor_all                          ? 
_refine.ls_R_factor_obs                          0.176 
_refine.ls_R_factor_R_work                       ? 
_refine.ls_R_factor_R_free                       ? 
_refine.ls_redundancy_reflns_obs                 ? 
_refine.pdbx_data_cutoff_high_absF               ? 
_refine.pdbx_data_cutoff_low_absF                ? 
_refine.ls_number_parameters                     ? 
_refine.ls_number_restraints                     ? 
_refine.ls_percent_reflns_R_free                 ? 
_refine.ls_R_factor_R_free_error                 ? 
_refine.ls_R_factor_R_free_error_details         ? 
_refine.pdbx_method_to_determine_struct          MIR 
_refine.pdbx_starting_model                      'PDB entry 1LGU' 
_refine.pdbx_ls_cross_valid_method               ? 
_refine.pdbx_R_Free_selection_details            ? 
_refine.pdbx_stereochem_target_val_spec_case     ? 
_refine.pdbx_stereochemistry_target_values       'Engh & Huber' 
_refine.solvent_model_details                    ? 
_refine.solvent_model_param_bsol                 ? 
_refine.solvent_model_param_ksol                 ? 
_refine.occupancy_max                            ? 
_refine.occupancy_min                            ? 
_refine.pdbx_isotropic_thermal_model             isotropic 
_refine.B_iso_mean                               ? 
_refine.aniso_B[1][1]                            ? 
_refine.aniso_B[1][2]                            ? 
_refine.aniso_B[1][3]                            ? 
_refine.aniso_B[2][2]                            ? 
_refine.aniso_B[2][3]                            ? 
_refine.aniso_B[3][3]                            ? 
_refine.details                                  ? 
_refine.B_iso_min                                ? 
_refine.B_iso_max                                ? 
_refine.correlation_coeff_Fo_to_Fc               ? 
_refine.correlation_coeff_Fo_to_Fc_free          ? 
_refine.pdbx_solvent_vdw_probe_radii             ? 
_refine.pdbx_solvent_ion_probe_radii             ? 
_refine.pdbx_solvent_shrinkage_radii             ? 
_refine.overall_SU_R_Cruickshank_DPI             ? 
_refine.overall_SU_R_free                        ? 
_refine.overall_SU_B                             ? 
_refine.overall_SU_ML                            ? 
_refine.pdbx_overall_ESU_R                       ? 
_refine.pdbx_overall_ESU_R_Free                  ? 
_refine.pdbx_data_cutoff_high_rms_absF           ? 
_refine.pdbx_refine_id                           'X-RAY DIFFRACTION' 
_refine.pdbx_diffrn_id                           1 
_refine.pdbx_TLS_residual_ADP_flag               ? 
_refine.pdbx_overall_phase_error                 ? 
_refine.pdbx_overall_SU_R_free_Cruickshank_DPI   ? 
_refine.pdbx_overall_SU_R_Blow_DPI               ? 
_refine.pdbx_overall_SU_R_free_Blow_DPI          ? 
# 
_refine_hist.pdbx_refine_id                   'X-RAY DIFFRACTION' 
_refine_hist.cycle_id                         LAST 
_refine_hist.pdbx_number_atoms_protein        1290 
_refine_hist.pdbx_number_atoms_nucleic_acid   0 
_refine_hist.pdbx_number_atoms_ligand         20 
_refine_hist.number_atoms_solvent             68 
_refine_hist.number_atoms_total               1378 
_refine_hist.d_res_high                       1.9 
_refine_hist.d_res_low                        13. 
# 
loop_
_refine_ls_restr.type 
_refine_ls_restr.dev_ideal 
_refine_ls_restr.dev_ideal_target 
_refine_ls_restr.weight 
_refine_ls_restr.number 
_refine_ls_restr.pdbx_refine_id 
_refine_ls_restr.pdbx_restraint_function 
t_bond_d    0.016 ? ? ? 'X-RAY DIFFRACTION' ? 
t_angle_deg 2.7   ? ? ? 'X-RAY DIFFRACTION' ? 
# 
_struct.entry_id                  1OWY 
_struct.title                     'T4 Lysozyme Cavity Mutant L99A/M102Q Bound With 2-Propyl-Aniline' 
_struct.pdbx_model_details        ? 
_struct.pdbx_CASP_flag            ? 
_struct.pdbx_model_type_details   ? 
# 
_struct_keywords.entry_id        1OWY 
_struct_keywords.pdbx_keywords   HYDROLASE 
_struct_keywords.text            'GLYCOSIDASE, BACTERIOLYTIC ENZYME, HYDROLASE' 
# 
loop_
_struct_asym.id 
_struct_asym.pdbx_blank_PDB_chainid_flag 
_struct_asym.pdbx_modified 
_struct_asym.entity_id 
_struct_asym.details 
A N N 1 ? 
B N N 2 ? 
C N N 2 ? 
D N N 3 ? 
E N N 3 ? 
F N N 4 ? 
G N N 5 ? 
# 
_struct_biol.id                    1 
_struct_biol.pdbx_parent_biol_id   ? 
_struct_biol.details               ? 
# 
loop_
_struct_conf.conf_type_id 
_struct_conf.id 
_struct_conf.pdbx_PDB_helix_id 
_struct_conf.beg_label_comp_id 
_struct_conf.beg_label_asym_id 
_struct_conf.beg_label_seq_id 
_struct_conf.pdbx_beg_PDB_ins_code 
_struct_conf.end_label_comp_id 
_struct_conf.end_label_asym_id 
_struct_conf.end_label_seq_id 
_struct_conf.pdbx_end_PDB_ins_code 
_struct_conf.beg_auth_comp_id 
_struct_conf.beg_auth_asym_id 
_struct_conf.beg_auth_seq_id 
_struct_conf.end_auth_comp_id 
_struct_conf.end_auth_asym_id 
_struct_conf.end_auth_seq_id 
_struct_conf.pdbx_PDB_helix_class 
_struct_conf.details 
_struct_conf.pdbx_PDB_helix_length 
HELX_P HELX_P1  1  ASN A 2   ? GLY A 12  ? ASN A 2   GLY A 12  1 ? 11 
HELX_P HELX_P2  2  SER A 38  ? GLY A 51  ? SER A 38  GLY A 51  1 ? 14 
HELX_P HELX_P3  3  THR A 59  ? ASN A 81  ? THR A 59  ASN A 81  1 ? 23 
HELX_P HELX_P4  4  LYS A 83  ? LEU A 91  ? LYS A 83  LEU A 91  1 ? 9  
HELX_P HELX_P5  5  ASP A 92  ? GLY A 113 ? ASP A 92  GLY A 113 1 ? 22 
HELX_P HELX_P6  6  PHE A 114 ? GLN A 123 ? PHE A 114 GLN A 123 1 ? 10 
HELX_P HELX_P7  7  ARG A 125 ? LYS A 135 ? ARG A 125 LYS A 135 1 ? 11 
HELX_P HELX_P8  8  SER A 136 ? THR A 142 ? SER A 136 THR A 142 1 ? 7  
HELX_P HELX_P9  9  THR A 142 ? GLY A 156 ? THR A 142 GLY A 156 1 ? 15 
HELX_P HELX_P10 10 TRP A 158 ? LYS A 162 ? TRP A 158 LYS A 162 5 ? 5  
# 
_struct_conf_type.id          HELX_P 
_struct_conf_type.criteria    ? 
_struct_conf_type.reference   ? 
# 
_struct_sheet.id               A 
_struct_sheet.type             ? 
_struct_sheet.number_strands   3 
_struct_sheet.details          ? 
# 
loop_
_struct_sheet_order.sheet_id 
_struct_sheet_order.range_id_1 
_struct_sheet_order.range_id_2 
_struct_sheet_order.offset 
_struct_sheet_order.sense 
A 1 2 ? anti-parallel 
A 2 3 ? anti-parallel 
# 
loop_
_struct_sheet_range.sheet_id 
_struct_sheet_range.id 
_struct_sheet_range.beg_label_comp_id 
_struct_sheet_range.beg_label_asym_id 
_struct_sheet_range.beg_label_seq_id 
_struct_sheet_range.pdbx_beg_PDB_ins_code 
_struct_sheet_range.end_label_comp_id 
_struct_sheet_range.end_label_asym_id 
_struct_sheet_range.end_label_seq_id 
_struct_sheet_range.pdbx_end_PDB_ins_code 
_struct_sheet_range.beg_auth_comp_id 
_struct_sheet_range.beg_auth_asym_id 
_struct_sheet_range.beg_auth_seq_id 
_struct_sheet_range.end_auth_comp_id 
_struct_sheet_range.end_auth_asym_id 
_struct_sheet_range.end_auth_seq_id 
A 1 ARG A 14 ? LYS A 19 ? ARG A 14 LYS A 19 
A 2 TYR A 25 ? GLY A 28 ? TYR A 25 GLY A 28 
A 3 HIS A 31 ? THR A 34 ? HIS A 31 THR A 34 
# 
loop_
_pdbx_struct_sheet_hbond.sheet_id 
_pdbx_struct_sheet_hbond.range_id_1 
_pdbx_struct_sheet_hbond.range_id_2 
_pdbx_struct_sheet_hbond.range_1_label_atom_id 
_pdbx_struct_sheet_hbond.range_1_label_comp_id 
_pdbx_struct_sheet_hbond.range_1_label_asym_id 
_pdbx_struct_sheet_hbond.range_1_label_seq_id 
_pdbx_struct_sheet_hbond.range_1_PDB_ins_code 
_pdbx_struct_sheet_hbond.range_1_auth_atom_id 
_pdbx_struct_sheet_hbond.range_1_auth_comp_id 
_pdbx_struct_sheet_hbond.range_1_auth_asym_id 
_pdbx_struct_sheet_hbond.range_1_auth_seq_id 
_pdbx_struct_sheet_hbond.range_2_label_atom_id 
_pdbx_struct_sheet_hbond.range_2_label_comp_id 
_pdbx_struct_sheet_hbond.range_2_label_asym_id 
_pdbx_struct_sheet_hbond.range_2_label_seq_id 
_pdbx_struct_sheet_hbond.range_2_PDB_ins_code 
_pdbx_struct_sheet_hbond.range_2_auth_atom_id 
_pdbx_struct_sheet_hbond.range_2_auth_comp_id 
_pdbx_struct_sheet_hbond.range_2_auth_asym_id 
_pdbx_struct_sheet_hbond.range_2_auth_seq_id 
A 1 2 N TYR A 18 ? N TYR A 18 O THR A 26 ? O THR A 26 
A 2 3 N TYR A 25 ? N TYR A 25 O LEU A 33 ? O LEU A 33 
# 
loop_
_struct_site.id 
_struct_site.pdbx_evidence_code 
_struct_site.pdbx_auth_asym_id 
_struct_site.pdbx_auth_comp_id 
_struct_site.pdbx_auth_seq_id 
_struct_site.pdbx_auth_ins_code 
_struct_site.pdbx_num_residues 
_struct_site.details 
AC1 Software A CL  173 ? 4 'BINDING SITE FOR RESIDUE CL A 173'  
AC2 Software A CL  178 ? 6 'BINDING SITE FOR RESIDUE CL A 178'  
AC3 Software A BME 168 ? 5 'BINDING SITE FOR RESIDUE BME A 168' 
AC4 Software A BME 170 ? 2 'BINDING SITE FOR RESIDUE BME A 170' 
AC5 Software A PRY 406 ? 6 'BINDING SITE FOR RESIDUE PRY A 406' 
# 
loop_
_struct_site_gen.id 
_struct_site_gen.site_id 
_struct_site_gen.pdbx_num_res 
_struct_site_gen.label_comp_id 
_struct_site_gen.label_asym_id 
_struct_site_gen.label_seq_id 
_struct_site_gen.pdbx_auth_ins_code 
_struct_site_gen.auth_comp_id 
_struct_site_gen.auth_asym_id 
_struct_site_gen.auth_seq_id 
_struct_site_gen.label_atom_id 
_struct_site_gen.label_alt_id 
_struct_site_gen.symmetry 
_struct_site_gen.details 
1  AC1 4 THR A 142 ? THR A 142 . ? 1_555 ? 
2  AC1 4 ASN A 144 ? ASN A 144 . ? 1_555 ? 
3  AC1 4 ARG A 145 ? ARG A 145 . ? 1_555 ? 
4  AC1 4 HOH G .   ? HOH A 291 . ? 4_655 ? 
5  AC2 6 ALA A 49  ? ALA A 49  . ? 1_555 ? 
6  AC2 6 GLN A 69  ? GLN A 69  . ? 1_555 ? 
7  AC2 6 SER A 136 ? SER A 136 . ? 3_665 ? 
8  AC2 6 ARG A 137 ? ARG A 137 . ? 3_665 ? 
9  AC2 6 ASN A 140 ? ASN A 140 . ? 3_665 ? 
10 AC2 6 HOH G .   ? HOH A 282 . ? 1_555 ? 
11 AC3 5 ASP A 72  ? ASP A 72  . ? 1_555 ? 
12 AC3 5 VAL A 75  ? VAL A 75  . ? 1_555 ? 
13 AC3 5 ARG A 76  ? ARG A 76  . ? 1_555 ? 
14 AC3 5 LEU A 79  ? LEU A 79  . ? 1_555 ? 
15 AC3 5 TYR A 88  ? TYR A 88  . ? 5_555 ? 
16 AC4 2 ASP A 72  ? ASP A 72  . ? 5_555 ? 
17 AC4 2 HOH G .   ? HOH A 199 . ? 1_555 ? 
18 AC5 6 ALA A 99  ? ALA A 99  . ? 1_555 ? 
19 AC5 6 GLN A 102 ? GLN A 102 . ? 1_555 ? 
20 AC5 6 VAL A 111 ? VAL A 111 . ? 1_555 ? 
21 AC5 6 PHE A 114 ? PHE A 114 . ? 1_555 ? 
22 AC5 6 LEU A 118 ? LEU A 118 . ? 1_555 ? 
23 AC5 6 LEU A 133 ? LEU A 133 . ? 1_555 ? 
# 
_atom_sites.entry_id                    1OWY 
_atom_sites.fract_transf_matrix[1][1]   -0.00031215 
_atom_sites.fract_transf_matrix[1][2]   -0.01680368 
_atom_sites.fract_transf_matrix[1][3]   -0.00891122 
_atom_sites.fract_transf_matrix[2][1]   0.01573092 
_atom_sites.fract_transf_matrix[2][2]   -0.01067116 
_atom_sites.fract_transf_matrix[2][3]   -0.00073419 
_atom_sites.fract_transf_matrix[3][1]   -0.00270832 
_atom_sites.fract_transf_matrix[3][2]   -0.00459516 
_atom_sites.fract_transf_matrix[3][3]   0.00875986 
_atom_sites.fract_transf_vector[1]      0.682077 
_atom_sites.fract_transf_vector[2]      0.220854 
_atom_sites.fract_transf_vector[3]      0.100547 
# 
loop_
_atom_type.symbol 
C  
CL 
N  
O  
S  
# 
loop_
_atom_site.group_PDB 
_atom_site.id 
_atom_site.type_symbol 
_atom_site.label_atom_id 
_atom_site.label_alt_id 
_atom_site.label_comp_id 
_atom_site.label_asym_id 
_atom_site.label_entity_id 
_atom_site.label_seq_id 
_atom_site.pdbx_PDB_ins_code 
_atom_site.Cartn_x 
_atom_site.Cartn_y 
_atom_site.Cartn_z 
_atom_site.occupancy 
_atom_site.B_iso_or_equiv 
_atom_site.pdbx_formal_charge 
_atom_site.auth_seq_id 
_atom_site.auth_comp_id 
_atom_site.auth_asym_id 
_atom_site.auth_atom_id 
_atom_site.pdbx_PDB_model_num 
ATOM   1    N  N   . MET A 1 1   ? -16.623 2.336   -4.931  1.00 32.62  ? 1   MET A N   1 
ATOM   2    C  CA  . MET A 1 1   ? -15.295 1.899   -4.568  1.00 26.98  ? 1   MET A CA  1 
ATOM   3    C  C   . MET A 1 1   ? -14.755 2.610   -3.310  1.00 19.23  ? 1   MET A C   1 
ATOM   4    O  O   . MET A 1 1   ? -15.141 3.736   -3.032  1.00 16.83  ? 1   MET A O   1 
ATOM   5    C  CB  . MET A 1 1   ? -14.425 1.942   -5.857  1.00 14.78  ? 1   MET A CB  1 
ATOM   6    C  CG  . MET A 1 1   ? -12.951 1.700   -5.643  1.00 32.88  ? 1   MET A CG  1 
ATOM   7    S  SD  . MET A 1 1   ? -12.499 -0.001  -6.053  1.00 34.79  ? 1   MET A SD  1 
ATOM   8    C  CE  . MET A 1 1   ? -13.518 -0.076  -7.522  1.00 22.92  ? 1   MET A CE  1 
ATOM   9    N  N   . ASN A 1 2   ? -13.855 1.964   -2.545  1.00 12.96  ? 2   ASN A N   1 
ATOM   10   C  CA  . ASN A 1 2   ? -13.285 2.626   -1.364  1.00 10.14  ? 2   ASN A CA  1 
ATOM   11   C  C   . ASN A 1 2   ? -11.912 1.978   -1.234  1.00 20.57  ? 2   ASN A C   1 
ATOM   12   O  O   . ASN A 1 2   ? -11.538 1.083   -2.002  1.00 7.15   ? 2   ASN A O   1 
ATOM   13   C  CB  . ASN A 1 2   ? -14.207 2.333   -0.136  1.00 5.57   ? 2   ASN A CB  1 
ATOM   14   C  CG  . ASN A 1 2   ? -14.396 0.867   0.163   1.00 18.01  ? 2   ASN A CG  1 
ATOM   15   O  OD1 . ASN A 1 2   ? -13.472 0.086   0.392   1.00 15.75  ? 2   ASN A OD1 1 
ATOM   16   N  ND2 . ASN A 1 2   ? -15.646 0.475   0.184   1.00 11.83  ? 2   ASN A ND2 1 
ATOM   17   N  N   . ILE A 1 3   ? -11.159 2.473   -0.299  1.00 7.68   ? 3   ILE A N   1 
ATOM   18   C  CA  . ILE A 1 3   ? -9.776  2.045   -0.090  1.00 7.27   ? 3   ILE A CA  1 
ATOM   19   C  C   . ILE A 1 3   ? -9.628  0.531   0.107   1.00 12.30  ? 3   ILE A C   1 
ATOM   20   O  O   . ILE A 1 3   ? -8.668  -0.100  -0.315  1.00 8.31   ? 3   ILE A O   1 
ATOM   21   C  CB  . ILE A 1 3   ? -9.150  2.863   1.079   1.00 14.78  ? 3   ILE A CB  1 
ATOM   22   C  CG1 . ILE A 1 3   ? -7.639  2.650   1.205   1.00 5.74   ? 3   ILE A CG1 1 
ATOM   23   C  CG2 . ILE A 1 3   ? -9.815  2.575   2.457   1.00 9.69   ? 3   ILE A CG2 1 
ATOM   24   C  CD1 . ILE A 1 3   ? -6.878  2.725   -0.121  1.00 7.51   ? 3   ILE A CD1 1 
ATOM   25   N  N   . PHE A 1 4   ? -10.580 -0.071  0.841   1.00 9.97   ? 4   PHE A N   1 
ATOM   26   C  CA  . PHE A 1 4   ? -10.449 -1.489  1.113   1.00 11.64  ? 4   PHE A CA  1 
ATOM   27   C  C   . PHE A 1 4   ? -10.600 -2.367  -0.102  1.00 13.31  ? 4   PHE A C   1 
ATOM   28   O  O   . PHE A 1 4   ? -9.886  -3.339  -0.317  1.00 10.12  ? 4   PHE A O   1 
ATOM   29   C  CB  . PHE A 1 4   ? -11.469 -1.894  2.130   1.00 7.18   ? 4   PHE A CB  1 
ATOM   30   C  CG  . PHE A 1 4   ? -11.108 -1.384  3.491   1.00 13.70  ? 4   PHE A CG  1 
ATOM   31   C  CD1 . PHE A 1 4   ? -11.761 -0.272  4.033   1.00 12.72  ? 4   PHE A CD1 1 
ATOM   32   C  CD2 . PHE A 1 4   ? -10.073 -1.997  4.206   1.00 11.34  ? 4   PHE A CD2 1 
ATOM   33   C  CE1 . PHE A 1 4   ? -11.410 0.232   5.288   1.00 11.09  ? 4   PHE A CE1 1 
ATOM   34   C  CE2 . PHE A 1 4   ? -9.755  -1.547  5.485   1.00 12.67  ? 4   PHE A CE2 1 
ATOM   35   C  CZ  . PHE A 1 4   ? -10.398 -0.422  6.004   1.00 16.56  ? 4   PHE A CZ  1 
ATOM   36   N  N   . GLU A 1 5   ? -11.591 -2.006  -0.890  1.00 8.45   ? 5   GLU A N   1 
ATOM   37   C  CA  . GLU A 1 5   ? -11.852 -2.727  -2.118  1.00 13.19  ? 5   GLU A CA  1 
ATOM   38   C  C   . GLU A 1 5   ? -10.702 -2.514  -3.078  1.00 18.74  ? 5   GLU A C   1 
ATOM   39   O  O   . GLU A 1 5   ? -10.343 -3.370  -3.829  1.00 11.99  ? 5   GLU A O   1 
ATOM   40   C  CB  . GLU A 1 5   ? -13.014 -1.994  -2.760  1.00 14.95  ? 5   GLU A CB  1 
ATOM   41   C  CG  . GLU A 1 5   ? -14.369 -2.404  -2.161  1.00 23.55  ? 5   GLU A CG  1 
ATOM   42   C  CD  . GLU A 1 5   ? -15.494 -1.626  -2.788  1.00 33.34  ? 5   GLU A CD  1 
ATOM   43   O  OE1 . GLU A 1 5   ? -15.275 -0.544  -3.289  1.00 79.14  ? 5   GLU A OE1 1 
ATOM   44   O  OE2 . GLU A 1 5   ? -16.658 -2.235  -2.788  1.00 100.00 ? 5   GLU A OE2 1 
ATOM   45   N  N   . MET A 1 6   ? -10.180 -1.294  -3.112  1.00 9.95   ? 6   MET A N   1 
ATOM   46   C  CA  . MET A 1 6   ? -9.127  -0.995  -4.011  1.00 2.09   ? 6   MET A CA  1 
ATOM   47   C  C   . MET A 1 6   ? -7.920  -1.828  -3.632  1.00 14.39  ? 6   MET A C   1 
ATOM   48   O  O   . MET A 1 6   ? -7.274  -2.465  -4.468  1.00 10.51  ? 6   MET A O   1 
ATOM   49   C  CB  . MET A 1 6   ? -8.740  0.480   -3.809  1.00 4.14   ? 6   MET A CB  1 
ATOM   50   C  CG  . MET A 1 6   ? -7.662  0.968   -4.779  1.00 7.64   ? 6   MET A CG  1 
ATOM   51   S  SD  . MET A 1 6   ? -6.908  2.553   -4.209  1.00 11.81  ? 6   MET A SD  1 
ATOM   52   C  CE  . MET A 1 6   ? -6.254  3.269   -5.736  1.00 13.76  ? 6   MET A CE  1 
ATOM   53   N  N   . LEU A 1 7   ? -7.578  -1.787  -2.375  1.00 9.94   ? 7   LEU A N   1 
ATOM   54   C  CA  . LEU A 1 7   ? -6.401  -2.552  -1.986  1.00 7.16   ? 7   LEU A CA  1 
ATOM   55   C  C   . LEU A 1 7   ? -6.649  -4.031  -2.073  1.00 18.23  ? 7   LEU A C   1 
ATOM   56   O  O   . LEU A 1 7   ? -5.690  -4.791  -2.253  1.00 12.45  ? 7   LEU A O   1 
ATOM   57   C  CB  . LEU A 1 7   ? -6.072  -2.212  -0.535  1.00 7.81   ? 7   LEU A CB  1 
ATOM   58   C  CG  . LEU A 1 7   ? -5.155  -0.985  -0.477  1.00 13.29  ? 7   LEU A CG  1 
ATOM   59   C  CD1 . LEU A 1 7   ? -5.164  -0.421  0.922   1.00 16.27  ? 7   LEU A CD1 1 
ATOM   60   C  CD2 . LEU A 1 7   ? -3.758  -1.240  -1.000  1.00 10.52  ? 7   LEU A CD2 1 
ATOM   61   N  N   . ARG A 1 8   ? -7.932  -4.453  -1.889  1.00 12.53  ? 8   ARG A N   1 
ATOM   62   C  CA  . ARG A 1 8   ? -8.118  -5.897  -1.971  1.00 10.12  ? 8   ARG A CA  1 
ATOM   63   C  C   . ARG A 1 8   ? -7.832  -6.325  -3.395  1.00 12.02  ? 8   ARG A C   1 
ATOM   64   O  O   . ARG A 1 8   ? -7.334  -7.418  -3.657  1.00 15.95  ? 8   ARG A O   1 
ATOM   65   C  CB  . ARG A 1 8   ? -9.517  -6.313  -1.621  1.00 15.95  ? 8   ARG A CB  1 
ATOM   66   C  CG  . ARG A 1 8   ? -9.907  -7.729  -1.994  1.00 18.01  ? 8   ARG A CG  1 
ATOM   67   C  CD  . ARG A 1 8   ? -9.846  -8.721  -0.840  1.00 28.60  ? 8   ARG A CD  1 
ATOM   68   N  NE  . ARG A 1 8   ? -10.240 -10.095 -1.195  1.00 45.12  ? 8   ARG A NE  1 
ATOM   69   C  CZ  . ARG A 1 8   ? -9.859  -10.727 -2.325  1.00 100.00 ? 8   ARG A CZ  1 
ATOM   70   N  NH1 . ARG A 1 8   ? -9.087  -10.134 -3.243  1.00 31.85  ? 8   ARG A NH1 1 
ATOM   71   N  NH2 . ARG A 1 8   ? -10.267 -11.985 -2.574  1.00 56.72  ? 8   ARG A NH2 1 
ATOM   72   N  N   . ILE A 1 9   ? -8.167  -5.454  -4.343  1.00 8.65   ? 9   ILE A N   1 
ATOM   73   C  CA  . ILE A 1 9   ? -7.878  -5.737  -5.740  1.00 15.14  ? 9   ILE A CA  1 
ATOM   74   C  C   . ILE A 1 9   ? -6.365  -5.793  -5.997  1.00 12.01  ? 9   ILE A C   1 
ATOM   75   O  O   . ILE A 1 9   ? -5.890  -6.705  -6.650  1.00 17.43  ? 9   ILE A O   1 
ATOM   76   C  CB  . ILE A 1 9   ? -8.543  -4.742  -6.707  1.00 6.79   ? 9   ILE A CB  1 
ATOM   77   C  CG1 . ILE A 1 9   ? -10.038 -5.089  -6.886  1.00 13.23  ? 9   ILE A CG1 1 
ATOM   78   C  CG2 . ILE A 1 9   ? -7.886  -4.746  -8.090  1.00 12.09  ? 9   ILE A CG2 1 
ATOM   79   C  CD1 . ILE A 1 9   ? -10.842 -3.882  -7.408  1.00 19.65  ? 9   ILE A CD1 1 
ATOM   80   N  N   . ASP A 1 10  ? -5.607  -4.803  -5.542  1.00 12.01  ? 10  ASP A N   1 
ATOM   81   C  CA  . ASP A 1 10  ? -4.160  -4.728  -5.781  1.00 14.94  ? 10  ASP A CA  1 
ATOM   82   C  C   . ASP A 1 10  ? -3.323  -5.791  -5.064  1.00 16.63  ? 10  ASP A C   1 
ATOM   83   O  O   . ASP A 1 10  ? -2.313  -6.297  -5.564  1.00 12.04  ? 10  ASP A O   1 
ATOM   84   C  CB  . ASP A 1 10  ? -3.618  -3.313  -5.462  1.00 6.54   ? 10  ASP A CB  1 
ATOM   85   C  CG  . ASP A 1 10  ? -3.999  -2.329  -6.546  1.00 14.51  ? 10  ASP A CG  1 
ATOM   86   O  OD1 . ASP A 1 10  ? -4.215  -2.637  -7.734  1.00 10.69  ? 10  ASP A OD1 1 
ATOM   87   O  OD2 . ASP A 1 10  ? -4.260  -1.158  -6.047  1.00 9.84   ? 10  ASP A OD2 1 
ATOM   88   N  N   . GLU A 1 11  ? -3.732  -6.158  -3.870  1.00 7.93   ? 11  GLU A N   1 
ATOM   89   C  CA  . GLU A 1 11  ? -2.909  -7.108  -3.098  1.00 8.36   ? 11  GLU A CA  1 
ATOM   90   C  C   . GLU A 1 11  ? -3.366  -8.559  -3.136  1.00 13.74  ? 11  GLU A C   1 
ATOM   91   O  O   . GLU A 1 11  ? -2.611  -9.459  -2.751  1.00 18.24  ? 11  GLU A O   1 
ATOM   92   C  CB  . GLU A 1 11  ? -3.009  -6.662  -1.629  1.00 8.93   ? 11  GLU A CB  1 
ATOM   93   C  CG  . GLU A 1 11  ? -2.373  -5.297  -1.459  1.00 8.08   ? 11  GLU A CG  1 
ATOM   94   C  CD  . GLU A 1 11  ? -0.878  -5.333  -1.612  1.00 16.62  ? 11  GLU A CD  1 
ATOM   95   O  OE1 . GLU A 1 11  ? -0.199  -6.321  -1.755  1.00 15.51  ? 11  GLU A OE1 1 
ATOM   96   O  OE2 . GLU A 1 11  ? -0.345  -4.170  -1.601  1.00 19.00  ? 11  GLU A OE2 1 
ATOM   97   N  N   . GLY A 1 12  ? -4.644  -8.779  -3.452  1.00 16.37  ? 12  GLY A N   1 
ATOM   98   C  CA  . GLY A 1 12  ? -5.266  -10.106 -3.424  1.00 19.33  ? 12  GLY A CA  1 
ATOM   99   C  C   . GLY A 1 12  ? -5.492  -10.594 -1.985  1.00 24.27  ? 12  GLY A C   1 
ATOM   100  O  O   . GLY A 1 12  ? -5.367  -9.834  -1.030  1.00 14.41  ? 12  GLY A O   1 
ATOM   101  N  N   . LEU A 1 13  ? -5.851  -11.871 -1.819  1.00 18.98  ? 13  LEU A N   1 
ATOM   102  C  CA  . LEU A 1 13  ? -6.033  -12.454 -0.483  1.00 20.92  ? 13  LEU A CA  1 
ATOM   103  C  C   . LEU A 1 13  ? -5.522  -13.900 -0.451  1.00 15.04  ? 13  LEU A C   1 
ATOM   104  O  O   . LEU A 1 13  ? -5.944  -14.747 -1.221  1.00 17.69  ? 13  LEU A O   1 
ATOM   105  C  CB  . LEU A 1 13  ? -7.511  -12.385 -0.073  1.00 26.50  ? 13  LEU A CB  1 
ATOM   106  C  CG  . LEU A 1 13  ? -7.832  -13.260 1.140   1.00 31.99  ? 13  LEU A CG  1 
ATOM   107  C  CD1 . LEU A 1 13  ? -7.096  -12.703 2.335   1.00 17.35  ? 13  LEU A CD1 1 
ATOM   108  C  CD2 . LEU A 1 13  ? -9.315  -13.204 1.422   1.00 27.35  ? 13  LEU A CD2 1 
ATOM   109  N  N   . ARG A 1 14  ? -4.566  -14.174 0.424   1.00 14.41  ? 14  ARG A N   1 
ATOM   110  C  CA  . ARG A 1 14  ? -3.993  -15.504 0.605   1.00 13.13  ? 14  ARG A CA  1 
ATOM   111  C  C   . ARG A 1 14  ? -3.964  -15.814 2.068   1.00 23.30  ? 14  ARG A C   1 
ATOM   112  O  O   . ARG A 1 14  ? -3.484  -14.989 2.848   1.00 13.59  ? 14  ARG A O   1 
ATOM   113  C  CB  . ARG A 1 14  ? -2.585  -15.560 0.105   1.00 10.70  ? 14  ARG A CB  1 
ATOM   114  C  CG  . ARG A 1 14  ? -2.461  -14.773 -1.169  1.00 39.32  ? 14  ARG A CG  1 
ATOM   115  C  CD  . ARG A 1 14  ? -2.032  -15.707 -2.286  1.00 26.87  ? 14  ARG A CD  1 
ATOM   116  N  NE  . ARG A 1 14  ? -1.381  -16.913 -1.781  1.00 100.00 ? 14  ARG A NE  1 
ATOM   117  C  CZ  . ARG A 1 14  ? -0.197  -17.364 -2.229  1.00 100.00 ? 14  ARG A CZ  1 
ATOM   118  N  NH1 . ARG A 1 14  ? 0.496   -16.725 -3.212  1.00 60.45  ? 14  ARG A NH1 1 
ATOM   119  N  NH2 . ARG A 1 14  ? 0.296   -18.494 -1.661  1.00 100.00 ? 14  ARG A NH2 1 
ATOM   120  N  N   . LEU A 1 15  ? -4.502  -16.974 2.429   1.00 20.38  ? 15  LEU A N   1 
ATOM   121  C  CA  . LEU A 1 15  ? -4.558  -17.433 3.824   1.00 15.15  ? 15  LEU A CA  1 
ATOM   122  C  C   . LEU A 1 15  ? -3.344  -18.238 4.345   1.00 15.86  ? 15  LEU A C   1 
ATOM   123  O  O   . LEU A 1 15  ? -3.315  -18.605 5.533   1.00 22.69  ? 15  LEU A O   1 
ATOM   124  C  CB  . LEU A 1 15  ? -5.826  -18.280 3.999   1.00 10.43  ? 15  LEU A CB  1 
ATOM   125  C  CG  . LEU A 1 15  ? -7.053  -17.437 3.635   1.00 18.16  ? 15  LEU A CG  1 
ATOM   126  C  CD1 . LEU A 1 15  ? -8.330  -18.235 3.868   1.00 20.86  ? 15  LEU A CD1 1 
ATOM   127  C  CD2 . LEU A 1 15  ? -7.146  -16.165 4.458   1.00 25.61  ? 15  LEU A CD2 1 
ATOM   128  N  N   . LYS A 1 16  ? -2.375  -18.532 3.458   1.00 15.26  ? 16  LYS A N   1 
ATOM   129  C  CA  . LYS A 1 16  ? -1.164  -19.279 3.834   1.00 18.14  ? 16  LYS A CA  1 
ATOM   130  C  C   . LYS A 1 16  ? 0.015   -18.366 3.579   1.00 18.40  ? 16  LYS A C   1 
ATOM   131  O  O   . LYS A 1 16  ? -0.077  -17.565 2.633   1.00 19.87  ? 16  LYS A O   1 
ATOM   132  C  CB  . LYS A 1 16  ? -0.936  -20.543 2.968   1.00 17.66  ? 16  LYS A CB  1 
ATOM   133  C  CG  . LYS A 1 16  ? 0.420   -20.455 2.249   1.00 100.00 ? 16  LYS A CG  1 
ATOM   134  C  CD  . LYS A 1 16  ? 1.431   -21.574 2.583   1.00 100.00 ? 16  LYS A CD  1 
ATOM   135  C  CE  . LYS A 1 16  ? 2.527   -21.243 3.615   1.00 100.00 ? 16  LYS A CE  1 
ATOM   136  N  NZ  . LYS A 1 16  ? 3.922   -21.344 3.131   1.00 100.00 ? 16  LYS A NZ  1 
ATOM   137  N  N   . ILE A 1 17  ? 1.105   -18.493 4.389   1.00 12.75  ? 17  ILE A N   1 
ATOM   138  C  CA  . ILE A 1 17  ? 2.270   -17.627 4.177   1.00 10.72  ? 17  ILE A CA  1 
ATOM   139  C  C   . ILE A 1 17  ? 2.703   -17.634 2.707   1.00 30.74  ? 17  ILE A C   1 
ATOM   140  O  O   . ILE A 1 17  ? 2.757   -18.703 2.095   1.00 18.00  ? 17  ILE A O   1 
ATOM   141  C  CB  . ILE A 1 17  ? 3.457   -17.959 5.096   1.00 12.19  ? 17  ILE A CB  1 
ATOM   142  C  CG1 . ILE A 1 17  ? 3.134   -17.636 6.544   1.00 16.87  ? 17  ILE A CG1 1 
ATOM   143  C  CG2 . ILE A 1 17  ? 4.766   -17.344 4.591   1.00 13.65  ? 17  ILE A CG2 1 
ATOM   144  C  CD1 . ILE A 1 17  ? 4.304   -17.969 7.487   1.00 16.92  ? 17  ILE A CD1 1 
ATOM   145  N  N   . TYR A 1 18  ? 3.024   -16.442 2.148   1.00 10.42  ? 18  TYR A N   1 
ATOM   146  C  CA  . TYR A 1 18  ? 3.497   -16.445 0.792   1.00 12.02  ? 18  TYR A CA  1 
ATOM   147  C  C   . TYR A 1 18  ? 4.608   -15.426 0.664   1.00 11.77  ? 18  TYR A C   1 
ATOM   148  O  O   . TYR A 1 18  ? 4.855   -14.656 1.648   1.00 17.68  ? 18  TYR A O   1 
ATOM   149  C  CB  . TYR A 1 18  ? 2.321   -16.260 -0.201  1.00 16.76  ? 18  TYR A CB  1 
ATOM   150  C  CG  . TYR A 1 18  ? 1.682   -14.873 -0.125  1.00 24.25  ? 18  TYR A CG  1 
ATOM   151  C  CD1 . TYR A 1 18  ? 2.096   -13.880 -1.017  1.00 20.28  ? 18  TYR A CD1 1 
ATOM   152  C  CD2 . TYR A 1 18  ? 0.665   -14.572 0.787   1.00 18.25  ? 18  TYR A CD2 1 
ATOM   153  C  CE1 . TYR A 1 18  ? 1.521   -12.607 -1.013  1.00 15.15  ? 18  TYR A CE1 1 
ATOM   154  C  CE2 . TYR A 1 18  ? 0.066   -13.314 0.793   1.00 15.13  ? 18  TYR A CE2 1 
ATOM   155  C  CZ  . TYR A 1 18  ? 0.521   -12.320 -0.087  1.00 17.86  ? 18  TYR A CZ  1 
ATOM   156  O  OH  . TYR A 1 18  ? -0.106  -11.093 -0.105  1.00 28.85  ? 18  TYR A OH  1 
ATOM   157  N  N   . LYS A 1 19  ? 5.257   -15.471 -0.533  1.00 12.66  ? 19  LYS A N   1 
ATOM   158  C  CA  . LYS A 1 19  ? 6.299   -14.525 -0.869  1.00 13.10  ? 19  LYS A CA  1 
ATOM   159  C  C   . LYS A 1 19  ? 5.748   -13.401 -1.781  1.00 32.04  ? 19  LYS A C   1 
ATOM   160  O  O   . LYS A 1 19  ? 5.108   -13.605 -2.832  1.00 21.50  ? 19  LYS A O   1 
ATOM   161  C  CB  . LYS A 1 19  ? 7.596   -15.054 -1.424  1.00 16.11  ? 19  LYS A CB  1 
ATOM   162  C  CG  . LYS A 1 19  ? 8.434   -15.847 -0.447  1.00 15.56  ? 19  LYS A CG  1 
ATOM   163  C  CD  . LYS A 1 19  ? 9.941   -15.789 -0.700  1.00 35.57  ? 19  LYS A CD  1 
ATOM   164  C  CE  . LYS A 1 19  ? 10.654  -17.140 -0.711  1.00 29.34  ? 19  LYS A CE  1 
ATOM   165  N  NZ  . LYS A 1 19  ? 12.130  -17.026 -0.630  1.00 46.36  ? 19  LYS A NZ  1 
ATOM   166  N  N   . ASP A 1 20  ? 6.010   -12.148 -1.398  1.00 14.76  ? 20  ASP A N   1 
ATOM   167  C  CA  . ASP A 1 20  ? 5.520   -11.059 -2.179  1.00 8.37   ? 20  ASP A CA  1 
ATOM   168  C  C   . ASP A 1 20  ? 6.350   -10.893 -3.438  1.00 12.60  ? 20  ASP A C   1 
ATOM   169  O  O   . ASP A 1 20  ? 7.245   -11.702 -3.724  1.00 16.33  ? 20  ASP A O   1 
ATOM   170  C  CB  . ASP A 1 20  ? 5.260   -9.797  -1.363  1.00 9.36   ? 20  ASP A CB  1 
ATOM   171  C  CG  . ASP A 1 20  ? 6.561   -9.133  -0.988  1.00 22.48  ? 20  ASP A CG  1 
ATOM   172  O  OD1 . ASP A 1 20  ? 7.615   -9.546  -1.368  1.00 16.91  ? 20  ASP A OD1 1 
ATOM   173  O  OD2 . ASP A 1 20  ? 6.478   -8.089  -0.217  1.00 23.36  ? 20  ASP A OD2 1 
ATOM   174  N  N   . THR A 1 21  ? 6.081   -9.809  -4.161  1.00 13.96  ? 21  THR A N   1 
ATOM   175  C  CA  . THR A 1 21  ? 6.800   -9.536  -5.410  1.00 14.92  ? 21  THR A CA  1 
ATOM   176  C  C   . THR A 1 21  ? 8.279   -9.311  -5.200  1.00 30.38  ? 21  THR A C   1 
ATOM   177  O  O   . THR A 1 21  ? 9.048   -9.508  -6.149  1.00 21.22  ? 21  THR A O   1 
ATOM   178  C  CB  . THR A 1 21  ? 6.136   -8.448  -6.261  1.00 43.17  ? 21  THR A CB  1 
ATOM   179  O  OG1 . THR A 1 21  ? 6.165   -7.259  -5.483  1.00 29.18  ? 21  THR A OG1 1 
ATOM   180  C  CG2 . THR A 1 21  ? 4.667   -8.842  -6.407  1.00 57.38  ? 21  THR A CG2 1 
ATOM   181  N  N   . GLU A 1 22  ? 8.675   -8.906  -3.966  1.00 15.89  ? 22  GLU A N   1 
ATOM   182  C  CA  . GLU A 1 22  ? 10.123  -8.726  -3.616  1.00 9.18   ? 22  GLU A CA  1 
ATOM   183  C  C   . GLU A 1 22  ? 10.769  -9.946  -2.972  1.00 10.28  ? 22  GLU A C   1 
ATOM   184  O  O   . GLU A 1 22  ? 11.946  -9.853  -2.626  1.00 18.38  ? 22  GLU A O   1 
ATOM   185  C  CB  . GLU A 1 22  ? 10.476  -7.522  -2.715  1.00 14.43  ? 22  GLU A CB  1 
ATOM   186  C  CG  . GLU A 1 22  ? 9.721   -6.259  -3.177  1.00 24.54  ? 22  GLU A CG  1 
ATOM   187  C  CD  . GLU A 1 22  ? 10.489  -5.404  -4.142  1.00 58.29  ? 22  GLU A CD  1 
ATOM   188  O  OE1 . GLU A 1 22  ? 11.679  -5.591  -4.390  1.00 39.34  ? 22  GLU A OE1 1 
ATOM   189  O  OE2 . GLU A 1 22  ? 9.749   -4.410  -4.597  1.00 100.00 ? 22  GLU A OE2 1 
ATOM   190  N  N   . GLY A 1 23  ? 9.959   -11.035 -2.825  1.00 11.11  ? 23  GLY A N   1 
ATOM   191  C  CA  . GLY A 1 23  ? 10.330  -12.314 -2.243  1.00 7.04   ? 23  GLY A CA  1 
ATOM   192  C  C   . GLY A 1 23  ? 10.208  -12.337 -0.710  1.00 22.57  ? 23  GLY A C   1 
ATOM   193  O  O   . GLY A 1 23  ? 10.774  -13.200 -0.096  1.00 17.30  ? 23  GLY A O   1 
ATOM   194  N  N   . TYR A 1 24  ? 9.434   -11.450 -0.090  1.00 13.74  ? 24  TYR A N   1 
ATOM   195  C  CA  . TYR A 1 24  ? 9.280   -11.442 1.355   1.00 12.66  ? 24  TYR A CA  1 
ATOM   196  C  C   . TYR A 1 24  ? 8.059   -12.111 1.844   1.00 15.80  ? 24  TYR A C   1 
ATOM   197  O  O   . TYR A 1 24  ? 6.987   -12.021 1.254   1.00 13.41  ? 24  TYR A O   1 
ATOM   198  C  CB  . TYR A 1 24  ? 9.105   -10.041 1.838   1.00 19.27  ? 24  TYR A CB  1 
ATOM   199  C  CG  . TYR A 1 24  ? 10.293  -9.180  1.510   1.00 20.24  ? 24  TYR A CG  1 
ATOM   200  C  CD1 . TYR A 1 24  ? 10.102  -7.853  1.134   1.00 15.50  ? 24  TYR A CD1 1 
ATOM   201  C  CD2 . TYR A 1 24  ? 11.594  -9.647  1.648   1.00 22.58  ? 24  TYR A CD2 1 
ATOM   202  C  CE1 . TYR A 1 24  ? 11.155  -7.002  0.791   1.00 27.13  ? 24  TYR A CE1 1 
ATOM   203  C  CE2 . TYR A 1 24  ? 12.663  -8.801  1.346   1.00 36.25  ? 24  TYR A CE2 1 
ATOM   204  C  CZ  . TYR A 1 24  ? 12.459  -7.483  0.920   1.00 38.56  ? 24  TYR A CZ  1 
ATOM   205  O  OH  . TYR A 1 24  ? 13.546  -6.666  0.669   1.00 41.05  ? 24  TYR A OH  1 
ATOM   206  N  N   . TYR A 1 25  ? 8.222   -12.744 2.985   1.00 12.44  ? 25  TYR A N   1 
ATOM   207  C  CA  . TYR A 1 25  ? 7.111   -13.413 3.599   1.00 13.01  ? 25  TYR A CA  1 
ATOM   208  C  C   . TYR A 1 25  ? 5.973   -12.479 4.003   1.00 12.21  ? 25  TYR A C   1 
ATOM   209  O  O   . TYR A 1 25  ? 6.119   -11.503 4.771   1.00 17.45  ? 25  TYR A O   1 
ATOM   210  C  CB  . TYR A 1 25  ? 7.602   -14.166 4.840   1.00 6.81   ? 25  TYR A CB  1 
ATOM   211  C  CG  . TYR A 1 25  ? 8.418   -15.312 4.416   1.00 15.98  ? 25  TYR A CG  1 
ATOM   212  C  CD1 . TYR A 1 25  ? 9.666   -15.525 4.992   1.00 17.19  ? 25  TYR A CD1 1 
ATOM   213  C  CD2 . TYR A 1 25  ? 7.947   -16.143 3.403   1.00 20.40  ? 25  TYR A CD2 1 
ATOM   214  C  CE1 . TYR A 1 25  ? 10.450  -16.592 4.565   1.00 15.50  ? 25  TYR A CE1 1 
ATOM   215  C  CE2 . TYR A 1 25  ? 8.698   -17.259 3.032   1.00 36.94  ? 25  TYR A CE2 1 
ATOM   216  C  CZ  . TYR A 1 25  ? 9.947   -17.488 3.618   1.00 27.46  ? 25  TYR A CZ  1 
ATOM   217  O  OH  . TYR A 1 25  ? 10.741  -18.552 3.233   1.00 32.64  ? 25  TYR A OH  1 
ATOM   218  N  N   . THR A 1 26  ? 4.820   -12.868 3.514   1.00 9.44   ? 26  THR A N   1 
ATOM   219  C  CA  . THR A 1 26  ? 3.614   -12.103 3.668   1.00 16.19  ? 26  THR A CA  1 
ATOM   220  C  C   . THR A 1 26  ? 2.433   -13.028 3.847   1.00 12.56  ? 26  THR A C   1 
ATOM   221  O  O   . THR A 1 26  ? 2.531   -14.215 3.512   1.00 17.26  ? 26  THR A O   1 
ATOM   222  C  CB  . THR A 1 26  ? 3.462   -11.392 2.259   1.00 28.16  ? 26  THR A CB  1 
ATOM   223  O  OG1 . THR A 1 26  ? 4.591   -10.612 2.013   1.00 14.73  ? 26  THR A OG1 1 
ATOM   224  C  CG2 . THR A 1 26  ? 2.266   -10.481 2.004   1.00 7.03   ? 26  THR A CG2 1 
ATOM   225  N  N   . ILE A 1 27  ? 1.293   -12.455 4.267   1.00 13.41  ? 27  ILE A N   1 
ATOM   226  C  CA  . ILE A 1 27  ? 0.060   -13.222 4.404   1.00 18.98  ? 27  ILE A CA  1 
ATOM   227  C  C   . ILE A 1 27  ? -1.161  -12.318 4.267   1.00 7.45   ? 27  ILE A C   1 
ATOM   228  O  O   . ILE A 1 27  ? -1.074  -11.111 4.362   1.00 12.84  ? 27  ILE A O   1 
ATOM   229  C  CB  . ILE A 1 27  ? 0.004   -13.987 5.750   1.00 17.70  ? 27  ILE A CB  1 
ATOM   230  C  CG1 . ILE A 1 27  ? -1.141  -15.007 5.726   1.00 18.29  ? 27  ILE A CG1 1 
ATOM   231  C  CG2 . ILE A 1 27  ? -0.221  -12.952 6.851   1.00 16.81  ? 27  ILE A CG2 1 
ATOM   232  C  CD1 . ILE A 1 27  ? -0.944  -16.278 6.511   1.00 17.92  ? 27  ILE A CD1 1 
ATOM   233  N  N   . GLY A 1 28  ? -2.303  -12.950 4.084   1.00 10.24  ? 28  GLY A N   1 
ATOM   234  C  CA  . GLY A 1 28  ? -3.535  -12.217 4.059   1.00 9.66   ? 28  GLY A CA  1 
ATOM   235  C  C   . GLY A 1 28  ? -3.645  -11.292 2.890   1.00 14.99  ? 28  GLY A C   1 
ATOM   236  O  O   . GLY A 1 28  ? -3.398  -11.679 1.725   1.00 7.62   ? 28  GLY A O   1 
ATOM   237  N  N   . ILE A 1 29  ? -4.051  -10.073 3.224   1.00 9.84   ? 29  ILE A N   1 
ATOM   238  C  CA  . ILE A 1 29  ? -4.171  -9.018  2.212   1.00 7.67   ? 29  ILE A CA  1 
ATOM   239  C  C   . ILE A 1 29  ? -2.943  -8.092  2.232   1.00 14.93  ? 29  ILE A C   1 
ATOM   240  O  O   . ILE A 1 29  ? -2.981  -6.952  2.731   1.00 16.02  ? 29  ILE A O   1 
ATOM   241  C  CB  . ILE A 1 29  ? -5.450  -8.187  2.290   1.00 12.95  ? 29  ILE A CB  1 
ATOM   242  C  CG1 . ILE A 1 29  ? -6.657  -9.084  2.032   1.00 13.84  ? 29  ILE A CG1 1 
ATOM   243  C  CG2 . ILE A 1 29  ? -5.357  -7.175  1.152   1.00 10.55  ? 29  ILE A CG2 1 
ATOM   244  C  CD1 . ILE A 1 29  ? -7.736  -8.952  3.081   1.00 27.67  ? 29  ILE A CD1 1 
ATOM   245  N  N   . GLY A 1 30  ? -1.843  -8.624  1.699   1.00 8.68   ? 30  GLY A N   1 
ATOM   246  C  CA  . GLY A 1 30  ? -0.600  -7.893  1.614   1.00 6.23   ? 30  GLY A CA  1 
ATOM   247  C  C   . GLY A 1 30  ? 0.028   -7.572  2.968   1.00 9.16   ? 30  GLY A C   1 
ATOM   248  O  O   . GLY A 1 30  ? 0.735   -6.596  3.150   1.00 14.46  ? 30  GLY A O   1 
ATOM   249  N  N   . HIS A 1 31  ? -0.164  -8.388  3.958   1.00 4.70   ? 31  HIS A N   1 
ATOM   250  C  CA  . HIS A 1 31  ? 0.413   -8.014  5.235   1.00 4.52   ? 31  HIS A CA  1 
ATOM   251  C  C   . HIS A 1 31  ? 1.851   -8.529  5.385   1.00 7.85   ? 31  HIS A C   1 
ATOM   252  O  O   . HIS A 1 31  ? 2.081   -9.736  5.544   1.00 13.84  ? 31  HIS A O   1 
ATOM   253  C  CB  . HIS A 1 31  ? -0.506  -8.641  6.357   1.00 7.19   ? 31  HIS A CB  1 
ATOM   254  C  CG  . HIS A 1 31  ? 0.101   -8.357  7.727   1.00 7.68   ? 31  HIS A CG  1 
ATOM   255  N  ND1 . HIS A 1 31  ? -0.118  -7.143  8.414   1.00 12.20  ? 31  HIS A ND1 1 
ATOM   256  C  CD2 . HIS A 1 31  ? 0.938   -9.061  8.499   1.00 12.25  ? 31  HIS A CD2 1 
ATOM   257  C  CE1 . HIS A 1 31  ? 0.606   -7.104  9.534   1.00 8.89   ? 31  HIS A CE1 1 
ATOM   258  N  NE2 . HIS A 1 31  ? 1.209   -8.270  9.629   1.00 13.49  ? 31  HIS A NE2 1 
ATOM   259  N  N   . LEU A 1 32  ? 2.834   -7.639  5.320   1.00 9.59   ? 32  LEU A N   1 
ATOM   260  C  CA  . LEU A 1 32  ? 4.203   -8.103  5.404   1.00 13.37  ? 32  LEU A CA  1 
ATOM   261  C  C   . LEU A 1 32  ? 4.536   -8.705  6.733   1.00 15.20  ? 32  LEU A C   1 
ATOM   262  O  O   . LEU A 1 32  ? 4.246   -8.150  7.796   1.00 12.11  ? 32  LEU A O   1 
ATOM   263  C  CB  . LEU A 1 32  ? 5.196   -6.972  5.082   1.00 14.76  ? 32  LEU A CB  1 
ATOM   264  C  CG  . LEU A 1 32  ? 6.659   -7.382  5.281   1.00 28.46  ? 32  LEU A CG  1 
ATOM   265  C  CD1 . LEU A 1 32  ? 7.096   -8.434  4.242   1.00 26.01  ? 32  LEU A CD1 1 
ATOM   266  C  CD2 . LEU A 1 32  ? 7.553   -6.138  5.259   1.00 25.74  ? 32  LEU A CD2 1 
ATOM   267  N  N   . LEU A 1 33  ? 5.197   -9.838  6.683   1.00 7.17   ? 33  LEU A N   1 
ATOM   268  C  CA  . LEU A 1 33  ? 5.498   -10.401 7.985   1.00 12.12  ? 33  LEU A CA  1 
ATOM   269  C  C   . LEU A 1 33  ? 6.921   -10.112 8.418   1.00 18.77  ? 33  LEU A C   1 
ATOM   270  O  O   . LEU A 1 33  ? 7.186   -9.800  9.588   1.00 20.24  ? 33  LEU A O   1 
ATOM   271  C  CB  . LEU A 1 33  ? 5.337   -11.923 7.887   1.00 16.95  ? 33  LEU A CB  1 
ATOM   272  C  CG  . LEU A 1 33  ? 3.883   -12.332 7.899   1.00 21.49  ? 33  LEU A CG  1 
ATOM   273  C  CD1 . LEU A 1 33  ? 3.825   -13.828 7.652   1.00 12.43  ? 33  LEU A CD1 1 
ATOM   274  C  CD2 . LEU A 1 33  ? 3.363   -12.029 9.296   1.00 15.30  ? 33  LEU A CD2 1 
ATOM   275  N  N   . THR A 1 34  ? 7.840   -10.297 7.472   1.00 20.21  ? 34  THR A N   1 
ATOM   276  C  CA  . THR A 1 34  ? 9.257   -10.095 7.744   1.00 19.04  ? 34  THR A CA  1 
ATOM   277  C  C   . THR A 1 34  ? 10.019  -10.062 6.455   1.00 35.13  ? 34  THR A C   1 
ATOM   278  O  O   . THR A 1 34  ? 9.604   -10.716 5.481   1.00 23.86  ? 34  THR A O   1 
ATOM   279  C  CB  . THR A 1 34  ? 9.933   -11.246 8.573   1.00 46.35  ? 34  THR A CB  1 
ATOM   280  O  OG1 . THR A 1 34  ? 11.303  -10.913 8.765   1.00 32.82  ? 34  THR A OG1 1 
ATOM   281  C  CG2 . THR A 1 34  ? 9.845   -12.661 7.951   1.00 16.25  ? 34  THR A CG2 1 
ATOM   282  N  N   . LYS A 1 35  ? 11.160  -9.367  6.557   1.00 16.23  ? 35  LYS A N   1 
ATOM   283  C  CA  . LYS A 1 35  ? 12.067  -9.251  5.437   1.00 26.93  ? 35  LYS A CA  1 
ATOM   284  C  C   . LYS A 1 35  ? 13.058  -10.394 5.462   1.00 31.32  ? 35  LYS A C   1 
ATOM   285  O  O   . LYS A 1 35  ? 13.683  -10.779 4.505   1.00 29.88  ? 35  LYS A O   1 
ATOM   286  C  CB  . LYS A 1 35  ? 12.783  -7.928  5.368   1.00 28.89  ? 35  LYS A CB  1 
ATOM   287  C  CG  . LYS A 1 35  ? 11.899  -6.755  4.882   1.00 42.45  ? 35  LYS A CG  1 
ATOM   288  C  CD  . LYS A 1 35  ? 12.635  -5.559  4.248   1.00 34.99  ? 35  LYS A CD  1 
ATOM   289  C  CE  . LYS A 1 35  ? 12.161  -4.145  4.633   1.00 100.00 ? 35  LYS A CE  1 
ATOM   290  N  NZ  . LYS A 1 35  ? 13.201  -3.067  4.548   1.00 96.99  ? 35  LYS A NZ  1 
ATOM   291  N  N   . SER A 1 36  ? 13.183  -10.993 6.592   1.00 30.21  ? 36  SER A N   1 
ATOM   292  C  CA  . SER A 1 36  ? 14.079  -12.101 6.651   1.00 26.53  ? 36  SER A CA  1 
ATOM   293  C  C   . SER A 1 36  ? 13.585  -13.271 5.816   1.00 28.78  ? 36  SER A C   1 
ATOM   294  O  O   . SER A 1 36  ? 12.400  -13.507 5.606   1.00 25.84  ? 36  SER A O   1 
ATOM   295  C  CB  . SER A 1 36  ? 14.441  -12.471 8.094   1.00 26.03  ? 36  SER A CB  1 
ATOM   296  O  OG  . SER A 1 36  ? 14.411  -13.871 8.346   1.00 41.82  ? 36  SER A OG  1 
ATOM   297  N  N   . PRO A 1 37  ? 14.557  -14.058 5.386   1.00 39.51  ? 37  PRO A N   1 
ATOM   298  C  CA  . PRO A 1 37  ? 14.384  -15.252 4.584   1.00 36.51  ? 37  PRO A CA  1 
ATOM   299  C  C   . PRO A 1 37  ? 14.163  -16.538 5.362   1.00 42.89  ? 37  PRO A C   1 
ATOM   300  O  O   . PRO A 1 37  ? 14.045  -17.583 4.728   1.00 46.80  ? 37  PRO A O   1 
ATOM   301  C  CB  . PRO A 1 37  ? 15.679  -15.389 3.846   1.00 35.21  ? 37  PRO A CB  1 
ATOM   302  C  CG  . PRO A 1 37  ? 16.693  -14.755 4.770   1.00 30.31  ? 37  PRO A CG  1 
ATOM   303  C  CD  . PRO A 1 37  ? 15.958  -13.605 5.416   1.00 33.17  ? 37  PRO A CD  1 
ATOM   304  N  N   . SER A 1 38  ? 14.116  -16.479 6.711   1.00 46.13  ? 38  SER A N   1 
ATOM   305  C  CA  . SER A 1 38  ? 13.849  -17.668 7.521   1.00 43.30  ? 38  SER A CA  1 
ATOM   306  C  C   . SER A 1 38  ? 12.325  -17.839 7.665   1.00 29.97  ? 38  SER A C   1 
ATOM   307  O  O   . SER A 1 38  ? 11.647  -16.993 8.264   1.00 24.82  ? 38  SER A O   1 
ATOM   308  C  CB  . SER A 1 38  ? 14.613  -17.768 8.866   1.00 35.54  ? 38  SER A CB  1 
ATOM   309  O  OG  . SER A 1 38  ? 14.205  -18.956 9.607   1.00 38.26  ? 38  SER A OG  1 
ATOM   310  N  N   . LEU A 1 39  ? 11.788  -18.933 7.113   1.00 21.12  ? 39  LEU A N   1 
ATOM   311  C  CA  . LEU A 1 39  ? 10.368  -19.154 7.201   1.00 24.79  ? 39  LEU A CA  1 
ATOM   312  C  C   . LEU A 1 39  ? 9.887   -19.174 8.643   1.00 22.23  ? 39  LEU A C   1 
ATOM   313  O  O   . LEU A 1 39  ? 8.730   -18.908 9.051   1.00 21.83  ? 39  LEU A O   1 
ATOM   314  C  CB  . LEU A 1 39  ? 9.956   -20.410 6.382   1.00 15.52  ? 39  LEU A CB  1 
ATOM   315  C  CG  . LEU A 1 39  ? 8.477   -20.754 6.531   1.00 33.07  ? 39  LEU A CG  1 
ATOM   316  C  CD1 . LEU A 1 39  ? 7.587   -19.680 5.908   1.00 33.14  ? 39  LEU A CD1 1 
ATOM   317  C  CD2 . LEU A 1 39  ? 8.155   -22.065 5.850   1.00 32.21  ? 39  LEU A CD2 1 
ATOM   318  N  N   . ASN A 1 40  ? 10.809  -19.611 9.443   1.00 25.59  ? 40  ASN A N   1 
ATOM   319  C  CA  . ASN A 1 40  ? 10.449  -19.743 10.832  1.00 24.72  ? 40  ASN A CA  1 
ATOM   320  C  C   . ASN A 1 40  ? 10.269  -18.395 11.503  1.00 22.26  ? 40  ASN A C   1 
ATOM   321  O  O   . ASN A 1 40  ? 9.373   -18.201 12.289  1.00 22.51  ? 40  ASN A O   1 
ATOM   322  C  CB  . ASN A 1 40  ? 11.342  -20.776 11.532  1.00 40.06  ? 40  ASN A CB  1 
ATOM   323  C  CG  . ASN A 1 40  ? 10.992  -22.142 10.960  1.00 70.44  ? 40  ASN A CG  1 
ATOM   324  O  OD1 . ASN A 1 40  ? 9.925   -22.705 11.246  1.00 74.49  ? 40  ASN A OD1 1 
ATOM   325  N  ND2 . ASN A 1 40  ? 11.796  -22.614 10.013  1.00 100.00 ? 40  ASN A ND2 1 
ATOM   326  N  N   . ALA A 1 41  ? 11.103  -17.443 11.157  1.00 21.27  ? 41  ALA A N   1 
ATOM   327  C  CA  . ALA A 1 41  ? 10.963  -16.105 11.671  1.00 26.61  ? 41  ALA A CA  1 
ATOM   328  C  C   . ALA A 1 41  ? 9.590   -15.586 11.253  1.00 25.46  ? 41  ALA A C   1 
ATOM   329  O  O   . ALA A 1 41  ? 8.932   -14.807 11.949  1.00 25.48  ? 41  ALA A O   1 
ATOM   330  C  CB  . ALA A 1 41  ? 11.968  -15.208 10.952  1.00 17.28  ? 41  ALA A CB  1 
ATOM   331  N  N   . ALA A 1 42  ? 9.219   -15.973 10.046  1.00 19.16  ? 42  ALA A N   1 
ATOM   332  C  CA  . ALA A 1 42  ? 7.966   -15.537 9.488   1.00 15.92  ? 42  ALA A CA  1 
ATOM   333  C  C   . ALA A 1 42  ? 6.778   -16.146 10.267  1.00 10.76  ? 42  ALA A C   1 
ATOM   334  O  O   . ALA A 1 42  ? 5.752   -15.528 10.590  1.00 16.10  ? 42  ALA A O   1 
ATOM   335  C  CB  . ALA A 1 42  ? 7.957   -15.893 7.998   1.00 15.75  ? 42  ALA A CB  1 
ATOM   336  N  N   . LYS A 1 43  ? 6.910   -17.389 10.620  1.00 16.73  ? 43  LYS A N   1 
ATOM   337  C  CA  . LYS A 1 43  ? 5.830   -18.031 11.344  1.00 10.62  ? 43  LYS A CA  1 
ATOM   338  C  C   . LYS A 1 43  ? 5.732   -17.480 12.726  1.00 15.65  ? 43  LYS A C   1 
ATOM   339  O  O   . LYS A 1 43  ? 4.652   -17.377 13.261  1.00 17.50  ? 43  LYS A O   1 
ATOM   340  C  CB  . LYS A 1 43  ? 6.217   -19.473 11.519  1.00 10.45  ? 43  LYS A CB  1 
ATOM   341  C  CG  . LYS A 1 43  ? 5.556   -20.284 10.431  1.00 21.96  ? 43  LYS A CG  1 
ATOM   342  C  CD  . LYS A 1 43  ? 6.472   -21.366 9.880   1.00 28.02  ? 43  LYS A CD  1 
ATOM   343  C  CE  . LYS A 1 43  ? 5.720   -22.577 9.335   1.00 40.66  ? 43  LYS A CE  1 
ATOM   344  N  NZ  . LYS A 1 43  ? 5.397   -23.562 10.392  1.00 100.00 ? 43  LYS A NZ  1 
ATOM   345  N  N   . SER A 1 44  ? 6.889   -17.163 13.299  1.00 11.19  ? 44  SER A N   1 
ATOM   346  C  CA  . SER A 1 44  ? 6.918   -16.574 14.641  1.00 16.47  ? 44  SER A CA  1 
ATOM   347  C  C   . SER A 1 44  ? 6.210   -15.218 14.635  1.00 16.02  ? 44  SER A C   1 
ATOM   348  O  O   . SER A 1 44  ? 5.398   -14.853 15.484  1.00 15.47  ? 44  SER A O   1 
ATOM   349  C  CB  . SER A 1 44  ? 8.347   -16.465 15.183  1.00 21.98  ? 44  SER A CB  1 
ATOM   350  O  OG  . SER A 1 44  ? 8.460   -15.308 15.992  1.00 61.43  ? 44  SER A OG  1 
ATOM   351  N  N   . GLU A 1 45  ? 6.516   -14.463 13.594  1.00 13.53  ? 45  GLU A N   1 
ATOM   352  C  CA  . GLU A 1 45  ? 5.876   -13.167 13.390  1.00 14.82  ? 45  GLU A CA  1 
ATOM   353  C  C   . GLU A 1 45  ? 4.381   -13.289 13.176  1.00 11.34  ? 45  GLU A C   1 
ATOM   354  O  O   . GLU A 1 45  ? 3.621   -12.518 13.777  1.00 13.32  ? 45  GLU A O   1 
ATOM   355  C  CB  . GLU A 1 45  ? 6.512   -12.396 12.239  1.00 8.55   ? 45  GLU A CB  1 
ATOM   356  C  CG  . GLU A 1 45  ? 7.914   -11.874 12.583  1.00 15.26  ? 45  GLU A CG  1 
ATOM   357  C  CD  . GLU A 1 45  ? 7.909   -10.822 13.709  1.00 16.87  ? 45  GLU A CD  1 
ATOM   358  O  OE1 . GLU A 1 45  ? 7.119   -9.873  13.780  1.00 22.43  ? 45  GLU A OE1 1 
ATOM   359  O  OE2 . GLU A 1 45  ? 8.935   -10.903 14.515  1.00 22.21  ? 45  GLU A OE2 1 
ATOM   360  N  N   . LEU A 1 46  ? 3.958   -14.272 12.376  1.00 11.89  ? 46  LEU A N   1 
ATOM   361  C  CA  . LEU A 1 46  ? 2.527   -14.492 12.206  1.00 12.21  ? 46  LEU A CA  1 
ATOM   362  C  C   . LEU A 1 46  ? 1.818   -14.821 13.558  1.00 14.92  ? 46  LEU A C   1 
ATOM   363  O  O   . LEU A 1 46  ? 0.767   -14.294 13.925  1.00 13.55  ? 46  LEU A O   1 
ATOM   364  C  CB  . LEU A 1 46  ? 2.284   -15.673 11.235  1.00 6.90   ? 46  LEU A CB  1 
ATOM   365  C  CG  . LEU A 1 46  ? 0.785   -15.949 11.053  1.00 17.42  ? 46  LEU A CG  1 
ATOM   366  C  CD1 . LEU A 1 46  ? 0.102   -14.712 10.461  1.00 9.94   ? 46  LEU A CD1 1 
ATOM   367  C  CD2 . LEU A 1 46  ? 0.616   -17.082 10.047  1.00 26.84  ? 46  LEU A CD2 1 
ATOM   368  N  N   . ASP A 1 47  ? 2.381   -15.756 14.332  1.00 12.71  ? 47  ASP A N   1 
ATOM   369  C  CA  . ASP A 1 47  ? 1.784   -16.110 15.582  1.00 20.24  ? 47  ASP A CA  1 
ATOM   370  C  C   . ASP A 1 47  ? 1.645   -14.947 16.526  1.00 16.00  ? 47  ASP A C   1 
ATOM   371  O  O   . ASP A 1 47  ? 0.622   -14.842 17.201  1.00 18.22  ? 47  ASP A O   1 
ATOM   372  C  CB  . ASP A 1 47  ? 2.553   -17.267 16.216  1.00 20.66  ? 47  ASP A CB  1 
ATOM   373  C  CG  . ASP A 1 47  ? 2.311   -18.538 15.415  1.00 27.37  ? 47  ASP A CG  1 
ATOM   374  O  OD1 . ASP A 1 47  ? 1.472   -18.726 14.541  1.00 22.39  ? 47  ASP A OD1 1 
ATOM   375  O  OD2 . ASP A 1 47  ? 3.088   -19.459 15.807  1.00 24.33  ? 47  ASP A OD2 1 
ATOM   376  N  N   . LYS A 1 48  ? 2.683   -14.113 16.560  1.00 14.28  ? 48  LYS A N   1 
ATOM   377  C  CA  . LYS A 1 48  ? 2.682   -12.925 17.406  1.00 9.55   ? 48  LYS A CA  1 
ATOM   378  C  C   . LYS A 1 48  ? 1.609   -11.893 16.938  1.00 11.17  ? 48  LYS A C   1 
ATOM   379  O  O   . LYS A 1 48  ? 0.887   -11.296 17.708  1.00 16.13  ? 48  LYS A O   1 
ATOM   380  C  CB  . LYS A 1 48  ? 4.086   -12.324 17.402  1.00 8.42   ? 48  LYS A CB  1 
ATOM   381  C  CG  . LYS A 1 48  ? 4.149   -10.845 17.711  1.00 15.86  ? 48  LYS A CG  1 
ATOM   382  C  CD  . LYS A 1 48  ? 5.531   -10.363 18.122  1.00 17.51  ? 48  LYS A CD  1 
ATOM   383  C  CE  . LYS A 1 48  ? 6.492   -10.159 16.968  1.00 13.47  ? 48  LYS A CE  1 
ATOM   384  N  NZ  . LYS A 1 48  ? 6.300   -8.865  16.295  1.00 9.31   ? 48  LYS A NZ  1 
ATOM   385  N  N   . ALA A 1 49  ? 1.483   -11.685 15.650  1.00 7.61   ? 49  ALA A N   1 
ATOM   386  C  CA  . ALA A 1 49  ? 0.468   -10.754 15.104  1.00 16.19  ? 49  ALA A CA  1 
ATOM   387  C  C   . ALA A 1 49  ? -0.947  -11.256 15.363  1.00 16.51  ? 49  ALA A C   1 
ATOM   388  O  O   . ALA A 1 49  ? -1.835  -10.490 15.706  1.00 9.39   ? 49  ALA A O   1 
ATOM   389  C  CB  . ALA A 1 49  ? 0.615   -10.689 13.594  1.00 15.08  ? 49  ALA A CB  1 
ATOM   390  N  N   . ILE A 1 50  ? -1.167  -12.554 15.223  1.00 16.24  ? 50  ILE A N   1 
ATOM   391  C  CA  . ILE A 1 50  ? -2.494  -13.161 15.397  1.00 15.71  ? 50  ILE A CA  1 
ATOM   392  C  C   . ILE A 1 50  ? -2.835  -13.488 16.810  1.00 18.02  ? 50  ILE A C   1 
ATOM   393  O  O   . ILE A 1 50  ? -3.994  -13.534 17.243  1.00 21.60  ? 50  ILE A O   1 
ATOM   394  C  CB  . ILE A 1 50  ? -2.563  -14.522 14.646  1.00 18.35  ? 50  ILE A CB  1 
ATOM   395  C  CG1 . ILE A 1 50  ? -2.303  -14.244 13.175  1.00 27.01  ? 50  ILE A CG1 1 
ATOM   396  C  CG2 . ILE A 1 50  ? -3.972  -15.128 14.759  1.00 14.42  ? 50  ILE A CG2 1 
ATOM   397  C  CD1 . ILE A 1 50  ? -3.414  -13.356 12.616  1.00 10.25  ? 50  ILE A CD1 1 
ATOM   398  N  N   . GLY A 1 51  ? -1.814  -13.832 17.541  1.00 11.50  ? 51  GLY A N   1 
ATOM   399  C  CA  . GLY A 1 51  ? -2.120  -14.177 18.925  1.00 13.51  ? 51  GLY A CA  1 
ATOM   400  C  C   . GLY A 1 51  ? -2.440  -15.633 19.155  1.00 21.81  ? 51  GLY A C   1 
ATOM   401  O  O   . GLY A 1 51  ? -3.189  -16.013 20.037  1.00 27.26  ? 51  GLY A O   1 
ATOM   402  N  N   . ARG A 1 52  ? -1.876  -16.493 18.365  1.00 27.81  ? 52  ARG A N   1 
ATOM   403  C  CA  . ARG A 1 52  ? -2.143  -17.909 18.524  1.00 24.99  ? 52  ARG A CA  1 
ATOM   404  C  C   . ARG A 1 52  ? -1.213  -18.604 17.612  1.00 14.38  ? 52  ARG A C   1 
ATOM   405  O  O   . ARG A 1 52  ? -0.596  -17.913 16.779  1.00 15.96  ? 52  ARG A O   1 
ATOM   406  C  CB  . ARG A 1 52  ? -3.574  -18.313 18.182  1.00 16.26  ? 52  ARG A CB  1 
ATOM   407  C  CG  . ARG A 1 52  ? -3.854  -18.636 16.706  1.00 26.10  ? 52  ARG A CG  1 
ATOM   408  C  CD  . ARG A 1 52  ? -5.365  -18.741 16.413  1.00 16.65  ? 52  ARG A CD  1 
ATOM   409  N  NE  . ARG A 1 52  ? -5.757  -18.727 14.996  1.00 24.11  ? 52  ARG A NE  1 
ATOM   410  C  CZ  . ARG A 1 52  ? -5.377  -19.613 14.077  1.00 30.91  ? 52  ARG A CZ  1 
ATOM   411  N  NH1 . ARG A 1 52  ? -4.632  -20.675 14.355  1.00 23.51  ? 52  ARG A NH1 1 
ATOM   412  N  NH2 . ARG A 1 52  ? -5.800  -19.457 12.832  1.00 31.97  ? 52  ARG A NH2 1 
ATOM   413  N  N   . ASN A 1 53  ? -1.104  -19.914 17.825  1.00 30.05  ? 53  ASN A N   1 
ATOM   414  C  CA  . ASN A 1 53  ? -0.202  -20.769 17.036  1.00 45.22  ? 53  ASN A CA  1 
ATOM   415  C  C   . ASN A 1 53  ? -0.878  -21.067 15.702  1.00 44.57  ? 53  ASN A C   1 
ATOM   416  O  O   . ASN A 1 53  ? -1.844  -21.856 15.654  1.00 24.23  ? 53  ASN A O   1 
ATOM   417  C  CB  . ASN A 1 53  ? 0.220   -22.062 17.800  1.00 75.95  ? 53  ASN A CB  1 
ATOM   418  C  CG  . ASN A 1 53  ? 1.445   -21.877 18.678  1.00 100.00 ? 53  ASN A CG  1 
ATOM   419  O  OD1 . ASN A 1 53  ? 1.443   -21.029 19.600  1.00 100.00 ? 53  ASN A OD1 1 
ATOM   420  N  ND2 . ASN A 1 53  ? 2.500   -22.644 18.379  1.00 87.36  ? 53  ASN A ND2 1 
ATOM   421  N  N   . CYS A 1 54  ? -0.414  -20.381 14.636  1.00 28.23  ? 54  CYS A N   1 
ATOM   422  C  CA  . CYS A 1 54  ? -1.071  -20.503 13.346  1.00 17.02  ? 54  CYS A CA  1 
ATOM   423  C  C   . CYS A 1 54  ? -0.524  -21.604 12.494  1.00 17.84  ? 54  CYS A C   1 
ATOM   424  O  O   . CYS A 1 54  ? -1.215  -22.086 11.588  1.00 27.29  ? 54  CYS A O   1 
ATOM   425  C  CB  . CYS A 1 54  ? -1.053  -19.159 12.564  1.00 13.09  ? 54  CYS A CB  1 
ATOM   426  S  SG  . CYS A 1 54  ? -2.012  -17.983 13.571  1.00 22.48  ? 54  CYS A SG  1 
ATOM   427  N  N   . ASN A 1 55  ? 0.740   -21.881 12.710  1.00 17.87  ? 55  ASN A N   1 
ATOM   428  C  CA  . ASN A 1 55  ? 1.332   -22.822 11.818  1.00 36.74  ? 55  ASN A CA  1 
ATOM   429  C  C   . ASN A 1 55  ? 1.233   -22.281 10.358  1.00 40.20  ? 55  ASN A C   1 
ATOM   430  O  O   . ASN A 1 55  ? 0.883   -23.014 9.415   1.00 36.56  ? 55  ASN A O   1 
ATOM   431  C  CB  . ASN A 1 55  ? 0.722   -24.242 12.012  1.00 60.44  ? 55  ASN A CB  1 
ATOM   432  C  CG  . ASN A 1 55  ? 1.552   -25.414 11.448  1.00 100.00 ? 55  ASN A CG  1 
ATOM   433  O  OD1 . ASN A 1 55  ? 2.816   -25.407 11.465  1.00 31.42  ? 55  ASN A OD1 1 
ATOM   434  N  ND2 . ASN A 1 55  ? 0.841   -26.428 10.919  1.00 41.27  ? 55  ASN A ND2 1 
ATOM   435  N  N   . GLY A 1 56  ? 1.510   -20.982 10.132  1.00 16.71  ? 56  GLY A N   1 
ATOM   436  C  CA  . GLY A 1 56  ? 1.489   -20.461 8.747   1.00 20.85  ? 56  GLY A CA  1 
ATOM   437  C  C   . GLY A 1 56  ? 0.131   -20.300 8.061   1.00 14.30  ? 56  GLY A C   1 
ATOM   438  O  O   . GLY A 1 56  ? 0.029   -19.955 6.900   1.00 20.84  ? 56  GLY A O   1 
ATOM   439  N  N   . VAL A 1 57  ? -0.924  -20.585 8.746   1.00 9.46   ? 57  VAL A N   1 
ATOM   440  C  CA  . VAL A 1 57  ? -2.257  -20.436 8.150   1.00 7.46   ? 57  VAL A CA  1 
ATOM   441  C  C   . VAL A 1 57  ? -3.250  -19.624 8.992   1.00 14.99  ? 57  VAL A C   1 
ATOM   442  O  O   . VAL A 1 57  ? -3.284  -19.724 10.229  1.00 19.50  ? 57  VAL A O   1 
ATOM   443  C  CB  . VAL A 1 57  ? -2.808  -21.797 7.892   1.00 15.00  ? 57  VAL A CB  1 
ATOM   444  C  CG1 . VAL A 1 57  ? -4.166  -21.701 7.279   1.00 17.53  ? 57  VAL A CG1 1 
ATOM   445  C  CG2 . VAL A 1 57  ? -1.798  -22.437 6.962   1.00 22.08  ? 57  VAL A CG2 1 
ATOM   446  N  N   . ILE A 1 58  ? -4.082  -18.802 8.315   1.00 15.57  ? 58  ILE A N   1 
ATOM   447  C  CA  . ILE A 1 58  ? -5.016  -17.979 9.049   1.00 15.45  ? 58  ILE A CA  1 
ATOM   448  C  C   . ILE A 1 58  ? -6.384  -18.108 8.465   1.00 19.56  ? 58  ILE A C   1 
ATOM   449  O  O   . ILE A 1 58  ? -6.573  -18.688 7.396   1.00 14.11  ? 58  ILE A O   1 
ATOM   450  C  CB  . ILE A 1 58  ? -4.611  -16.482 9.126   1.00 16.71  ? 58  ILE A CB  1 
ATOM   451  C  CG1 . ILE A 1 58  ? -4.595  -15.762 7.762   1.00 10.74  ? 58  ILE A CG1 1 
ATOM   452  C  CG2 . ILE A 1 58  ? -3.307  -16.306 9.890   1.00 11.45  ? 58  ILE A CG2 1 
ATOM   453  C  CD1 . ILE A 1 58  ? -4.014  -14.318 7.792   1.00 12.58  ? 58  ILE A CD1 1 
ATOM   454  N  N   . THR A 1 59  ? -7.323  -17.505 9.152   1.00 13.59  ? 59  THR A N   1 
ATOM   455  C  CA  . THR A 1 59  ? -8.658  -17.510 8.614   1.00 20.65  ? 59  THR A CA  1 
ATOM   456  C  C   . THR A 1 59  ? -8.956  -16.210 7.884   1.00 21.47  ? 59  THR A C   1 
ATOM   457  O  O   . THR A 1 59  ? -8.263  -15.226 8.011   1.00 19.54  ? 59  THR A O   1 
ATOM   458  C  CB  . THR A 1 59  ? -9.676  -17.690 9.757   1.00 35.86  ? 59  THR A CB  1 
ATOM   459  O  OG1 . THR A 1 59  ? -9.757  -16.516 10.528  1.00 23.00  ? 59  THR A OG1 1 
ATOM   460  C  CG2 . THR A 1 59  ? -9.343  -18.894 10.630  1.00 28.21  ? 59  THR A CG2 1 
ATOM   461  N  N   . LYS A 1 60  ? -10.058 -16.177 7.154   1.00 16.76  ? 60  LYS A N   1 
ATOM   462  C  CA  . LYS A 1 60  ? -10.474 -15.006 6.423   1.00 13.72  ? 60  LYS A CA  1 
ATOM   463  C  C   . LYS A 1 60  ? -10.698 -13.797 7.331   1.00 12.68  ? 60  LYS A C   1 
ATOM   464  O  O   . LYS A 1 60  ? -10.309 -12.649 7.088   1.00 15.28  ? 60  LYS A O   1 
ATOM   465  C  CB  . LYS A 1 60  ? -11.685 -15.377 5.572   1.00 13.09  ? 60  LYS A CB  1 
ATOM   466  C  CG  . LYS A 1 60  ? -11.880 -14.407 4.412   1.00 51.67  ? 60  LYS A CG  1 
ATOM   467  C  CD  . LYS A 1 60  ? -13.264 -14.444 3.779   1.00 76.08  ? 60  LYS A CD  1 
ATOM   468  C  CE  . LYS A 1 60  ? -13.472 -13.295 2.798   1.00 100.00 ? 60  LYS A CE  1 
ATOM   469  N  NZ  . LYS A 1 60  ? -14.635 -13.453 1.900   1.00 100.00 ? 60  LYS A NZ  1 
ATOM   470  N  N   . ASP A 1 61  ? -11.355 -14.090 8.449   1.00 15.64  ? 61  ASP A N   1 
ATOM   471  C  CA  . ASP A 1 61  ? -11.632 -13.057 9.450   1.00 15.95  ? 61  ASP A CA  1 
ATOM   472  C  C   . ASP A 1 61  ? -10.351 -12.476 10.043  1.00 10.94  ? 61  ASP A C   1 
ATOM   473  O  O   . ASP A 1 61  ? -10.278 -11.268 10.259  1.00 17.07  ? 61  ASP A O   1 
ATOM   474  C  CB  . ASP A 1 61  ? -12.572 -13.596 10.539  1.00 18.71  ? 61  ASP A CB  1 
ATOM   475  C  CG  . ASP A 1 61  ? -13.960 -13.742 9.918   1.00 100.00 ? 61  ASP A CG  1 
ATOM   476  O  OD1 . ASP A 1 61  ? -14.758 -12.811 9.844   1.00 100.00 ? 61  ASP A OD1 1 
ATOM   477  O  OD2 . ASP A 1 61  ? -14.192 -14.930 9.375   1.00 87.30  ? 61  ASP A OD2 1 
ATOM   478  N  N   . GLU A 1 62  ? -9.358  -13.360 10.302  1.00 13.53  ? 62  GLU A N   1 
ATOM   479  C  CA  . GLU A 1 62  ? -8.077  -12.973 10.831  1.00 8.83   ? 62  GLU A CA  1 
ATOM   480  C  C   . GLU A 1 62  ? -7.416  -12.120 9.765   1.00 23.18  ? 62  GLU A C   1 
ATOM   481  O  O   . GLU A 1 62  ? -6.829  -11.104 10.031  1.00 13.57  ? 62  GLU A O   1 
ATOM   482  C  CB  . GLU A 1 62  ? -7.267  -14.245 10.999  1.00 7.01   ? 62  GLU A CB  1 
ATOM   483  C  CG  . GLU A 1 62  ? -7.766  -14.932 12.256  1.00 13.98  ? 62  GLU A CG  1 
ATOM   484  C  CD  . GLU A 1 62  ? -7.045  -16.180 12.576  1.00 26.78  ? 62  GLU A CD  1 
ATOM   485  O  OE1 . GLU A 1 62  ? -6.400  -16.813 11.766  1.00 16.06  ? 62  GLU A OE1 1 
ATOM   486  O  OE2 . GLU A 1 62  ? -7.244  -16.509 13.821  1.00 19.27  ? 62  GLU A OE2 1 
ATOM   487  N  N   . ALA A 1 63  ? -7.520  -12.530 8.511   1.00 10.10  ? 63  ALA A N   1 
ATOM   488  C  CA  . ALA A 1 63  ? -6.872  -11.722 7.506   1.00 12.27  ? 63  ALA A CA  1 
ATOM   489  C  C   . ALA A 1 63  ? -7.443  -10.339 7.412   1.00 9.04   ? 63  ALA A C   1 
ATOM   490  O  O   . ALA A 1 63  ? -6.717  -9.330  7.200   1.00 15.20  ? 63  ALA A O   1 
ATOM   491  C  CB  . ALA A 1 63  ? -6.982  -12.393 6.136   1.00 12.14  ? 63  ALA A CB  1 
ATOM   492  N  N   . GLU A 1 64  ? -8.778  -10.337 7.505   1.00 8.45   ? 64  GLU A N   1 
ATOM   493  C  CA  . GLU A 1 64  ? -9.464  -9.063  7.400   1.00 12.11  ? 64  GLU A CA  1 
ATOM   494  C  C   . GLU A 1 64  ? -9.190  -8.176  8.572   1.00 16.70  ? 64  GLU A C   1 
ATOM   495  O  O   . GLU A 1 64  ? -9.229  -6.943  8.488   1.00 13.40  ? 64  GLU A O   1 
ATOM   496  C  CB  . GLU A 1 64  ? -10.950 -9.282  7.280   1.00 16.15  ? 64  GLU A CB  1 
ATOM   497  C  CG  . GLU A 1 64  ? -11.149 -9.783  5.857   1.00 21.98  ? 64  GLU A CG  1 
ATOM   498  C  CD  . GLU A 1 64  ? -12.536 -10.269 5.581   1.00 54.15  ? 64  GLU A CD  1 
ATOM   499  O  OE1 . GLU A 1 64  ? -13.390 -10.481 6.433   1.00 46.36  ? 64  GLU A OE1 1 
ATOM   500  O  OE2 . GLU A 1 64  ? -12.701 -10.446 4.303   1.00 45.40  ? 64  GLU A OE2 1 
ATOM   501  N  N   . LYS A 1 65  ? -8.911  -8.807  9.670   1.00 10.94  ? 65  LYS A N   1 
ATOM   502  C  CA  . LYS A 1 65  ? -8.608  -8.026  10.840  1.00 13.00  ? 65  LYS A CA  1 
ATOM   503  C  C   . LYS A 1 65  ? -7.250  -7.378  10.700  1.00 14.11  ? 65  LYS A C   1 
ATOM   504  O  O   . LYS A 1 65  ? -7.015  -6.212  11.100  1.00 15.05  ? 65  LYS A O   1 
ATOM   505  C  CB  . LYS A 1 65  ? -8.577  -8.836  12.110  1.00 17.44  ? 65  LYS A CB  1 
ATOM   506  C  CG  . LYS A 1 65  ? -8.226  -7.983  13.340  1.00 23.43  ? 65  LYS A CG  1 
ATOM   507  C  CD  . LYS A 1 65  ? -8.486  -8.732  14.658  1.00 63.07  ? 65  LYS A CD  1 
ATOM   508  C  CE  . LYS A 1 65  ? -9.015  -7.844  15.778  1.00 53.09  ? 65  LYS A CE  1 
ATOM   509  N  NZ  . LYS A 1 65  ? -8.864  -8.434  17.122  1.00 37.30  ? 65  LYS A NZ  1 
ATOM   510  N  N   . LEU A 1 66  ? -6.305  -8.155  10.188  1.00 12.84  ? 66  LEU A N   1 
ATOM   511  C  CA  . LEU A 1 66  ? -4.976  -7.547  9.975   1.00 11.50  ? 66  LEU A CA  1 
ATOM   512  C  C   . LEU A 1 66  ? -5.117  -6.411  8.976   1.00 16.60  ? 66  LEU A C   1 
ATOM   513  O  O   . LEU A 1 66  ? -4.447  -5.380  9.068   1.00 8.12   ? 66  LEU A O   1 
ATOM   514  C  CB  . LEU A 1 66  ? -3.982  -8.531  9.284   1.00 18.15  ? 66  LEU A CB  1 
ATOM   515  C  CG  . LEU A 1 66  ? -3.547  -9.604  10.245  1.00 16.68  ? 66  LEU A CG  1 
ATOM   516  C  CD1 . LEU A 1 66  ? -2.642  -10.539 9.449   1.00 18.04  ? 66  LEU A CD1 1 
ATOM   517  C  CD2 . LEU A 1 66  ? -2.884  -8.951  11.479  1.00 17.31  ? 66  LEU A CD2 1 
ATOM   518  N  N   . PHE A 1 67  ? -5.955  -6.624  7.971   1.00 13.02  ? 67  PHE A N   1 
ATOM   519  C  CA  . PHE A 1 67  ? -6.122  -5.607  6.939   1.00 6.73   ? 67  PHE A CA  1 
ATOM   520  C  C   . PHE A 1 67  ? -6.666  -4.312  7.525   1.00 13.33  ? 67  PHE A C   1 
ATOM   521  O  O   . PHE A 1 67  ? -6.228  -3.177  7.259   1.00 11.98  ? 67  PHE A O   1 
ATOM   522  C  CB  . PHE A 1 67  ? -7.041  -6.226  5.905   1.00 9.01   ? 67  PHE A CB  1 
ATOM   523  C  CG  . PHE A 1 67  ? -7.196  -5.405  4.615   1.00 16.40  ? 67  PHE A CG  1 
ATOM   524  C  CD1 . PHE A 1 67  ? -6.148  -4.666  4.054   1.00 18.75  ? 67  PHE A CD1 1 
ATOM   525  C  CD2 . PHE A 1 67  ? -8.415  -5.416  3.925   1.00 16.39  ? 67  PHE A CD2 1 
ATOM   526  C  CE1 . PHE A 1 67  ? -6.313  -3.968  2.856   1.00 11.82  ? 67  PHE A CE1 1 
ATOM   527  C  CE2 . PHE A 1 67  ? -8.598  -4.783  2.693   1.00 14.83  ? 67  PHE A CE2 1 
ATOM   528  C  CZ  . PHE A 1 67  ? -7.548  -4.004  2.204   1.00 14.30  ? 67  PHE A CZ  1 
ATOM   529  N  N   . ASN A 1 68  ? -7.637  -4.447  8.396   1.00 12.22  ? 68  ASN A N   1 
ATOM   530  C  CA  . ASN A 1 68  ? -8.157  -3.220  9.039   1.00 16.58  ? 68  ASN A CA  1 
ATOM   531  C  C   . ASN A 1 68  ? -7.067  -2.430  9.785   1.00 8.18   ? 68  ASN A C   1 
ATOM   532  O  O   . ASN A 1 68  ? -6.923  -1.185  9.740   1.00 12.34  ? 68  ASN A O   1 
ATOM   533  C  CB  . ASN A 1 68  ? -9.294  -3.585  10.024  1.00 13.55  ? 68  ASN A CB  1 
ATOM   534  C  CG  . ASN A 1 68  ? -10.643 -3.850  9.336   1.00 24.92  ? 68  ASN A CG  1 
ATOM   535  O  OD1 . ASN A 1 68  ? -11.043 -3.191  8.378   1.00 21.55  ? 68  ASN A OD1 1 
ATOM   536  N  ND2 . ASN A 1 68  ? -11.396 -4.819  9.829   1.00 21.71  ? 68  ASN A ND2 1 
ATOM   537  N  N   . GLN A 1 69  ? -6.275  -3.200  10.536  1.00 7.30   ? 69  GLN A N   1 
ATOM   538  C  CA  . GLN A 1 69  ? -5.264  -2.574  11.319  1.00 5.11   ? 69  GLN A CA  1 
ATOM   539  C  C   . GLN A 1 69  ? -4.279  -1.883  10.438  1.00 3.76   ? 69  GLN A C   1 
ATOM   540  O  O   . GLN A 1 69  ? -3.692  -0.861  10.770  1.00 10.28  ? 69  GLN A O   1 
ATOM   541  C  CB  . GLN A 1 69  ? -4.478  -3.645  12.103  1.00 11.07  ? 69  GLN A CB  1 
ATOM   542  C  CG  . GLN A 1 69  ? -5.413  -4.241  13.183  1.00 11.69  ? 69  GLN A CG  1 
ATOM   543  C  CD  . GLN A 1 69  ? -4.790  -5.377  13.957  1.00 20.77  ? 69  GLN A CD  1 
ATOM   544  O  OE1 . GLN A 1 69  ? -5.405  -5.950  14.866  1.00 19.64  ? 69  GLN A OE1 1 
ATOM   545  N  NE2 . GLN A 1 69  ? -3.570  -5.693  13.578  1.00 13.75  ? 69  GLN A NE2 1 
ATOM   546  N  N   . ASP A 1 70  ? -3.949  -2.558  9.354   1.00 10.17  ? 70  ASP A N   1 
ATOM   547  C  CA  . ASP A 1 70  ? -2.917  -2.062  8.432   1.00 11.78  ? 70  ASP A CA  1 
ATOM   548  C  C   . ASP A 1 70  ? -3.388  -0.836  7.659   1.00 14.80  ? 70  ASP A C   1 
ATOM   549  O  O   . ASP A 1 70  ? -2.546  0.015   7.403   1.00 6.47   ? 70  ASP A O   1 
ATOM   550  C  CB  . ASP A 1 70  ? -2.420  -3.127  7.405   1.00 10.25  ? 70  ASP A CB  1 
ATOM   551  C  CG  . ASP A 1 70  ? -1.625  -4.232  8.035   1.00 14.96  ? 70  ASP A CG  1 
ATOM   552  O  OD1 . ASP A 1 70  ? -1.083  -4.143  9.137   1.00 15.16  ? 70  ASP A OD1 1 
ATOM   553  O  OD2 . ASP A 1 70  ? -1.669  -5.315  7.288   1.00 12.53  ? 70  ASP A OD2 1 
ATOM   554  N  N   . VAL A 1 71  ? -4.689  -0.781  7.291   1.00 9.45   ? 71  VAL A N   1 
ATOM   555  C  CA  . VAL A 1 71  ? -5.132  0.415   6.581   1.00 13.67  ? 71  VAL A CA  1 
ATOM   556  C  C   . VAL A 1 71  ? -5.076  1.578   7.562   1.00 10.91  ? 71  VAL A C   1 
ATOM   557  O  O   . VAL A 1 71  ? -4.649  2.722   7.312   1.00 14.34  ? 71  VAL A O   1 
ATOM   558  C  CB  . VAL A 1 71  ? -6.563  0.302   5.990   1.00 10.88  ? 71  VAL A CB  1 
ATOM   559  C  CG1 . VAL A 1 71  ? -7.094  1.710   5.588   1.00 3.02   ? 71  VAL A CG1 1 
ATOM   560  C  CG2 . VAL A 1 71  ? -6.560  -0.646  4.775   1.00 6.44   ? 71  VAL A CG2 1 
ATOM   561  N  N   . ASP A 1 72  ? -5.546  1.285   8.735   1.00 10.15  ? 72  ASP A N   1 
ATOM   562  C  CA  . ASP A 1 72  ? -5.525  2.326   9.733   1.00 8.64   ? 72  ASP A CA  1 
ATOM   563  C  C   . ASP A 1 72  ? -4.132  2.905   10.028  1.00 9.84   ? 72  ASP A C   1 
ATOM   564  O  O   . ASP A 1 72  ? -3.883  4.120   10.094  1.00 14.78  ? 72  ASP A O   1 
ATOM   565  C  CB  . ASP A 1 72  ? -6.062  1.634   10.982  1.00 10.70  ? 72  ASP A CB  1 
ATOM   566  C  CG  . ASP A 1 72  ? -6.731  2.714   11.697  1.00 30.01  ? 72  ASP A CG  1 
ATOM   567  O  OD1 . ASP A 1 72  ? -7.378  3.542   11.099  1.00 83.71  ? 72  ASP A OD1 1 
ATOM   568  O  OD2 . ASP A 1 72  ? -6.461  2.700   12.952  1.00 25.40  ? 72  ASP A OD2 1 
ATOM   569  N  N   . ALA A 1 73  ? -3.177  2.005   10.190  1.00 11.94  ? 73  ALA A N   1 
ATOM   570  C  CA  . ALA A 1 73  ? -1.783  2.369   10.466  1.00 14.27  ? 73  ALA A CA  1 
ATOM   571  C  C   . ALA A 1 73  ? -1.225  3.249   9.381   1.00 22.04  ? 73  ALA A C   1 
ATOM   572  O  O   . ALA A 1 73  ? -0.515  4.246   9.604   1.00 21.09  ? 73  ALA A O   1 
ATOM   573  C  CB  . ALA A 1 73  ? -0.930  1.101   10.579  1.00 10.43  ? 73  ALA A CB  1 
ATOM   574  N  N   . ALA A 1 74  ? -1.547  2.862   8.140   1.00 13.81  ? 74  ALA A N   1 
ATOM   575  C  CA  . ALA A 1 74  ? -1.082  3.637   6.990   1.00 17.27  ? 74  ALA A CA  1 
ATOM   576  C  C   . ALA A 1 74  ? -1.581  5.077   7.048   1.00 14.71  ? 74  ALA A C   1 
ATOM   577  O  O   . ALA A 1 74  ? -0.793  6.015   6.849   1.00 17.12  ? 74  ALA A O   1 
ATOM   578  C  CB  . ALA A 1 74  ? -1.436  3.019   5.614   1.00 10.54  ? 74  ALA A CB  1 
ATOM   579  N  N   . VAL A 1 75  ? -2.904  5.227   7.230   1.00 17.21  ? 75  VAL A N   1 
ATOM   580  C  CA  . VAL A 1 75  ? -3.407  6.577   7.231   1.00 15.45  ? 75  VAL A CA  1 
ATOM   581  C  C   . VAL A 1 75  ? -2.784  7.378   8.362   1.00 20.02  ? 75  VAL A C   1 
ATOM   582  O  O   . VAL A 1 75  ? -2.400  8.557   8.243   1.00 17.83  ? 75  VAL A O   1 
ATOM   583  C  CB  . VAL A 1 75  ? -4.903  6.620   7.507   1.00 29.00  ? 75  VAL A CB  1 
ATOM   584  C  CG1 . VAL A 1 75  ? -5.337  8.081   7.415   1.00 28.63  ? 75  VAL A CG1 1 
ATOM   585  C  CG2 . VAL A 1 75  ? -5.592  5.834   6.437   1.00 19.14  ? 75  VAL A CG2 1 
ATOM   586  N  N   . ARG A 1 76  ? -2.739  6.707   9.476   1.00 8.90   ? 76  ARG A N   1 
ATOM   587  C  CA  . ARG A 1 76  ? -2.231  7.410   10.612  1.00 11.62  ? 76  ARG A CA  1 
ATOM   588  C  C   . ARG A 1 76  ? -0.765  7.769   10.355  1.00 14.22  ? 76  ARG A C   1 
ATOM   589  O  O   . ARG A 1 76  ? -0.286  8.826   10.767  1.00 18.00  ? 76  ARG A O   1 
ATOM   590  C  CB  . ARG A 1 76  ? -2.498  6.588   11.904  1.00 13.25  ? 76  ARG A CB  1 
ATOM   591  C  CG  . ARG A 1 76  ? -3.853  6.873   12.556  1.00 37.03  ? 76  ARG A CG  1 
ATOM   592  C  CD  . ARG A 1 76  ? -4.014  6.382   14.019  1.00 93.02  ? 76  ARG A CD  1 
ATOM   593  N  NE  . ARG A 1 76  ? -4.260  4.935   14.280  1.00 100.00 ? 76  ARG A NE  1 
ATOM   594  C  CZ  . ARG A 1 76  ? -3.495  3.881   13.855  1.00 100.00 ? 76  ARG A CZ  1 
ATOM   595  N  NH1 . ARG A 1 76  ? -2.399  4.064   13.113  1.00 100.00 ? 76  ARG A NH1 1 
ATOM   596  N  NH2 . ARG A 1 76  ? -3.805  2.606   14.158  1.00 63.59  ? 76  ARG A NH2 1 
ATOM   597  N  N   . GLY A 1 77  ? -0.033  6.921   9.623   1.00 10.50  ? 77  GLY A N   1 
ATOM   598  C  CA  . GLY A 1 77  ? 1.360   7.229   9.331   1.00 16.43  ? 77  GLY A CA  1 
ATOM   599  C  C   . GLY A 1 77  ? 1.453   8.492   8.469   1.00 28.78  ? 77  GLY A C   1 
ATOM   600  O  O   . GLY A 1 77  ? 2.282   9.377   8.617   1.00 23.33  ? 77  GLY A O   1 
ATOM   601  N  N   . ILE A 1 78  ? 0.555   8.586   7.528   1.00 10.78  ? 78  ILE A N   1 
ATOM   602  C  CA  . ILE A 1 78  ? 0.520   9.743   6.657   1.00 12.88  ? 78  ILE A CA  1 
ATOM   603  C  C   . ILE A 1 78  ? 0.262   10.969  7.498   1.00 21.66  ? 78  ILE A C   1 
ATOM   604  O  O   . ILE A 1 78  ? 0.957   11.970  7.350   1.00 18.14  ? 78  ILE A O   1 
ATOM   605  C  CB  . ILE A 1 78  ? -0.656  9.614   5.653   1.00 10.92  ? 78  ILE A CB  1 
ATOM   606  C  CG1 . ILE A 1 78  ? -0.180  8.751   4.476   1.00 7.30   ? 78  ILE A CG1 1 
ATOM   607  C  CG2 . ILE A 1 78  ? -1.074  10.994  5.098   1.00 5.92   ? 78  ILE A CG2 1 
ATOM   608  C  CD1 . ILE A 1 78  ? -1.309  8.134   3.638   1.00 9.95   ? 78  ILE A CD1 1 
ATOM   609  N  N   . LEU A 1 79  ? -0.729  10.870  8.393   1.00 16.37  ? 79  LEU A N   1 
ATOM   610  C  CA  . LEU A 1 79  ? -1.079  12.055  9.126   1.00 11.66  ? 79  LEU A CA  1 
ATOM   611  C  C   . LEU A 1 79  ? 0.010   12.575  10.003  1.00 21.71  ? 79  LEU A C   1 
ATOM   612  O  O   . LEU A 1 79  ? 0.082   13.746  10.366  1.00 21.92  ? 79  LEU A O   1 
ATOM   613  C  CB  . LEU A 1 79  ? -2.421  11.902  9.855   1.00 14.07  ? 79  LEU A CB  1 
ATOM   614  C  CG  . LEU A 1 79  ? -3.591  11.583  8.918   1.00 21.11  ? 79  LEU A CG  1 
ATOM   615  C  CD1 . LEU A 1 79  ? -4.784  11.281  9.783   1.00 23.59  ? 79  LEU A CD1 1 
ATOM   616  C  CD2 . LEU A 1 79  ? -3.971  12.758  8.025   1.00 24.44  ? 79  LEU A CD2 1 
ATOM   617  N  N   . ARG A 1 80  ? 0.860   11.665  10.402  1.00 20.66  ? 80  ARG A N   1 
ATOM   618  C  CA  . ARG A 1 80  ? 1.914   12.029  11.312  1.00 20.85  ? 80  ARG A CA  1 
ATOM   619  C  C   . ARG A 1 80  ? 3.124   12.573  10.621  1.00 25.66  ? 80  ARG A C   1 
ATOM   620  O  O   . ARG A 1 80  ? 3.977   13.153  11.272  1.00 37.07  ? 80  ARG A O   1 
ATOM   621  C  CB  . ARG A 1 80  ? 2.328   10.837  12.197  1.00 31.13  ? 80  ARG A CB  1 
ATOM   622  C  CG  . ARG A 1 80  ? 1.205   10.335  13.119  1.00 100.00 ? 80  ARG A CG  1 
ATOM   623  C  CD  . ARG A 1 80  ? 1.676   9.563   14.360  1.00 100.00 ? 80  ARG A CD  1 
ATOM   624  N  NE  . ARG A 1 80  ? 1.287   8.145   14.353  1.00 100.00 ? 80  ARG A NE  1 
ATOM   625  C  CZ  . ARG A 1 80  ? 1.846   7.189   13.576  1.00 100.00 ? 80  ARG A CZ  1 
ATOM   626  N  NH1 . ARG A 1 80  ? 2.849   7.442   12.722  1.00 100.00 ? 80  ARG A NH1 1 
ATOM   627  N  NH2 . ARG A 1 80  ? 1.386   5.933   13.666  1.00 100.00 ? 80  ARG A NH2 1 
ATOM   628  N  N   . ASN A 1 81  ? 3.218   12.323  9.330   1.00 18.60  ? 81  ASN A N   1 
ATOM   629  C  CA  . ASN A 1 81  ? 4.366   12.765  8.579   1.00 10.76  ? 81  ASN A CA  1 
ATOM   630  C  C   . ASN A 1 81  ? 4.257   14.208  8.166   1.00 31.65  ? 81  ASN A C   1 
ATOM   631  O  O   . ASN A 1 81  ? 3.281   14.609  7.526   1.00 25.39  ? 81  ASN A O   1 
ATOM   632  C  CB  . ASN A 1 81  ? 4.524   11.876  7.354   1.00 21.23  ? 81  ASN A CB  1 
ATOM   633  C  CG  . ASN A 1 81  ? 5.902   12.023  6.787   1.00 20.59  ? 81  ASN A CG  1 
ATOM   634  O  OD1 . ASN A 1 81  ? 6.302   13.075  6.282   1.00 24.20  ? 81  ASN A OD1 1 
ATOM   635  N  ND2 . ASN A 1 81  ? 6.637   10.941  6.885   1.00 27.75  ? 81  ASN A ND2 1 
ATOM   636  N  N   . ALA A 1 82  ? 5.290   15.004  8.475   1.00 23.20  ? 82  ALA A N   1 
ATOM   637  C  CA  . ALA A 1 82  ? 5.222   16.420  8.088   1.00 29.90  ? 82  ALA A CA  1 
ATOM   638  C  C   . ALA A 1 82  ? 5.264   16.715  6.588   1.00 27.53  ? 82  ALA A C   1 
ATOM   639  O  O   . ALA A 1 82  ? 4.671   17.678  6.099   1.00 28.74  ? 82  ALA A O   1 
ATOM   640  C  CB  . ALA A 1 82  ? 6.208   17.301  8.855   1.00 33.03  ? 82  ALA A CB  1 
ATOM   641  N  N   . LYS A 1 83  ? 5.991   15.900  5.847   1.00 19.75  ? 83  LYS A N   1 
ATOM   642  C  CA  . LYS A 1 83  ? 6.048   16.092  4.415   1.00 27.54  ? 83  LYS A CA  1 
ATOM   643  C  C   . LYS A 1 83  ? 4.755   15.587  3.760   1.00 25.33  ? 83  LYS A C   1 
ATOM   644  O  O   . LYS A 1 83  ? 4.214   16.151  2.828   1.00 17.76  ? 83  LYS A O   1 
ATOM   645  C  CB  . LYS A 1 83  ? 7.259   15.350  3.874   1.00 42.20  ? 83  LYS A CB  1 
ATOM   646  C  CG  . LYS A 1 83  ? 8.339   16.286  3.346   1.00 100.00 ? 83  LYS A CG  1 
ATOM   647  C  CD  . LYS A 1 83  ? 8.978   17.186  4.405   1.00 100.00 ? 83  LYS A CD  1 
ATOM   648  C  CE  . LYS A 1 83  ? 8.836   18.700  4.146   1.00 100.00 ? 83  LYS A CE  1 
ATOM   649  N  NZ  . LYS A 1 83  ? 8.368   19.110  2.803   1.00 100.00 ? 83  LYS A NZ  1 
ATOM   650  N  N   . LEU A 1 84  ? 4.220   14.528  4.308   1.00 14.90  ? 84  LEU A N   1 
ATOM   651  C  CA  . LEU A 1 84  ? 3.033   13.948  3.728   1.00 15.33  ? 84  LEU A CA  1 
ATOM   652  C  C   . LEU A 1 84  ? 1.707   14.618  4.028   1.00 19.07  ? 84  LEU A C   1 
ATOM   653  O  O   . LEU A 1 84  ? 0.881   14.794  3.160   1.00 13.37  ? 84  LEU A O   1 
ATOM   654  C  CB  . LEU A 1 84  ? 2.986   12.436  3.989   1.00 10.21  ? 84  LEU A CB  1 
ATOM   655  C  CG  . LEU A 1 84  ? 4.240   11.643  3.609   1.00 22.40  ? 84  LEU A CG  1 
ATOM   656  C  CD1 . LEU A 1 84  ? 4.064   10.196  4.045   1.00 21.52  ? 84  LEU A CD1 1 
ATOM   657  C  CD2 . LEU A 1 84  ? 4.414   11.625  2.104   1.00 17.35  ? 84  LEU A CD2 1 
ATOM   658  N  N   . LYS A 1 85  ? 1.504   14.930  5.286   1.00 8.73   ? 85  LYS A N   1 
ATOM   659  C  CA  . LYS A 1 85  ? 0.268   15.469  5.746   1.00 13.12  ? 85  LYS A CA  1 
ATOM   660  C  C   . LYS A 1 85  ? -0.338  16.572  4.931   1.00 9.44   ? 85  LYS A C   1 
ATOM   661  O  O   . LYS A 1 85  ? -1.501  16.542  4.517   1.00 10.96  ? 85  LYS A O   1 
ATOM   662  C  CB  . LYS A 1 85  ? 0.272   15.724  7.230   1.00 18.08  ? 85  LYS A CB  1 
ATOM   663  C  CG  . LYS A 1 85  ? -1.119  15.958  7.736   1.00 20.30  ? 85  LYS A CG  1 
ATOM   664  C  CD  . LYS A 1 85  ? -1.160  16.840  8.975   1.00 26.70  ? 85  LYS A CD  1 
ATOM   665  C  CE  . LYS A 1 85  ? -2.606  17.009  9.481   1.00 38.03  ? 85  LYS A CE  1 
ATOM   666  N  NZ  . LYS A 1 85  ? -3.285  18.277  9.107   1.00 100.00 ? 85  LYS A NZ  1 
ATOM   667  N  N   . PRO A 1 86  ? 0.424   17.621  4.737   1.00 11.10  ? 86  PRO A N   1 
ATOM   668  C  CA  . PRO A 1 86  ? -0.101  18.752  3.939   1.00 26.01  ? 86  PRO A CA  1 
ATOM   669  C  C   . PRO A 1 86  ? -0.539  18.345  2.513   1.00 17.63  ? 86  PRO A C   1 
ATOM   670  O  O   . PRO A 1 86  ? -1.506  18.858  1.968   1.00 12.23  ? 86  PRO A O   1 
ATOM   671  C  CB  . PRO A 1 86  ? 1.025   19.787  3.869   1.00 13.34  ? 86  PRO A CB  1 
ATOM   672  C  CG  . PRO A 1 86  ? 2.228   19.145  4.549   1.00 23.78  ? 86  PRO A CG  1 
ATOM   673  C  CD  . PRO A 1 86  ? 1.836   17.782  5.089   1.00 13.04  ? 86  PRO A CD  1 
ATOM   674  N  N   . VAL A 1 87  ? 0.151   17.408  1.901   1.00 12.81  ? 87  VAL A N   1 
ATOM   675  C  CA  . VAL A 1 87  ? -0.238  17.009  0.576   1.00 10.75  ? 87  VAL A CA  1 
ATOM   676  C  C   . VAL A 1 87  ? -1.544  16.227  0.601   1.00 8.52   ? 87  VAL A C   1 
ATOM   677  O  O   . VAL A 1 87  ? -2.480  16.424  -0.186  1.00 10.57  ? 87  VAL A O   1 
ATOM   678  C  CB  . VAL A 1 87  ? 0.893   16.256  -0.184  1.00 17.62  ? 87  VAL A CB  1 
ATOM   679  C  CG1 . VAL A 1 87  ? 0.457   16.048  -1.642  1.00 8.94   ? 87  VAL A CG1 1 
ATOM   680  C  CG2 . VAL A 1 87  ? 2.261   16.990  -0.115  1.00 15.52  ? 87  VAL A CG2 1 
ATOM   681  N  N   . TYR A 1 88  ? -1.532  15.273  1.489   1.00 10.53  ? 88  TYR A N   1 
ATOM   682  C  CA  . TYR A 1 88  ? -2.684  14.447  1.594   1.00 6.76   ? 88  TYR A CA  1 
ATOM   683  C  C   . TYR A 1 88  ? -3.928  15.304  1.831   1.00 13.27  ? 88  TYR A C   1 
ATOM   684  O  O   . TYR A 1 88  ? -4.989  15.111  1.238   1.00 12.57  ? 88  TYR A O   1 
ATOM   685  C  CB  . TYR A 1 88  ? -2.383  13.603  2.821   1.00 3.74   ? 88  TYR A CB  1 
ATOM   686  C  CG  . TYR A 1 88  ? -3.497  12.586  3.071   1.00 12.31  ? 88  TYR A CG  1 
ATOM   687  C  CD1 . TYR A 1 88  ? -3.603  11.420  2.311   1.00 10.68  ? 88  TYR A CD1 1 
ATOM   688  C  CD2 . TYR A 1 88  ? -4.493  12.877  4.009   1.00 13.88  ? 88  TYR A CD2 1 
ATOM   689  C  CE1 . TYR A 1 88  ? -4.634  10.533  2.612   1.00 14.53  ? 88  TYR A CE1 1 
ATOM   690  C  CE2 . TYR A 1 88  ? -5.558  12.035  4.304   1.00 17.33  ? 88  TYR A CE2 1 
ATOM   691  C  CZ  . TYR A 1 88  ? -5.594  10.855  3.567   1.00 19.02  ? 88  TYR A CZ  1 
ATOM   692  O  OH  . TYR A 1 88  ? -6.613  9.990   3.739   1.00 19.19  ? 88  TYR A OH  1 
ATOM   693  N  N   . ASP A 1 89  ? -3.812  16.249  2.764   1.00 9.76   ? 89  ASP A N   1 
ATOM   694  C  CA  . ASP A 1 89  ? -4.988  17.089  3.056   1.00 2.39   ? 89  ASP A CA  1 
ATOM   695  C  C   . ASP A 1 89  ? -5.331  17.968  1.921   1.00 16.87  ? 89  ASP A C   1 
ATOM   696  O  O   . ASP A 1 89  ? -6.458  18.442  1.867   1.00 19.57  ? 89  ASP A O   1 
ATOM   697  C  CB  . ASP A 1 89  ? -4.718  18.038  4.212   1.00 8.35   ? 89  ASP A CB  1 
ATOM   698  C  CG  . ASP A 1 89  ? -4.772  17.354  5.528   1.00 26.17  ? 89  ASP A CG  1 
ATOM   699  O  OD1 . ASP A 1 89  ? -5.296  16.295  5.697   1.00 21.36  ? 89  ASP A OD1 1 
ATOM   700  O  OD2 . ASP A 1 89  ? -4.205  18.051  6.456   1.00 22.87  ? 89  ASP A OD2 1 
ATOM   701  N  N   . SER A 1 90  ? -4.414  18.189  0.992   1.00 10.93  ? 90  SER A N   1 
ATOM   702  C  CA  . SER A 1 90  ? -4.885  19.005  -0.086  1.00 10.10  ? 90  SER A CA  1 
ATOM   703  C  C   . SER A 1 90  ? -5.669  18.231  -1.126  1.00 12.25  ? 90  SER A C   1 
ATOM   704  O  O   . SER A 1 90  ? -6.230  18.827  -2.018  1.00 10.22  ? 90  SER A O   1 
ATOM   705  C  CB  . SER A 1 90  ? -3.736  19.622  -0.826  1.00 9.09   ? 90  SER A CB  1 
ATOM   706  O  OG  . SER A 1 90  ? -3.001  18.635  -1.486  1.00 13.25  ? 90  SER A OG  1 
ATOM   707  N  N   . LEU A 1 91  ? -5.698  16.911  -1.079  1.00 6.32   ? 91  LEU A N   1 
ATOM   708  C  CA  . LEU A 1 91  ? -6.376  16.166  -2.147  1.00 9.05   ? 91  LEU A CA  1 
ATOM   709  C  C   . LEU A 1 91  ? -7.813  15.865  -1.939  1.00 8.59   ? 91  LEU A C   1 
ATOM   710  O  O   . LEU A 1 91  ? -8.271  15.873  -0.802  1.00 12.63  ? 91  LEU A O   1 
ATOM   711  C  CB  . LEU A 1 91  ? -5.775  14.737  -2.242  1.00 7.28   ? 91  LEU A CB  1 
ATOM   712  C  CG  . LEU A 1 91  ? -4.262  14.729  -2.433  1.00 20.52  ? 91  LEU A CG  1 
ATOM   713  C  CD1 . LEU A 1 91  ? -3.649  13.401  -2.020  1.00 13.05  ? 91  LEU A CD1 1 
ATOM   714  C  CD2 . LEU A 1 91  ? -3.942  15.001  -3.902  1.00 16.71  ? 91  LEU A CD2 1 
ATOM   715  N  N   . ASP A 1 92  ? -8.501  15.527  -3.017  1.00 7.61   ? 92  ASP A N   1 
ATOM   716  C  CA  . ASP A 1 92  ? -9.900  15.098  -2.905  1.00 1.29   ? 92  ASP A CA  1 
ATOM   717  C  C   . ASP A 1 92  ? -9.956  13.642  -2.442  1.00 13.11  ? 92  ASP A C   1 
ATOM   718  O  O   . ASP A 1 92  ? -8.950  12.915  -2.339  1.00 12.65  ? 92  ASP A O   1 
ATOM   719  C  CB  . ASP A 1 92  ? -10.557 15.182  -4.298  1.00 10.73  ? 92  ASP A CB  1 
ATOM   720  C  CG  . ASP A 1 92  ? -9.792  14.367  -5.312  1.00 18.60  ? 92  ASP A CG  1 
ATOM   721  O  OD1 . ASP A 1 92  ? -10.013 13.201  -5.574  1.00 10.37  ? 92  ASP A OD1 1 
ATOM   722  O  OD2 . ASP A 1 92  ? -8.759  15.027  -5.779  1.00 19.38  ? 92  ASP A OD2 1 
ATOM   723  N  N   . ALA A 1 93  ? -11.156 13.142  -2.175  1.00 10.08  ? 93  ALA A N   1 
ATOM   724  C  CA  . ALA A 1 93  ? -11.268 11.807  -1.639  1.00 8.49   ? 93  ALA A CA  1 
ATOM   725  C  C   . ALA A 1 93  ? -10.723 10.657  -2.475  1.00 11.86  ? 93  ALA A C   1 
ATOM   726  O  O   . ALA A 1 93  ? -10.190 9.698   -1.893  1.00 13.51  ? 93  ALA A O   1 
ATOM   727  C  CB  . ALA A 1 93  ? -12.678 11.540  -1.122  1.00 12.52  ? 93  ALA A CB  1 
ATOM   728  N  N   . VAL A 1 94  ? -10.882 10.709  -3.800  1.00 9.43   ? 94  VAL A N   1 
ATOM   729  C  CA  . VAL A 1 94  ? -10.390 9.601   -4.582  1.00 8.53   ? 94  VAL A CA  1 
ATOM   730  C  C   . VAL A 1 94  ? -8.873  9.608   -4.523  1.00 6.69   ? 94  VAL A C   1 
ATOM   731  O  O   . VAL A 1 94  ? -8.202  8.567   -4.257  1.00 12.44  ? 94  VAL A O   1 
ATOM   732  C  CB  . VAL A 1 94  ? -10.970 9.683   -5.995  1.00 14.56  ? 94  VAL A CB  1 
ATOM   733  C  CG1 . VAL A 1 94  ? -10.448 8.500   -6.815  1.00 10.60  ? 94  VAL A CG1 1 
ATOM   734  C  CG2 . VAL A 1 94  ? -12.473 9.516   -5.848  1.00 13.82  ? 94  VAL A CG2 1 
ATOM   735  N  N   . ARG A 1 95  ? -8.331  10.817  -4.830  1.00 8.64   ? 95  ARG A N   1 
ATOM   736  C  CA  . ARG A 1 95  ? -6.874  10.854  -4.833  1.00 11.78  ? 95  ARG A CA  1 
ATOM   737  C  C   . ARG A 1 95  ? -6.230  10.424  -3.505  1.00 14.36  ? 95  ARG A C   1 
ATOM   738  O  O   . ARG A 1 95  ? -5.114  9.855   -3.436  1.00 13.54  ? 95  ARG A O   1 
ATOM   739  C  CB  . ARG A 1 95  ? -6.350  12.167  -5.393  1.00 4.49   ? 95  ARG A CB  1 
ATOM   740  C  CG  . ARG A 1 95  ? -6.694  12.358  -6.869  1.00 9.37   ? 95  ARG A CG  1 
ATOM   741  C  CD  . ARG A 1 95  ? -5.998  13.623  -7.360  1.00 10.37  ? 95  ARG A CD  1 
ATOM   742  N  NE  . ARG A 1 95  ? -6.237  13.816  -8.782  1.00 8.99   ? 95  ARG A NE  1 
ATOM   743  C  CZ  . ARG A 1 95  ? -7.278  14.461  -9.343  1.00 21.94  ? 95  ARG A CZ  1 
ATOM   744  N  NH1 . ARG A 1 95  ? -8.285  14.974  -8.621  1.00 12.70  ? 95  ARG A NH1 1 
ATOM   745  N  NH2 . ARG A 1 95  ? -7.337  14.534  -10.685 1.00 11.75  ? 95  ARG A NH2 1 
ATOM   746  N  N   . ARG A 1 96  ? -6.931  10.706  -2.409  1.00 13.82  ? 96  ARG A N   1 
ATOM   747  C  CA  . ARG A 1 96  ? -6.423  10.289  -1.109  1.00 15.06  ? 96  ARG A CA  1 
ATOM   748  C  C   . ARG A 1 96  ? -6.339  8.764   -1.050  1.00 13.74  ? 96  ARG A C   1 
ATOM   749  O  O   . ARG A 1 96  ? -5.408  8.219   -0.432  1.00 7.58   ? 96  ARG A O   1 
ATOM   750  C  CB  . ARG A 1 96  ? -7.316  10.770  0.008   1.00 7.95   ? 96  ARG A CB  1 
ATOM   751  C  CG  . ARG A 1 96  ? -7.073  12.206  0.400   1.00 9.20   ? 96  ARG A CG  1 
ATOM   752  C  CD  . ARG A 1 96  ? -8.115  12.718  1.395   1.00 10.36  ? 96  ARG A CD  1 
ATOM   753  N  NE  . ARG A 1 96  ? -7.882  14.129  1.578   1.00 21.01  ? 96  ARG A NE  1 
ATOM   754  C  CZ  . ARG A 1 96  ? -8.472  14.866  2.495   1.00 21.67  ? 96  ARG A CZ  1 
ATOM   755  N  NH1 . ARG A 1 96  ? -9.307  14.286  3.321   1.00 27.16  ? 96  ARG A NH1 1 
ATOM   756  N  NH2 . ARG A 1 96  ? -8.222  16.197  2.572   1.00 20.67  ? 96  ARG A NH2 1 
ATOM   757  N  N   . CYS A 1 97  ? -7.267  8.069   -1.739  1.00 12.42  ? 97  CYS A N   1 
ATOM   758  C  CA  . CYS A 1 97  ? -7.151  6.626   -1.737  1.00 8.19   ? 97  CYS A CA  1 
ATOM   759  C  C   . CYS A 1 97  ? -5.888  6.221   -2.432  1.00 5.89   ? 97  CYS A C   1 
ATOM   760  O  O   . CYS A 1 97  ? -5.210  5.285   -2.006  1.00 8.08   ? 97  CYS A O   1 
ATOM   761  C  CB  . CYS A 1 97  ? -8.295  5.959   -2.507  1.00 7.89   ? 97  CYS A CB  1 
ATOM   762  S  SG  . CYS A 1 97  ? -9.759  6.108   -1.414  1.00 16.54  ? 97  CYS A SG  1 
ATOM   763  N  N   . ALA A 1 98  ? -5.606  6.833   -3.547  1.00 8.05   ? 98  ALA A N   1 
ATOM   764  C  CA  . ALA A 1 98  ? -4.349  6.514   -4.238  1.00 13.30  ? 98  ALA A CA  1 
ATOM   765  C  C   . ALA A 1 98  ? -3.108  6.738   -3.319  1.00 20.78  ? 98  ALA A C   1 
ATOM   766  O  O   . ALA A 1 98  ? -2.087  6.010   -3.385  1.00 12.27  ? 98  ALA A O   1 
ATOM   767  C  CB  . ALA A 1 98  ? -4.175  7.448   -5.451  1.00 10.95  ? 98  ALA A CB  1 
ATOM   768  N  N   . ALA A 1 99  ? -3.132  7.782   -2.461  1.00 8.05   ? 99  ALA A N   1 
ATOM   769  C  CA  . ALA A 1 99  ? -1.991  8.061   -1.571  1.00 4.06   ? 99  ALA A CA  1 
ATOM   770  C  C   . ALA A 1 99  ? -1.822  6.944   -0.539  1.00 2.89   ? 99  ALA A C   1 
ATOM   771  O  O   . ALA A 1 99  ? -0.709  6.476   -0.207  1.00 11.77  ? 99  ALA A O   1 
ATOM   772  C  CB  . ALA A 1 99  ? -2.202  9.417   -0.826  1.00 7.57   ? 99  ALA A CB  1 
ATOM   773  N  N   . ILE A 1 100 ? -2.979  6.506   -0.020  1.00 6.44   ? 100 ILE A N   1 
ATOM   774  C  CA  . ILE A 1 100 ? -2.945  5.471   0.962   1.00 7.29   ? 100 ILE A CA  1 
ATOM   775  C  C   . ILE A 1 100 ? -2.413  4.178   0.342   1.00 15.55  ? 100 ILE A C   1 
ATOM   776  O  O   . ILE A 1 100 ? -1.626  3.447   0.942   1.00 11.37  ? 100 ILE A O   1 
ATOM   777  C  CB  . ILE A 1 100 ? -4.310  5.289   1.610   1.00 12.03  ? 100 ILE A CB  1 
ATOM   778  C  CG1 . ILE A 1 100 ? -4.753  6.570   2.339   1.00 9.98   ? 100 ILE A CG1 1 
ATOM   779  C  CG2 . ILE A 1 100 ? -4.266  4.118   2.576   1.00 7.39   ? 100 ILE A CG2 1 
ATOM   780  C  CD1 . ILE A 1 100 ? -6.237  6.574   2.610   1.00 3.98   ? 100 ILE A CD1 1 
ATOM   781  N  N   . ASN A 1 101 ? -2.844  3.896   -0.874  1.00 8.81   ? 101 ASN A N   1 
ATOM   782  C  CA  . ASN A 1 101 ? -2.369  2.689   -1.567  1.00 4.38   ? 101 ASN A CA  1 
ATOM   783  C  C   . ASN A 1 101 ? -0.877  2.615   -1.614  1.00 5.51   ? 101 ASN A C   1 
ATOM   784  O  O   . ASN A 1 101 ? -0.270  1.590   -1.323  1.00 9.86   ? 101 ASN A O   1 
ATOM   785  C  CB  . ASN A 1 101 ? -2.947  2.662   -2.995  1.00 16.80  ? 101 ASN A CB  1 
ATOM   786  C  CG  . ASN A 1 101 ? -2.927  1.286   -3.663  1.00 13.26  ? 101 ASN A CG  1 
ATOM   787  O  OD1 . ASN A 1 101 ? -1.828  0.700   -3.720  1.00 14.86  ? 101 ASN A OD1 1 
ATOM   788  N  ND2 . ASN A 1 101 ? -4.087  0.759   -4.126  1.00 9.95   ? 101 ASN A ND2 1 
ATOM   789  N  N   . GLN A 1 102 ? -0.309  3.680   -2.076  1.00 5.53   ? 102 GLN A N   1 
ATOM   790  C  CA  . GLN A 1 102 ? 1.117   3.750   -2.182  1.00 11.84  ? 102 GLN A CA  1 
ATOM   791  C  C   . GLN A 1 102 ? 1.817   3.521   -0.864  1.00 14.00  ? 102 GLN A C   1 
ATOM   792  O  O   . GLN A 1 102 ? 2.837   2.825   -0.830  1.00 13.43  ? 102 GLN A O   1 
ATOM   793  C  CB  . GLN A 1 102 ? 1.577   5.137   -2.713  1.00 13.73  ? 102 GLN A CB  1 
ATOM   794  C  CG  . GLN A 1 102 ? 2.100   5.225   -4.160  1.00 24.47  ? 102 GLN A CG  1 
ATOM   795  C  CD  . GLN A 1 102 ? 2.747   6.575   -4.477  1.00 21.36  ? 102 GLN A CD  1 
ATOM   796  O  OE1 . GLN A 1 102 ? 2.211   7.635   -4.117  1.00 15.84  ? 102 GLN A OE1 1 
ATOM   797  N  NE2 . GLN A 1 102 ? 3.951   6.568   -5.024  1.00 33.08  ? 102 GLN A NE2 1 
ATOM   798  N  N   . VAL A 1 103 ? 1.332   4.212   0.188   1.00 12.41  ? 103 VAL A N   1 
ATOM   799  C  CA  . VAL A 1 103 ? 1.950   4.089   1.489   1.00 10.39  ? 103 VAL A CA  1 
ATOM   800  C  C   . VAL A 1 103 ? 1.787   2.692   2.026   1.00 18.11  ? 103 VAL A C   1 
ATOM   801  O  O   . VAL A 1 103 ? 2.680   2.196   2.678   1.00 23.20  ? 103 VAL A O   1 
ATOM   802  C  CB  . VAL A 1 103 ? 1.487   5.140   2.516   1.00 16.30  ? 103 VAL A CB  1 
ATOM   803  C  CG1 . VAL A 1 103 ? 2.119   4.859   3.873   1.00 14.84  ? 103 VAL A CG1 1 
ATOM   804  C  CG2 . VAL A 1 103 ? 2.067   6.482   2.098   1.00 15.37  ? 103 VAL A CG2 1 
ATOM   805  N  N   . PHE A 1 104 ? 0.683   2.038   1.676   1.00 8.62   ? 104 PHE A N   1 
ATOM   806  C  CA  . PHE A 1 104 ? 0.448   0.698   2.125   1.00 10.00  ? 104 PHE A CA  1 
ATOM   807  C  C   . PHE A 1 104 ? 1.424   -0.241  1.500   1.00 13.18  ? 104 PHE A C   1 
ATOM   808  O  O   . PHE A 1 104 ? 1.893   -1.150  2.134   1.00 19.17  ? 104 PHE A O   1 
ATOM   809  C  CB  . PHE A 1 104 ? -0.965  0.302   1.667   1.00 12.01  ? 104 PHE A CB  1 
ATOM   810  C  CG  . PHE A 1 104 ? -1.389  -1.027  2.234   1.00 11.77  ? 104 PHE A CG  1 
ATOM   811  C  CD1 . PHE A 1 104 ? -2.192  -1.176  3.369   1.00 26.19  ? 104 PHE A CD1 1 
ATOM   812  C  CD2 . PHE A 1 104 ? -1.110  -2.186  1.518   1.00 8.15   ? 104 PHE A CD2 1 
ATOM   813  C  CE1 . PHE A 1 104 ? -2.673  -2.416  3.806   1.00 21.14  ? 104 PHE A CE1 1 
ATOM   814  C  CE2 . PHE A 1 104 ? -1.557  -3.434  1.954   1.00 21.89  ? 104 PHE A CE2 1 
ATOM   815  C  CZ  . PHE A 1 104 ? -2.351  -3.577  3.096   1.00 16.63  ? 104 PHE A CZ  1 
ATOM   816  N  N   . GLN A 1 105 ? 1.733   -0.017  0.239   1.00 13.67  ? 105 GLN A N   1 
ATOM   817  C  CA  . GLN A 1 105 ? 2.622   -0.884  -0.495  1.00 16.91  ? 105 GLN A CA  1 
ATOM   818  C  C   . GLN A 1 105 ? 4.084   -0.611  -0.209  1.00 23.48  ? 105 GLN A C   1 
ATOM   819  O  O   . GLN A 1 105 ? 4.913   -1.524  -0.182  1.00 18.51  ? 105 GLN A O   1 
ATOM   820  C  CB  . GLN A 1 105 ? 2.437   -0.616  -2.021  1.00 15.82  ? 105 GLN A CB  1 
ATOM   821  C  CG  . GLN A 1 105 ? 3.253   -1.601  -2.883  1.00 13.57  ? 105 GLN A CG  1 
ATOM   822  C  CD  . GLN A 1 105 ? 3.324   -1.297  -4.389  1.00 24.50  ? 105 GLN A CD  1 
ATOM   823  O  OE1 . GLN A 1 105 ? 2.613   -0.476  -4.959  1.00 17.47  ? 105 GLN A OE1 1 
ATOM   824  N  NE2 . GLN A 1 105 ? 4.196   -1.986  -5.086  1.00 10.17  ? 105 GLN A NE2 1 
ATOM   825  N  N   . MET A 1 106 ? 4.443   0.668   -0.053  1.00 14.81  ? 106 MET A N   1 
ATOM   826  C  CA  . MET A 1 106 ? 5.849   1.050   0.073   1.00 16.49  ? 106 MET A CA  1 
ATOM   827  C  C   . MET A 1 106 ? 6.366   1.688   1.378   1.00 20.94  ? 106 MET A C   1 
ATOM   828  O  O   . MET A 1 106 ? 7.580   1.882   1.557   1.00 26.85  ? 106 MET A O   1 
ATOM   829  C  CB  . MET A 1 106 ? 6.371   1.666   -1.295  1.00 18.57  ? 106 MET A CB  1 
ATOM   830  C  CG  . MET A 1 106 ? 6.019   3.079   -1.743  1.00 29.08  ? 106 MET A CG  1 
ATOM   831  S  SD  . MET A 1 106 ? 6.468   3.356   -3.492  1.00 32.01  ? 106 MET A SD  1 
ATOM   832  C  CE  . MET A 1 106 ? 6.162   5.120   -3.665  1.00 56.96  ? 106 MET A CE  1 
ATOM   833  N  N   . GLY A 1 107 ? 5.477   2.034   2.295   1.00 23.04  ? 107 GLY A N   1 
ATOM   834  C  CA  . GLY A 1 107 ? 5.944   2.696   3.494   1.00 13.03  ? 107 GLY A CA  1 
ATOM   835  C  C   . GLY A 1 107 ? 6.015   4.201   3.275   1.00 17.32  ? 107 GLY A C   1 
ATOM   836  O  O   . GLY A 1 107 ? 6.137   4.725   2.150   1.00 25.04  ? 107 GLY A O   1 
ATOM   837  N  N   . GLU A 1 108 ? 5.920   4.880   4.407   1.00 25.91  ? 108 GLU A N   1 
ATOM   838  C  CA  . GLU A 1 108 ? 5.878   6.330   4.525   1.00 32.67  ? 108 GLU A CA  1 
ATOM   839  C  C   . GLU A 1 108 ? 7.192   6.961   4.151   1.00 38.29  ? 108 GLU A C   1 
ATOM   840  O  O   . GLU A 1 108 ? 7.357   8.119   3.708   1.00 42.81  ? 108 GLU A O   1 
ATOM   841  C  CB  . GLU A 1 108 ? 5.235   6.762   5.857   1.00 29.65  ? 108 GLU A CB  1 
ATOM   842  C  CG  . GLU A 1 108 ? 6.158   7.418   6.894   1.00 45.91  ? 108 GLU A CG  1 
ATOM   843  C  CD  . GLU A 1 108 ? 5.479   7.291   8.224   1.00 100.00 ? 108 GLU A CD  1 
ATOM   844  O  OE1 . GLU A 1 108 ? 4.986   6.228   8.573   1.00 100.00 ? 108 GLU A OE1 1 
ATOM   845  O  OE2 . GLU A 1 108 ? 5.393   8.431   8.887   1.00 100.00 ? 108 GLU A OE2 1 
ATOM   846  N  N   . THR A 1 109 ? 8.128   6.065   4.279   1.00 49.23  ? 109 THR A N   1 
ATOM   847  C  CA  . THR A 1 109 ? 9.514   6.288   3.961   1.00 49.80  ? 109 THR A CA  1 
ATOM   848  C  C   . THR A 1 109 ? 9.719   6.485   2.454   1.00 58.77  ? 109 THR A C   1 
ATOM   849  O  O   . THR A 1 109 ? 10.156  7.549   1.978   1.00 58.96  ? 109 THR A O   1 
ATOM   850  C  CB  . THR A 1 109 ? 10.202  5.004   4.400   1.00 88.76  ? 109 THR A CB  1 
ATOM   851  O  OG1 . THR A 1 109 ? 9.223   3.995   4.683   1.00 64.10  ? 109 THR A OG1 1 
ATOM   852  C  CG2 . THR A 1 109 ? 10.980  5.405   5.631   1.00 43.02  ? 109 THR A CG2 1 
ATOM   853  N  N   . GLY A 1 110 ? 9.409   5.398   1.726   1.00 41.04  ? 110 GLY A N   1 
ATOM   854  C  CA  . GLY A 1 110 ? 9.453   5.360   0.280   1.00 43.00  ? 110 GLY A CA  1 
ATOM   855  C  C   . GLY A 1 110 ? 8.795   6.632   -0.253  1.00 39.80  ? 110 GLY A C   1 
ATOM   856  O  O   . GLY A 1 110 ? 9.416   7.492   -0.850  1.00 53.31  ? 110 GLY A O   1 
ATOM   857  N  N   . VAL A 1 111 ? 7.540   6.791   0.057   1.00 36.65  ? 111 VAL A N   1 
ATOM   858  C  CA  . VAL A 1 111 ? 6.785   7.923   -0.393  1.00 36.94  ? 111 VAL A CA  1 
ATOM   859  C  C   . VAL A 1 111 ? 7.342   9.260   0.008   1.00 49.74  ? 111 VAL A C   1 
ATOM   860  O  O   . VAL A 1 111 ? 7.332   10.193  -0.817  1.00 35.81  ? 111 VAL A O   1 
ATOM   861  C  CB  . VAL A 1 111 ? 5.325   7.732   -0.053  1.00 42.99  ? 111 VAL A CB  1 
ATOM   862  C  CG1 . VAL A 1 111 ? 4.530   8.857   -0.684  1.00 54.29  ? 111 VAL A CG1 1 
ATOM   863  C  CG2 . VAL A 1 111 ? 4.937   6.392   -0.700  1.00 40.78  ? 111 VAL A CG2 1 
ATOM   864  N  N   . ALA A 1 112 ? 7.836   9.351   1.258   1.00 43.70  ? 112 ALA A N   1 
ATOM   865  C  CA  . ALA A 1 112 ? 8.427   10.610  1.707   1.00 47.29  ? 112 ALA A CA  1 
ATOM   866  C  C   . ALA A 1 112 ? 9.568   11.212  0.805   1.00 66.94  ? 112 ALA A C   1 
ATOM   867  O  O   . ALA A 1 112 ? 9.834   12.434  0.813   1.00 55.38  ? 112 ALA A O   1 
ATOM   868  C  CB  . ALA A 1 112 ? 8.491   10.790  3.233   1.00 34.90  ? 112 ALA A CB  1 
ATOM   869  N  N   . GLY A 1 113 ? 10.225  10.373  -0.039  1.00 44.90  ? 113 GLY A N   1 
ATOM   870  C  CA  . GLY A 1 113 ? 11.282  10.819  -0.970  1.00 67.90  ? 113 GLY A CA  1 
ATOM   871  C  C   . GLY A 1 113 ? 10.870  11.113  -2.457  1.00 77.98  ? 113 GLY A C   1 
ATOM   872  O  O   . GLY A 1 113 ? 11.708  11.263  -3.358  1.00 67.25  ? 113 GLY A O   1 
ATOM   873  N  N   . PHE A 1 114 ? 9.556   11.182  -2.698  1.00 33.44  ? 114 PHE A N   1 
ATOM   874  C  CA  . PHE A 1 114 ? 8.965   11.474  -3.970  1.00 16.58  ? 114 PHE A CA  1 
ATOM   875  C  C   . PHE A 1 114 ? 8.651   12.960  -3.929  1.00 19.22  ? 114 PHE A C   1 
ATOM   876  O  O   . PHE A 1 114 ? 7.605   13.475  -4.247  1.00 22.75  ? 114 PHE A O   1 
ATOM   877  C  CB  . PHE A 1 114 ? 7.709   10.610  -4.111  1.00 18.30  ? 114 PHE A CB  1 
ATOM   878  C  CG  . PHE A 1 114 ? 7.878   9.225   -4.745  1.00 26.60  ? 114 PHE A CG  1 
ATOM   879  C  CD1 . PHE A 1 114 ? 8.683   8.244   -4.163  1.00 38.31  ? 114 PHE A CD1 1 
ATOM   880  C  CD2 . PHE A 1 114 ? 7.206   8.854   -5.910  1.00 34.56  ? 114 PHE A CD2 1 
ATOM   881  C  CE1 . PHE A 1 114 ? 8.779   6.970   -4.723  1.00 24.16  ? 114 PHE A CE1 1 
ATOM   882  C  CE2 . PHE A 1 114 ? 7.295   7.598   -6.509  1.00 36.79  ? 114 PHE A CE2 1 
ATOM   883  C  CZ  . PHE A 1 114 ? 8.105   6.645   -5.899  1.00 44.02  ? 114 PHE A CZ  1 
ATOM   884  N  N   . THR A 1 115 ? 9.635   13.672  -3.487  1.00 10.95  ? 115 THR A N   1 
ATOM   885  C  CA  . THR A 1 115 ? 9.610   15.106  -3.345  1.00 10.47  ? 115 THR A CA  1 
ATOM   886  C  C   . THR A 1 115 ? 9.061   15.921  -4.488  1.00 23.31  ? 115 THR A C   1 
ATOM   887  O  O   . THR A 1 115 ? 8.169   16.738  -4.332  1.00 16.70  ? 115 THR A O   1 
ATOM   888  C  CB  . THR A 1 115 ? 11.078  15.444  -3.119  1.00 32.21  ? 115 THR A CB  1 
ATOM   889  O  OG1 . THR A 1 115 ? 11.393  14.963  -1.831  1.00 47.00  ? 115 THR A OG1 1 
ATOM   890  C  CG2 . THR A 1 115 ? 11.191  16.943  -3.145  1.00 41.26  ? 115 THR A CG2 1 
ATOM   891  N  N   . ASN A 1 116 ? 9.603   15.714  -5.663  1.00 14.62  ? 116 ASN A N   1 
ATOM   892  C  CA  . ASN A 1 116 ? 9.088   16.434  -6.804  1.00 20.33  ? 116 ASN A CA  1 
ATOM   893  C  C   . ASN A 1 116 ? 7.657   16.021  -7.061  1.00 18.88  ? 116 ASN A C   1 
ATOM   894  O  O   . ASN A 1 116 ? 6.789   16.812  -7.429  1.00 17.45  ? 116 ASN A O   1 
ATOM   895  C  CB  . ASN A 1 116 ? 9.959   16.146  -8.063  1.00 15.00  ? 116 ASN A CB  1 
ATOM   896  C  CG  . ASN A 1 116 ? 11.388  16.579  -7.756  1.00 31.60  ? 116 ASN A CG  1 
ATOM   897  O  OD1 . ASN A 1 116 ? 11.551  17.634  -7.139  1.00 36.11  ? 116 ASN A OD1 1 
ATOM   898  N  ND2 . ASN A 1 116 ? 12.418  15.786  -8.099  1.00 21.91  ? 116 ASN A ND2 1 
ATOM   899  N  N   . SER A 1 117 ? 7.353   14.763  -6.884  1.00 14.05  ? 117 SER A N   1 
ATOM   900  C  CA  . SER A 1 117 ? 5.937   14.431  -7.188  1.00 10.68  ? 117 SER A CA  1 
ATOM   901  C  C   . SER A 1 117 ? 5.017   15.033  -6.163  1.00 19.17  ? 117 SER A C   1 
ATOM   902  O  O   . SER A 1 117 ? 3.883   15.405  -6.476  1.00 11.88  ? 117 SER A O   1 
ATOM   903  C  CB  . SER A 1 117 ? 5.623   12.966  -7.169  1.00 14.57  ? 117 SER A CB  1 
ATOM   904  O  OG  . SER A 1 117 ? 6.382   12.308  -8.139  1.00 35.34  ? 117 SER A OG  1 
ATOM   905  N  N   . LEU A 1 118 ? 5.546   15.099  -4.930  1.00 13.22  ? 118 LEU A N   1 
ATOM   906  C  CA  . LEU A 1 118 ? 4.762   15.648  -3.838  1.00 14.43  ? 118 LEU A CA  1 
ATOM   907  C  C   . LEU A 1 118 ? 4.324   17.042  -4.182  1.00 14.10  ? 118 LEU A C   1 
ATOM   908  O  O   . LEU A 1 118 ? 3.166   17.512  -4.086  1.00 13.08  ? 118 LEU A O   1 
ATOM   909  C  CB  . LEU A 1 118 ? 5.627   15.666  -2.554  1.00 15.64  ? 118 LEU A CB  1 
ATOM   910  C  CG  . LEU A 1 118 ? 5.675   14.305  -1.812  1.00 15.71  ? 118 LEU A CG  1 
ATOM   911  C  CD1 . LEU A 1 118 ? 6.591   14.473  -0.608  1.00 20.73  ? 118 LEU A CD1 1 
ATOM   912  C  CD2 . LEU A 1 118 ? 4.289   13.832  -1.313  1.00 24.70  ? 118 LEU A CD2 1 
ATOM   913  N  N   . ARG A 1 119 ? 5.327   17.764  -4.590  1.00 15.76  ? 119 ARG A N   1 
ATOM   914  C  CA  . ARG A 1 119 ? 5.040   19.148  -4.927  1.00 21.54  ? 119 ARG A CA  1 
ATOM   915  C  C   . ARG A 1 119 ? 4.029   19.262  -6.054  1.00 32.36  ? 119 ARG A C   1 
ATOM   916  O  O   . ARG A 1 119 ? 3.183   20.151  -5.990  1.00 25.12  ? 119 ARG A O   1 
ATOM   917  C  CB  . ARG A 1 119 ? 6.261   19.994  -5.351  1.00 13.43  ? 119 ARG A CB  1 
ATOM   918  C  CG  . ARG A 1 119 ? 7.593   19.514  -4.768  1.00 100.00 ? 119 ARG A CG  1 
ATOM   919  C  CD  . ARG A 1 119 ? 8.772   20.332  -5.314  1.00 100.00 ? 119 ARG A CD  1 
ATOM   920  N  NE  . ARG A 1 119 ? 8.317   21.282  -6.340  1.00 100.00 ? 119 ARG A NE  1 
ATOM   921  C  CZ  . ARG A 1 119 ? 8.527   21.164  -7.662  1.00 100.00 ? 119 ARG A CZ  1 
ATOM   922  N  NH1 . ARG A 1 119 ? 9.230   20.133  -8.169  1.00 100.00 ? 119 ARG A NH1 1 
ATOM   923  N  NH2 . ARG A 1 119 ? 8.022   22.108  -8.485  1.00 100.00 ? 119 ARG A NH2 1 
ATOM   924  N  N   . MET A 1 120 ? 4.164   18.420  -7.105  1.00 20.41  ? 120 MET A N   1 
ATOM   925  C  CA  . MET A 1 120 ? 3.271   18.542  -8.232  1.00 14.72  ? 120 MET A CA  1 
ATOM   926  C  C   . MET A 1 120 ? 1.868   18.225  -7.854  1.00 10.57  ? 120 MET A C   1 
ATOM   927  O  O   . MET A 1 120 ? 0.926   18.841  -8.319  1.00 14.11  ? 120 MET A O   1 
ATOM   928  C  CB  . MET A 1 120 ? 3.734   17.690  -9.409  1.00 10.47  ? 120 MET A CB  1 
ATOM   929  C  CG  . MET A 1 120 ? 5.004   18.270  -10.004 1.00 22.39  ? 120 MET A CG  1 
ATOM   930  S  SD  . MET A 1 120 ? 5.628   17.063  -11.198 1.00 34.24  ? 120 MET A SD  1 
ATOM   931  C  CE  . MET A 1 120 ? 7.418   17.252  -11.342 1.00 29.06  ? 120 MET A CE  1 
ATOM   932  N  N   . LEU A 1 121 ? 1.740   17.210  -7.013  1.00 9.15   ? 121 LEU A N   1 
ATOM   933  C  CA  . LEU A 1 121 ? 0.376   16.851  -6.602  1.00 13.86  ? 121 LEU A CA  1 
ATOM   934  C  C   . LEU A 1 121 ? -0.220  18.006  -5.773  1.00 21.83  ? 121 LEU A C   1 
ATOM   935  O  O   . LEU A 1 121 ? -1.403  18.387  -5.858  1.00 12.60  ? 121 LEU A O   1 
ATOM   936  C  CB  . LEU A 1 121 ? 0.488   15.595  -5.731  1.00 15.05  ? 121 LEU A CB  1 
ATOM   937  C  CG  . LEU A 1 121 ? 0.699   14.333  -6.564  1.00 19.46  ? 121 LEU A CG  1 
ATOM   938  C  CD1 . LEU A 1 121 ? 0.962   13.161  -5.642  1.00 33.27  ? 121 LEU A CD1 1 
ATOM   939  C  CD2 . LEU A 1 121 ? -0.543  14.047  -7.373  1.00 11.37  ? 121 LEU A CD2 1 
ATOM   940  N  N   . GLN A 1 122 ? 0.611   18.552  -4.907  1.00 5.23   ? 122 GLN A N   1 
ATOM   941  C  CA  . GLN A 1 122 ? 0.099   19.625  -4.101  1.00 18.78  ? 122 GLN A CA  1 
ATOM   942  C  C   . GLN A 1 122 ? -0.340  20.810  -4.987  1.00 27.09  ? 122 GLN A C   1 
ATOM   943  O  O   . GLN A 1 122 ? -1.330  21.493  -4.762  1.00 14.18  ? 122 GLN A O   1 
ATOM   944  C  CB  . GLN A 1 122 ? 1.181   20.071  -3.153  1.00 12.67  ? 122 GLN A CB  1 
ATOM   945  C  CG  . GLN A 1 122 ? 0.578   21.005  -2.113  1.00 26.21  ? 122 GLN A CG  1 
ATOM   946  C  CD  . GLN A 1 122 ? 1.665   21.398  -1.162  1.00 74.27  ? 122 GLN A CD  1 
ATOM   947  O  OE1 . GLN A 1 122 ? 2.869   21.348  -1.510  1.00 88.78  ? 122 GLN A OE1 1 
ATOM   948  N  NE2 . GLN A 1 122 ? 1.218   21.753  0.038   1.00 34.81  ? 122 GLN A NE2 1 
ATOM   949  N  N   . GLN A 1 123 ? 0.405   21.076  -6.034  1.00 10.00  ? 123 GLN A N   1 
ATOM   950  C  CA  . GLN A 1 123 ? -0.004  22.123  -6.944  1.00 9.95   ? 123 GLN A CA  1 
ATOM   951  C  C   . GLN A 1 123 ? -1.087  21.723  -7.878  1.00 22.08  ? 123 GLN A C   1 
ATOM   952  O  O   . GLN A 1 123 ? -1.486  22.576  -8.661  1.00 21.95  ? 123 GLN A O   1 
ATOM   953  C  CB  . GLN A 1 123 ? 1.102   22.412  -7.908  1.00 11.67  ? 123 GLN A CB  1 
ATOM   954  C  CG  . GLN A 1 123 ? 2.153   23.181  -7.153  1.00 21.30  ? 123 GLN A CG  1 
ATOM   955  C  CD  . GLN A 1 123 ? 3.323   23.407  -8.077  1.00 43.59  ? 123 GLN A CD  1 
ATOM   956  O  OE1 . GLN A 1 123 ? 4.020   24.373  -7.876  1.00 29.10  ? 123 GLN A OE1 1 
ATOM   957  N  NE2 . GLN A 1 123 ? 3.535   22.538  -9.076  1.00 62.57  ? 123 GLN A NE2 1 
ATOM   958  N  N   . LYS A 1 124 ? -1.529  20.462  -7.844  1.00 21.32  ? 124 LYS A N   1 
ATOM   959  C  CA  . LYS A 1 124 ? -2.611  19.960  -8.724  1.00 8.99   ? 124 LYS A CA  1 
ATOM   960  C  C   . LYS A 1 124 ? -2.240  19.898  -10.227 1.00 19.96  ? 124 LYS A C   1 
ATOM   961  O  O   . LYS A 1 124 ? -3.085  20.040  -11.114 1.00 14.14  ? 124 LYS A O   1 
ATOM   962  C  CB  . LYS A 1 124 ? -4.019  20.624  -8.518  1.00 17.37  ? 124 LYS A CB  1 
ATOM   963  C  CG  . LYS A 1 124 ? -4.422  20.640  -7.047  1.00 17.53  ? 124 LYS A CG  1 
ATOM   964  C  CD  . LYS A 1 124 ? -5.910  20.893  -6.774  1.00 23.27  ? 124 LYS A CD  1 
ATOM   965  C  CE  . LYS A 1 124 ? -6.310  20.709  -5.292  1.00 8.86   ? 124 LYS A CE  1 
ATOM   966  N  NZ  . LYS A 1 124 ? -6.158  19.326  -4.832  1.00 16.78  ? 124 LYS A NZ  1 
ATOM   967  N  N   . ARG A 1 125 ? -0.963  19.666  -10.519 1.00 10.91  ? 125 ARG A N   1 
ATOM   968  C  CA  . ARG A 1 125 ? -0.435  19.484  -11.888 1.00 7.50   ? 125 ARG A CA  1 
ATOM   969  C  C   . ARG A 1 125 ? -0.441  17.960  -12.152 1.00 9.00   ? 125 ARG A C   1 
ATOM   970  O  O   . ARG A 1 125 ? 0.587   17.279  -12.176 1.00 11.89  ? 125 ARG A O   1 
ATOM   971  C  CB  . ARG A 1 125 ? 1.004   20.061  -11.859 1.00 17.14  ? 125 ARG A CB  1 
ATOM   972  C  CG  . ARG A 1 125 ? 1.144   21.593  -11.667 1.00 16.36  ? 125 ARG A CG  1 
ATOM   973  C  CD  . ARG A 1 125 ? 2.665   21.891  -11.608 1.00 17.38  ? 125 ARG A CD  1 
ATOM   974  N  NE  . ARG A 1 125 ? 3.212   23.192  -11.967 1.00 65.49  ? 125 ARG A NE  1 
ATOM   975  C  CZ  . ARG A 1 125 ? 2.634   24.391  -11.734 1.00 100.00 ? 125 ARG A CZ  1 
ATOM   976  N  NH1 . ARG A 1 125 ? 1.423   24.555  -11.152 1.00 100.00 ? 125 ARG A NH1 1 
ATOM   977  N  NH2 . ARG A 1 125 ? 3.305   25.479  -12.121 1.00 100.00 ? 125 ARG A NH2 1 
ATOM   978  N  N   . TRP A 1 126 ? -1.658  17.438  -12.349 1.00 14.63  ? 126 TRP A N   1 
ATOM   979  C  CA  . TRP A 1 126 ? -1.937  16.036  -12.510 1.00 9.26   ? 126 TRP A CA  1 
ATOM   980  C  C   . TRP A 1 126 ? -1.121  15.302  -13.521 1.00 13.76  ? 126 TRP A C   1 
ATOM   981  O  O   . TRP A 1 126 ? -0.512  14.277  -13.277 1.00 12.92  ? 126 TRP A O   1 
ATOM   982  C  CB  . TRP A 1 126 ? -3.437  15.800  -12.740 1.00 6.50   ? 126 TRP A CB  1 
ATOM   983  C  CG  . TRP A 1 126 ? -4.277  16.531  -11.700 1.00 10.60  ? 126 TRP A CG  1 
ATOM   984  C  CD1 . TRP A 1 126 ? -5.391  17.306  -11.945 1.00 10.93  ? 126 TRP A CD1 1 
ATOM   985  C  CD2 . TRP A 1 126 ? -4.202  16.458  -10.258 1.00 8.39   ? 126 TRP A CD2 1 
ATOM   986  N  NE1 . TRP A 1 126 ? -5.974  17.750  -10.774 1.00 6.20   ? 126 TRP A NE1 1 
ATOM   987  C  CE2 . TRP A 1 126 ? -5.292  17.245  -9.739  1.00 7.80   ? 126 TRP A CE2 1 
ATOM   988  C  CE3 . TRP A 1 126 ? -3.342  15.788  -9.342  1.00 10.57  ? 126 TRP A CE3 1 
ATOM   989  C  CZ2 . TRP A 1 126 ? -5.502  17.401  -8.372  1.00 13.07  ? 126 TRP A CZ2 1 
ATOM   990  C  CZ3 . TRP A 1 126 ? -3.522  15.988  -7.969  1.00 11.36  ? 126 TRP A CZ3 1 
ATOM   991  C  CH2 . TRP A 1 126 ? -4.596  16.790  -7.509  1.00 17.00  ? 126 TRP A CH2 1 
ATOM   992  N  N   . ASP A 1 127 ? -1.137  15.818  -14.713 1.00 12.26  ? 127 ASP A N   1 
ATOM   993  C  CA  . ASP A 1 127 ? -0.383  15.132  -15.732 1.00 9.82   ? 127 ASP A CA  1 
ATOM   994  C  C   . ASP A 1 127 ? 1.092   15.217  -15.475 1.00 16.44  ? 127 ASP A C   1 
ATOM   995  O  O   . ASP A 1 127 ? 1.853   14.297  -15.732 1.00 16.68  ? 127 ASP A O   1 
ATOM   996  C  CB  . ASP A 1 127 ? -0.742  15.644  -17.131 1.00 17.97  ? 127 ASP A CB  1 
ATOM   997  C  CG  . ASP A 1 127 ? -2.177  15.336  -17.529 1.00 21.55  ? 127 ASP A CG  1 
ATOM   998  O  OD1 . ASP A 1 127 ? -3.095  14.908  -16.824 1.00 32.88  ? 127 ASP A OD1 1 
ATOM   999  O  OD2 . ASP A 1 127 ? -2.314  15.640  -18.767 1.00 35.19  ? 127 ASP A OD2 1 
ATOM   1000 N  N   . GLU A 1 128 ? 1.527   16.330  -14.939 1.00 9.53   ? 128 GLU A N   1 
ATOM   1001 C  CA  . GLU A 1 128 ? 2.928   16.403  -14.668 1.00 10.74  ? 128 GLU A CA  1 
ATOM   1002 C  C   . GLU A 1 128 ? 3.359   15.426  -13.614 1.00 13.26  ? 128 GLU A C   1 
ATOM   1003 O  O   . GLU A 1 128 ? 4.389   14.742  -13.790 1.00 16.94  ? 128 GLU A O   1 
ATOM   1004 C  CB  . GLU A 1 128 ? 3.359   17.806  -14.293 1.00 18.84  ? 128 GLU A CB  1 
ATOM   1005 C  CG  . GLU A 1 128 ? 3.485   18.666  -15.564 1.00 18.30  ? 128 GLU A CG  1 
ATOM   1006 C  CD  . GLU A 1 128 ? 3.439   20.114  -15.207 1.00 90.57  ? 128 GLU A CD  1 
ATOM   1007 O  OE1 . GLU A 1 128 ? 4.411   20.766  -14.833 1.00 98.87  ? 128 GLU A OE1 1 
ATOM   1008 O  OE2 . GLU A 1 128 ? 2.200   20.528  -15.243 1.00 35.55  ? 128 GLU A OE2 1 
ATOM   1009 N  N   . ALA A 1 129 ? 2.569   15.356  -12.539 1.00 14.51  ? 129 ALA A N   1 
ATOM   1010 C  CA  . ALA A 1 129 ? 2.867   14.402  -11.472 1.00 12.54  ? 129 ALA A CA  1 
ATOM   1011 C  C   . ALA A 1 129 ? 2.865   12.925  -11.969 1.00 10.53  ? 129 ALA A C   1 
ATOM   1012 O  O   . ALA A 1 129 ? 3.725   12.107  -11.582 1.00 12.76  ? 129 ALA A O   1 
ATOM   1013 C  CB  . ALA A 1 129 ? 1.866   14.602  -10.367 1.00 9.80   ? 129 ALA A CB  1 
ATOM   1014 N  N   . ALA A 1 130 ? 1.886   12.607  -12.833 1.00 9.06   ? 130 ALA A N   1 
ATOM   1015 C  CA  . ALA A 1 130 ? 1.753   11.286  -13.407 1.00 9.37   ? 130 ALA A CA  1 
ATOM   1016 C  C   . ALA A 1 130 ? 3.024   10.865  -14.121 1.00 13.07  ? 130 ALA A C   1 
ATOM   1017 O  O   . ALA A 1 130 ? 3.564   9.808   -13.836 1.00 16.39  ? 130 ALA A O   1 
ATOM   1018 C  CB  . ALA A 1 130 ? 0.531   11.215  -14.274 1.00 11.73  ? 130 ALA A CB  1 
ATOM   1019 N  N   . VAL A 1 131 ? 3.580   11.728  -14.998 1.00 10.63  ? 131 VAL A N   1 
ATOM   1020 C  CA  . VAL A 1 131 ? 4.834   11.434  -15.651 1.00 15.55  ? 131 VAL A CA  1 
ATOM   1021 C  C   . VAL A 1 131 ? 5.976   11.243  -14.642 1.00 16.53  ? 131 VAL A C   1 
ATOM   1022 O  O   . VAL A 1 131 ? 6.760   10.307  -14.694 1.00 15.36  ? 131 VAL A O   1 
ATOM   1023 C  CB  . VAL A 1 131 ? 5.182   12.561  -16.620 1.00 23.33  ? 131 VAL A CB  1 
ATOM   1024 C  CG1 . VAL A 1 131 ? 6.651   12.515  -17.008 1.00 17.81  ? 131 VAL A CG1 1 
ATOM   1025 C  CG2 . VAL A 1 131 ? 4.321   12.437  -17.856 1.00 17.19  ? 131 VAL A CG2 1 
ATOM   1026 N  N   . ASN A 1 132 ? 6.073   12.145  -13.687 1.00 17.51  ? 132 ASN A N   1 
ATOM   1027 C  CA  . ASN A 1 132 ? 7.122   12.048  -12.697 1.00 9.48   ? 132 ASN A CA  1 
ATOM   1028 C  C   . ASN A 1 132 ? 7.036   10.765  -11.896 1.00 14.83  ? 132 ASN A C   1 
ATOM   1029 O  O   . ASN A 1 132 ? 7.988   10.049  -11.576 1.00 8.70   ? 132 ASN A O   1 
ATOM   1030 C  CB  . ASN A 1 132 ? 6.985   13.255  -11.754 1.00 11.27  ? 132 ASN A CB  1 
ATOM   1031 C  CG  . ASN A 1 132 ? 8.194   13.389  -10.846 1.00 15.57  ? 132 ASN A CG  1 
ATOM   1032 O  OD1 . ASN A 1 132 ? 8.227   12.974  -9.686  1.00 16.50  ? 132 ASN A OD1 1 
ATOM   1033 N  ND2 . ASN A 1 132 ? 9.297   13.768  -11.402 1.00 17.30  ? 132 ASN A ND2 1 
ATOM   1034 N  N   . LEU A 1 133 ? 5.818   10.451  -11.545 1.00 10.24  ? 133 LEU A N   1 
ATOM   1035 C  CA  . LEU A 1 133 ? 5.695   9.240   -10.738 1.00 12.48  ? 133 LEU A CA  1 
ATOM   1036 C  C   . LEU A 1 133 ? 6.151   7.962   -11.482 1.00 13.78  ? 133 LEU A C   1 
ATOM   1037 O  O   . LEU A 1 133 ? 6.557   6.968   -10.858 1.00 13.05  ? 133 LEU A O   1 
ATOM   1038 C  CB  . LEU A 1 133 ? 4.196   9.016   -10.234 1.00 18.09  ? 133 LEU A CB  1 
ATOM   1039 C  CG  . LEU A 1 133 ? 3.705   9.829   -8.992  1.00 12.85  ? 133 LEU A CG  1 
ATOM   1040 C  CD1 . LEU A 1 133 ? 2.170   9.909   -8.994  1.00 14.47  ? 133 LEU A CD1 1 
ATOM   1041 C  CD2 . LEU A 1 133 ? 4.155   9.199   -7.691  1.00 15.15  ? 133 LEU A CD2 1 
ATOM   1042 N  N   . ALA A 1 134 ? 6.047   7.932   -12.810 1.00 15.95  ? 134 ALA A N   1 
ATOM   1043 C  CA  . ALA A 1 134 ? 6.403   6.741   -13.597 1.00 13.84  ? 134 ALA A CA  1 
ATOM   1044 C  C   . ALA A 1 134 ? 7.899   6.568   -13.711 1.00 10.27  ? 134 ALA A C   1 
ATOM   1045 O  O   . ALA A 1 134 ? 8.348   5.503   -14.044 1.00 17.69  ? 134 ALA A O   1 
ATOM   1046 C  CB  . ALA A 1 134 ? 5.727   6.761   -14.970 1.00 16.99  ? 134 ALA A CB  1 
ATOM   1047 N  N   . LYS A 1 135 ? 8.659   7.638   -13.444 1.00 9.53   ? 135 LYS A N   1 
ATOM   1048 C  CA  . LYS A 1 135 ? 10.116  7.560   -13.455 1.00 10.29  ? 135 LYS A CA  1 
ATOM   1049 C  C   . LYS A 1 135 ? 10.610  7.087   -12.101 1.00 8.69   ? 135 LYS A C   1 
ATOM   1050 O  O   . LYS A 1 135 ? 11.171  7.819   -11.277 1.00 15.20  ? 135 LYS A O   1 
ATOM   1051 C  CB  . LYS A 1 135 ? 10.659  8.921   -13.842 1.00 13.69  ? 135 LYS A CB  1 
ATOM   1052 C  CG  . LYS A 1 135 ? 10.053  9.423   -15.169 1.00 17.04  ? 135 LYS A CG  1 
ATOM   1053 C  CD  . LYS A 1 135 ? 10.723  10.617  -15.884 1.00 23.39  ? 135 LYS A CD  1 
ATOM   1054 C  CE  . LYS A 1 135 ? 10.529  12.018  -15.287 1.00 100.00 ? 135 LYS A CE  1 
ATOM   1055 N  NZ  . LYS A 1 135 ? 11.420  13.077  -15.831 1.00 100.00 ? 135 LYS A NZ  1 
ATOM   1056 N  N   . SER A 1 136 ? 10.336  5.816   -11.821 1.00 7.39   ? 136 SER A N   1 
ATOM   1057 C  CA  . SER A 1 136 ? 10.611  5.289   -10.501 1.00 12.46  ? 136 SER A CA  1 
ATOM   1058 C  C   . SER A 1 136 ? 10.786  3.806   -10.533 1.00 19.11  ? 136 SER A C   1 
ATOM   1059 O  O   . SER A 1 136 ? 10.295  3.122   -11.414 1.00 12.25  ? 136 SER A O   1 
ATOM   1060 C  CB  . SER A 1 136 ? 9.464   5.570   -9.524  1.00 12.82  ? 136 SER A CB  1 
ATOM   1061 O  OG  . SER A 1 136 ? 8.249   4.944   -9.977  1.00 10.00  ? 136 SER A OG  1 
ATOM   1062 N  N   . ARG A 1 137 ? 11.529  3.296   -9.575  1.00 9.10   ? 137 ARG A N   1 
ATOM   1063 C  CA  . ARG A 1 137 ? 11.732  1.871   -9.552  1.00 10.83  ? 137 ARG A CA  1 
ATOM   1064 C  C   . ARG A 1 137 ? 10.376  1.222   -9.307  1.00 14.08  ? 137 ARG A C   1 
ATOM   1065 O  O   . ARG A 1 137 ? 10.092  0.137   -9.801  1.00 9.93   ? 137 ARG A O   1 
ATOM   1066 C  CB  . ARG A 1 137 ? 12.609  1.547   -8.346  1.00 16.69  ? 137 ARG A CB  1 
ATOM   1067 C  CG  . ARG A 1 137 ? 12.712  0.038   -8.257  1.00 16.40  ? 137 ARG A CG  1 
ATOM   1068 C  CD  . ARG A 1 137 ? 13.324  -0.428  -6.938  1.00 25.24  ? 137 ARG A CD  1 
ATOM   1069 N  NE  . ARG A 1 137 ? 13.730  -1.849  -6.928  1.00 33.77  ? 137 ARG A NE  1 
ATOM   1070 C  CZ  . ARG A 1 137 ? 13.066  -2.880  -6.378  1.00 95.72  ? 137 ARG A CZ  1 
ATOM   1071 N  NH1 . ARG A 1 137 ? 11.898  -2.751  -5.756  1.00 23.84  ? 137 ARG A NH1 1 
ATOM   1072 N  NH2 . ARG A 1 137 ? 13.580  -4.105  -6.466  1.00 44.55  ? 137 ARG A NH2 1 
ATOM   1073 N  N   . TRP A 1 138 ? 9.532   1.912   -8.484  1.00 9.97   ? 138 TRP A N   1 
ATOM   1074 C  CA  . TRP A 1 138 ? 8.190   1.404   -8.136  1.00 9.97   ? 138 TRP A CA  1 
ATOM   1075 C  C   . TRP A 1 138 ? 7.389   1.077   -9.404  1.00 14.83  ? 138 TRP A C   1 
ATOM   1076 O  O   . TRP A 1 138 ? 6.833   -0.021  -9.591  1.00 17.03  ? 138 TRP A O   1 
ATOM   1077 C  CB  . TRP A 1 138 ? 7.468   2.536   -7.388  1.00 17.56  ? 138 TRP A CB  1 
ATOM   1078 C  CG  . TRP A 1 138 ? 5.970   2.317   -7.262  1.00 12.19  ? 138 TRP A CG  1 
ATOM   1079 C  CD1 . TRP A 1 138 ? 5.367   1.315   -6.558  1.00 11.42  ? 138 TRP A CD1 1 
ATOM   1080 C  CD2 . TRP A 1 138 ? 4.935   3.243   -7.601  1.00 7.79   ? 138 TRP A CD2 1 
ATOM   1081 N  NE1 . TRP A 1 138 ? 3.995   1.491   -6.584  1.00 11.99  ? 138 TRP A NE1 1 
ATOM   1082 C  CE2 . TRP A 1 138 ? 3.715   2.668   -7.218  1.00 7.41   ? 138 TRP A CE2 1 
ATOM   1083 C  CE3 . TRP A 1 138 ? 4.934   4.460   -8.258  1.00 7.31   ? 138 TRP A CE3 1 
ATOM   1084 C  CZ2 . TRP A 1 138 ? 2.499   3.335   -7.384  1.00 7.58   ? 138 TRP A CZ2 1 
ATOM   1085 C  CZ3 . TRP A 1 138 ? 3.739   5.102   -8.476  1.00 21.95  ? 138 TRP A CZ3 1 
ATOM   1086 C  CH2 . TRP A 1 138 ? 2.527   4.544   -8.056  1.00 24.41  ? 138 TRP A CH2 1 
ATOM   1087 N  N   . TYR A 1 139 ? 7.344   2.049   -10.337 1.00 13.10  ? 139 TYR A N   1 
ATOM   1088 C  CA  . TYR A 1 139 ? 6.590   1.792   -11.557 1.00 9.19   ? 139 TYR A CA  1 
ATOM   1089 C  C   . TYR A 1 139 ? 7.183   0.637   -12.371 1.00 14.83  ? 139 TYR A C   1 
ATOM   1090 O  O   . TYR A 1 139 ? 6.494   -0.208  -12.971 1.00 15.96  ? 139 TYR A O   1 
ATOM   1091 C  CB  . TYR A 1 139 ? 6.833   3.062   -12.416 1.00 14.12  ? 139 TYR A CB  1 
ATOM   1092 C  CG  . TYR A 1 139 ? 6.168   2.915   -13.764 1.00 18.74  ? 139 TYR A CG  1 
ATOM   1093 C  CD1 . TYR A 1 139 ? 4.780   3.029   -13.897 1.00 24.72  ? 139 TYR A CD1 1 
ATOM   1094 C  CD2 . TYR A 1 139 ? 6.914   2.701   -14.918 1.00 15.50  ? 139 TYR A CD2 1 
ATOM   1095 C  CE1 . TYR A 1 139 ? 4.135   2.919   -15.129 1.00 32.82  ? 139 TYR A CE1 1 
ATOM   1096 C  CE2 . TYR A 1 139 ? 6.287   2.593   -16.160 1.00 26.81  ? 139 TYR A CE2 1 
ATOM   1097 C  CZ  . TYR A 1 139 ? 4.901   2.705   -16.274 1.00 42.55  ? 139 TYR A CZ  1 
ATOM   1098 O  OH  . TYR A 1 139 ? 4.297   2.586   -17.506 1.00 100.00 ? 139 TYR A OH  1 
ATOM   1099 N  N   . ASN A 1 140 ? 8.552   0.657   -12.476 1.00 13.57  ? 140 ASN A N   1 
ATOM   1100 C  CA  . ASN A 1 140 ? 9.317   -0.343  -13.255 1.00 4.89   ? 140 ASN A CA  1 
ATOM   1101 C  C   . ASN A 1 140 ? 9.224   -1.757  -12.689 1.00 12.25  ? 140 ASN A C   1 
ATOM   1102 O  O   . ASN A 1 140 ? 9.271   -2.725  -13.440 1.00 20.39  ? 140 ASN A O   1 
ATOM   1103 C  CB  . ASN A 1 140 ? 10.770  0.105   -13.533 1.00 13.80  ? 140 ASN A CB  1 
ATOM   1104 C  CG  . ASN A 1 140 ? 10.787  1.250   -14.521 1.00 23.26  ? 140 ASN A CG  1 
ATOM   1105 O  OD1 . ASN A 1 140 ? 10.986  2.434   -14.175 1.00 24.99  ? 140 ASN A OD1 1 
ATOM   1106 N  ND2 . ASN A 1 140 ? 10.398  0.954   -15.770 1.00 29.22  ? 140 ASN A ND2 1 
ATOM   1107 N  N   . GLN A 1 141 ? 9.087   -1.926  -11.373 1.00 11.55  ? 141 GLN A N   1 
ATOM   1108 C  CA  . GLN A 1 141 ? 8.946   -3.266  -10.851 1.00 9.19   ? 141 GLN A CA  1 
ATOM   1109 C  C   . GLN A 1 141 ? 7.518   -3.740  -10.828 1.00 26.66  ? 141 GLN A C   1 
ATOM   1110 O  O   . GLN A 1 141 ? 7.217   -4.927  -10.963 1.00 19.78  ? 141 GLN A O   1 
ATOM   1111 C  CB  . GLN A 1 141 ? 9.449   -3.346  -9.405  1.00 16.17  ? 141 GLN A CB  1 
ATOM   1112 C  CG  . GLN A 1 141 ? 10.981  -3.230  -9.319  1.00 34.86  ? 141 GLN A CG  1 
ATOM   1113 C  CD  . GLN A 1 141 ? 11.825  -4.201  -10.158 1.00 31.67  ? 141 GLN A CD  1 
ATOM   1114 O  OE1 . GLN A 1 141 ? 12.650  -3.760  -11.003 1.00 26.68  ? 141 GLN A OE1 1 
ATOM   1115 N  NE2 . GLN A 1 141 ? 11.705  -5.495  -9.866  1.00 21.52  ? 141 GLN A NE2 1 
ATOM   1116 N  N   . THR A 1 142 ? 6.607   -2.829  -10.588 1.00 10.06  ? 142 THR A N   1 
ATOM   1117 C  CA  . THR A 1 142 ? 5.191   -3.291  -10.559 1.00 6.78   ? 142 THR A CA  1 
ATOM   1118 C  C   . THR A 1 142 ? 4.355   -2.350  -11.383 1.00 14.61  ? 142 THR A C   1 
ATOM   1119 O  O   . THR A 1 142 ? 3.528   -1.605  -10.862 1.00 10.41  ? 142 THR A O   1 
ATOM   1120 C  CB  . THR A 1 142 ? 4.586   -3.330  -9.140  1.00 16.09  ? 142 THR A CB  1 
ATOM   1121 O  OG1 . THR A 1 142 ? 4.727   -2.075  -8.464  1.00 14.31  ? 142 THR A OG1 1 
ATOM   1122 C  CG2 . THR A 1 142 ? 5.294   -4.381  -8.329  1.00 9.51   ? 142 THR A CG2 1 
ATOM   1123 N  N   . PRO A 1 143 ? 4.586   -2.405  -12.669 1.00 14.38  ? 143 PRO A N   1 
ATOM   1124 C  CA  . PRO A 1 143 ? 3.913   -1.538  -13.628 1.00 9.96   ? 143 PRO A CA  1 
ATOM   1125 C  C   . PRO A 1 143 ? 2.371   -1.590  -13.688 1.00 6.01   ? 143 PRO A C   1 
ATOM   1126 O  O   . PRO A 1 143 ? 1.654   -0.578  -13.857 1.00 10.32  ? 143 PRO A O   1 
ATOM   1127 C  CB  . PRO A 1 143 ? 4.530   -1.925  -14.986 1.00 10.76  ? 143 PRO A CB  1 
ATOM   1128 C  CG  . PRO A 1 143 ? 5.185   -3.302  -14.820 1.00 13.06  ? 143 PRO A CG  1 
ATOM   1129 C  CD  . PRO A 1 143 ? 5.474   -3.425  -13.323 1.00 15.53  ? 143 PRO A CD  1 
ATOM   1130 N  N   . ASN A 1 144 ? 1.808   -2.780  -13.662 1.00 5.86   ? 144 ASN A N   1 
ATOM   1131 C  CA  . ASN A 1 144 ? 0.334   -2.797  -13.794 1.00 8.38   ? 144 ASN A CA  1 
ATOM   1132 C  C   . ASN A 1 144 ? -0.340  -2.099  -12.628 1.00 17.24  ? 144 ASN A C   1 
ATOM   1133 O  O   . ASN A 1 144 ? -1.265  -1.329  -12.762 1.00 12.22  ? 144 ASN A O   1 
ATOM   1134 C  CB  . ASN A 1 144 ? -0.212  -4.236  -13.793 1.00 15.00  ? 144 ASN A CB  1 
ATOM   1135 C  CG  . ASN A 1 144 ? 0.292   -5.206  -14.891 1.00 64.33  ? 144 ASN A CG  1 
ATOM   1136 O  OD1 . ASN A 1 144 ? 0.540   -4.856  -16.059 1.00 35.20  ? 144 ASN A OD1 1 
ATOM   1137 N  ND2 . ASN A 1 144 ? 0.379   -6.492  -14.556 1.00 44.38  ? 144 ASN A ND2 1 
ATOM   1138 N  N   . ARG A 1 145 ? 0.133   -2.410  -11.452 1.00 8.49   ? 145 ARG A N   1 
ATOM   1139 C  CA  . ARG A 1 145 ? -0.392  -1.802  -10.241 1.00 12.79  ? 145 ARG A CA  1 
ATOM   1140 C  C   . ARG A 1 145 ? -0.066  -0.296  -10.236 1.00 13.78  ? 145 ARG A C   1 
ATOM   1141 O  O   . ARG A 1 145 ? -0.930  0.572   -10.014 1.00 11.66  ? 145 ARG A O   1 
ATOM   1142 C  CB  . ARG A 1 145 ? 0.216   -2.395  -8.961  1.00 14.24  ? 145 ARG A CB  1 
ATOM   1143 C  CG  . ARG A 1 145 ? -0.665  -2.125  -7.725  1.00 16.44  ? 145 ARG A CG  1 
ATOM   1144 C  CD  . ARG A 1 145 ? 0.153   -1.889  -6.507  1.00 18.21  ? 145 ARG A CD  1 
ATOM   1145 N  NE  . ARG A 1 145 ? -0.556  -1.489  -5.303  1.00 14.70  ? 145 ARG A NE  1 
ATOM   1146 C  CZ  . ARG A 1 145 ? -0.463  -2.221  -4.211  1.00 18.37  ? 145 ARG A CZ  1 
ATOM   1147 N  NH1 . ARG A 1 145 ? 0.208   -3.355  -4.261  1.00 13.85  ? 145 ARG A NH1 1 
ATOM   1148 N  NH2 . ARG A 1 145 ? -1.020  -1.837  -3.064  1.00 5.48   ? 145 ARG A NH2 1 
ATOM   1149 N  N   . ALA A 1 146 ? 1.229   0.031   -10.451 1.00 12.73  ? 146 ALA A N   1 
ATOM   1150 C  CA  . ALA A 1 146 ? 1.611   1.438   -10.489 1.00 11.68  ? 146 ALA A CA  1 
ATOM   1151 C  C   . ALA A 1 146 ? 0.738   2.188   -11.528 1.00 19.68  ? 146 ALA A C   1 
ATOM   1152 O  O   . ALA A 1 146 ? 0.268   3.305   -11.298 1.00 13.25  ? 146 ALA A O   1 
ATOM   1153 C  CB  . ALA A 1 146 ? 3.105   1.551   -10.725 1.00 11.68  ? 146 ALA A CB  1 
ATOM   1154 N  N   . LYS A 1 147 ? 0.467   1.560   -12.679 1.00 10.55  ? 147 LYS A N   1 
ATOM   1155 C  CA  . LYS A 1 147 ? -0.372  2.225   -13.659 1.00 11.65  ? 147 LYS A CA  1 
ATOM   1156 C  C   . LYS A 1 147 ? -1.737  2.575   -13.109 1.00 17.31  ? 147 LYS A C   1 
ATOM   1157 O  O   . LYS A 1 147 ? -2.272  3.677   -13.399 1.00 14.69  ? 147 LYS A O   1 
ATOM   1158 C  CB  . LYS A 1 147 ? -0.584  1.504   -14.999 1.00 13.33  ? 147 LYS A CB  1 
ATOM   1159 C  CG  . LYS A 1 147 ? 0.741   1.292   -15.696 1.00 30.82  ? 147 LYS A CG  1 
ATOM   1160 C  CD  . LYS A 1 147 ? 0.657   0.539   -17.018 1.00 41.98  ? 147 LYS A CD  1 
ATOM   1161 C  CE  . LYS A 1 147 ? 1.949   -0.190  -17.433 1.00 55.58  ? 147 LYS A CE  1 
ATOM   1162 N  NZ  . LYS A 1 147 ? 1.828   -1.667  -17.605 1.00 57.10  ? 147 LYS A NZ  1 
ATOM   1163 N  N   . ARG A 1 148 ? -2.323  1.633   -12.388 1.00 10.44  ? 148 ARG A N   1 
ATOM   1164 C  CA  . ARG A 1 148 ? -3.648  1.915   -11.847 1.00 9.98   ? 148 ARG A CA  1 
ATOM   1165 C  C   . ARG A 1 148 ? -3.632  3.038   -10.826 1.00 12.79  ? 148 ARG A C   1 
ATOM   1166 O  O   . ARG A 1 148 ? -4.543  3.873   -10.866 1.00 10.39  ? 148 ARG A O   1 
ATOM   1167 C  CB  . ARG A 1 148 ? -4.314  0.706   -11.188 1.00 10.10  ? 148 ARG A CB  1 
ATOM   1168 C  CG  . ARG A 1 148 ? -4.703  -0.449  -12.139 1.00 8.11   ? 148 ARG A CG  1 
ATOM   1169 C  CD  . ARG A 1 148 ? -5.574  -1.482  -11.417 1.00 13.48  ? 148 ARG A CD  1 
ATOM   1170 N  NE  . ARG A 1 148 ? -4.818  -2.353  -10.485 1.00 13.22  ? 148 ARG A NE  1 
ATOM   1171 C  CZ  . ARG A 1 148 ? -4.030  -3.383  -10.801 1.00 19.10  ? 148 ARG A CZ  1 
ATOM   1172 N  NH1 . ARG A 1 148 ? -3.808  -3.829  -12.034 1.00 12.21  ? 148 ARG A NH1 1 
ATOM   1173 N  NH2 . ARG A 1 148 ? -3.434  -4.035  -9.838  1.00 13.36  ? 148 ARG A NH2 1 
ATOM   1174 N  N   . VAL A 1 149 ? -2.572  3.079   -9.984  1.00 6.33   ? 149 VAL A N   1 
ATOM   1175 C  CA  . VAL A 1 149 ? -2.498  4.163   -8.941  1.00 5.62   ? 149 VAL A CA  1 
ATOM   1176 C  C   . VAL A 1 149 ? -2.238  5.541   -9.561  1.00 10.01  ? 149 VAL A C   1 
ATOM   1177 O  O   . VAL A 1 149 ? -2.826  6.556   -9.196  1.00 12.49  ? 149 VAL A O   1 
ATOM   1178 C  CB  . VAL A 1 149 ? -1.492  3.872   -7.866  1.00 12.79  ? 149 VAL A CB  1 
ATOM   1179 C  CG1 . VAL A 1 149 ? -1.272  5.070   -6.897  1.00 14.14  ? 149 VAL A CG1 1 
ATOM   1180 C  CG2 . VAL A 1 149 ? -1.915  2.591   -7.127  1.00 9.81   ? 149 VAL A CG2 1 
ATOM   1181 N  N   . ILE A 1 150 ? -1.367  5.521   -10.554 1.00 10.72  ? 150 ILE A N   1 
ATOM   1182 C  CA  . ILE A 1 150 ? -1.039  6.730   -11.255 1.00 6.36   ? 150 ILE A CA  1 
ATOM   1183 C  C   . ILE A 1 150 ? -2.257  7.282   -11.984 1.00 13.04  ? 150 ILE A C   1 
ATOM   1184 O  O   . ILE A 1 150 ? -2.434  8.478   -12.041 1.00 14.60  ? 150 ILE A O   1 
ATOM   1185 C  CB  . ILE A 1 150 ? 0.177   6.595   -12.172 1.00 9.00   ? 150 ILE A CB  1 
ATOM   1186 C  CG1 . ILE A 1 150 ? 1.423   6.443   -11.325 1.00 11.63  ? 150 ILE A CG1 1 
ATOM   1187 C  CG2 . ILE A 1 150 ? 0.280   7.827   -13.087 1.00 12.68  ? 150 ILE A CG2 1 
ATOM   1188 C  CD1 . ILE A 1 150 ? 2.583   5.939   -12.143 1.00 6.82   ? 150 ILE A CD1 1 
ATOM   1189 N  N   . THR A 1 151 ? -3.052  6.396   -12.590 1.00 7.79   ? 151 THR A N   1 
ATOM   1190 C  CA  . THR A 1 151 ? -4.231  6.865   -13.278 1.00 6.91   ? 151 THR A CA  1 
ATOM   1191 C  C   . THR A 1 151 ? -5.184  7.488   -12.325 1.00 11.71  ? 151 THR A C   1 
ATOM   1192 O  O   . THR A 1 151 ? -5.940  8.384   -12.727 1.00 12.07  ? 151 THR A O   1 
ATOM   1193 C  CB  . THR A 1 151 ? -4.950  5.680   -13.907 1.00 18.20  ? 151 THR A CB  1 
ATOM   1194 O  OG1 . THR A 1 151 ? -4.109  5.385   -14.970 1.00 30.04  ? 151 THR A OG1 1 
ATOM   1195 C  CG2 . THR A 1 151 ? -6.342  6.045   -14.447 1.00 17.14  ? 151 THR A CG2 1 
ATOM   1196 N  N   . THR A 1 152 ? -5.155  6.917   -11.120 1.00 13.27  ? 152 THR A N   1 
ATOM   1197 C  CA  . THR A 1 152 ? -6.039  7.377   -10.095 1.00 13.78  ? 152 THR A CA  1 
ATOM   1198 C  C   . THR A 1 152 ? -5.628  8.796   -9.653  1.00 15.75  ? 152 THR A C   1 
ATOM   1199 O  O   . THR A 1 152 ? -6.435  9.731   -9.484  1.00 11.59  ? 152 THR A O   1 
ATOM   1200 C  CB  . THR A 1 152 ? -6.114  6.328   -8.962  1.00 12.15  ? 152 THR A CB  1 
ATOM   1201 O  OG1 . THR A 1 152 ? -6.556  5.079   -9.493  1.00 10.87  ? 152 THR A OG1 1 
ATOM   1202 C  CG2 . THR A 1 152 ? -7.112  6.765   -7.901  1.00 14.18  ? 152 THR A CG2 1 
ATOM   1203 N  N   . PHE A 1 153 ? -4.345  8.989   -9.468  1.00 7.69   ? 153 PHE A N   1 
ATOM   1204 C  CA  . PHE A 1 153 ? -3.872  10.335  -9.109  1.00 10.62  ? 153 PHE A CA  1 
ATOM   1205 C  C   . PHE A 1 153 ? -4.124  11.326  -10.236 1.00 17.11  ? 153 PHE A C   1 
ATOM   1206 O  O   . PHE A 1 153 ? -4.417  12.523  -10.038 1.00 17.80  ? 153 PHE A O   1 
ATOM   1207 C  CB  . PHE A 1 153 ? -2.342  10.326  -8.956  1.00 6.42   ? 153 PHE A CB  1 
ATOM   1208 C  CG  . PHE A 1 153 ? -1.859  9.857   -7.609  1.00 14.90  ? 153 PHE A CG  1 
ATOM   1209 C  CD1 . PHE A 1 153 ? -0.953  8.801   -7.499  1.00 20.55  ? 153 PHE A CD1 1 
ATOM   1210 C  CD2 . PHE A 1 153 ? -2.246  10.528  -6.438  1.00 18.62  ? 153 PHE A CD2 1 
ATOM   1211 C  CE1 . PHE A 1 153 ? -0.450  8.453   -6.242  1.00 19.97  ? 153 PHE A CE1 1 
ATOM   1212 C  CE2 . PHE A 1 153 ? -1.754  10.192  -5.170  1.00 14.76  ? 153 PHE A CE2 1 
ATOM   1213 C  CZ  . PHE A 1 153 ? -0.829  9.143   -5.085  1.00 15.67  ? 153 PHE A CZ  1 
ATOM   1214 N  N   . ARG A 1 154 ? -3.961  10.812  -11.447 1.00 15.89  ? 154 ARG A N   1 
ATOM   1215 C  CA  . ARG A 1 154 ? -4.109  11.636  -12.633 1.00 14.54  ? 154 ARG A CA  1 
ATOM   1216 C  C   . ARG A 1 154 ? -5.502  12.121  -12.877 1.00 20.27  ? 154 ARG A C   1 
ATOM   1217 O  O   . ARG A 1 154 ? -5.635  13.240  -13.334 1.00 18.02  ? 154 ARG A O   1 
ATOM   1218 C  CB  . ARG A 1 154 ? -3.679  10.997  -13.947 1.00 19.52  ? 154 ARG A CB  1 
ATOM   1219 C  CG  . ARG A 1 154 ? -3.292  12.052  -14.988 1.00 16.73  ? 154 ARG A CG  1 
ATOM   1220 C  CD  . ARG A 1 154 ? -3.127  11.478  -16.391 1.00 16.14  ? 154 ARG A CD  1 
ATOM   1221 N  NE  . ARG A 1 154 ? -2.752  10.065  -16.448 1.00 100.00 ? 154 ARG A NE  1 
ATOM   1222 C  CZ  . ARG A 1 154 ? -3.429  9.103   -17.113 1.00 100.00 ? 154 ARG A CZ  1 
ATOM   1223 N  NH1 . ARG A 1 154 ? -4.543  9.359   -17.817 1.00 100.00 ? 154 ARG A NH1 1 
ATOM   1224 N  NH2 . ARG A 1 154 ? -2.972  7.840   -17.093 1.00 100.00 ? 154 ARG A NH2 1 
ATOM   1225 N  N   . THR A 1 155 ? -6.496  11.265  -12.645 1.00 8.49   ? 155 THR A N   1 
ATOM   1226 C  CA  . THR A 1 155 ? -7.867  11.590  -12.991 1.00 12.51  ? 155 THR A CA  1 
ATOM   1227 C  C   . THR A 1 155 ? -8.790  11.903  -11.841 1.00 20.69  ? 155 THR A C   1 
ATOM   1228 O  O   . THR A 1 155 ? -9.834  12.497  -12.068 1.00 26.34  ? 155 THR A O   1 
ATOM   1229 C  CB  . THR A 1 155 ? -8.556  10.455  -13.812 1.00 13.19  ? 155 THR A CB  1 
ATOM   1230 O  OG1 . THR A 1 155 ? -8.568  9.253   -13.096 1.00 16.78  ? 155 THR A OG1 1 
ATOM   1231 C  CG2 . THR A 1 155 ? -7.700  10.195  -15.002 1.00 10.68  ? 155 THR A CG2 1 
ATOM   1232 N  N   . GLY A 1 156 ? -8.478  11.441  -10.644 1.00 21.07  ? 156 GLY A N   1 
ATOM   1233 C  CA  . GLY A 1 156 ? -9.419  11.623  -9.572  1.00 8.00   ? 156 GLY A CA  1 
ATOM   1234 C  C   . GLY A 1 156 ? -10.677 10.749  -9.761  1.00 16.10  ? 156 GLY A C   1 
ATOM   1235 O  O   . GLY A 1 156 ? -11.711 11.016  -9.156  1.00 12.89  ? 156 GLY A O   1 
ATOM   1236 N  N   . THR A 1 157 ? -10.658 9.661   -10.559 1.00 9.49   ? 157 THR A N   1 
ATOM   1237 C  CA  . THR A 1 157 ? -11.820 8.791   -10.733 1.00 6.47   ? 157 THR A CA  1 
ATOM   1238 C  C   . THR A 1 157 ? -11.356 7.374   -10.493 1.00 12.10  ? 157 THR A C   1 
ATOM   1239 O  O   . THR A 1 157 ? -10.155 7.165   -10.372 1.00 10.30  ? 157 THR A O   1 
ATOM   1240 C  CB  . THR A 1 157 ? -12.279 8.813   -12.186 1.00 19.62  ? 157 THR A CB  1 
ATOM   1241 O  OG1 . THR A 1 157 ? -11.339 8.074   -12.949 1.00 17.65  ? 157 THR A OG1 1 
ATOM   1242 C  CG2 . THR A 1 157 ? -12.409 10.249  -12.671 1.00 20.69  ? 157 THR A CG2 1 
ATOM   1243 N  N   . TRP A 1 158 ? -12.298 6.432   -10.456 1.00 12.50  ? 158 TRP A N   1 
ATOM   1244 C  CA  . TRP A 1 158 ? -12.012 5.029   -10.224 1.00 8.24   ? 158 TRP A CA  1 
ATOM   1245 C  C   . TRP A 1 158 ? -11.904 4.300   -11.534 1.00 15.16  ? 158 TRP A C   1 
ATOM   1246 O  O   . TRP A 1 158 ? -11.948 3.139   -11.585 1.00 14.13  ? 158 TRP A O   1 
ATOM   1247 C  CB  . TRP A 1 158 ? -13.147 4.332   -9.436  1.00 12.21  ? 158 TRP A CB  1 
ATOM   1248 C  CG  . TRP A 1 158 ? -13.126 4.778   -8.011  1.00 15.90  ? 158 TRP A CG  1 
ATOM   1249 C  CD1 . TRP A 1 158 ? -14.009 5.648   -7.493  1.00 13.99  ? 158 TRP A CD1 1 
ATOM   1250 C  CD2 . TRP A 1 158 ? -12.115 4.586   -6.976  1.00 18.64  ? 158 TRP A CD2 1 
ATOM   1251 N  NE1 . TRP A 1 158 ? -13.724 5.884   -6.176  1.00 13.88  ? 158 TRP A NE1 1 
ATOM   1252 C  CE2 . TRP A 1 158 ? -12.553 5.273   -5.826  1.00 17.28  ? 158 TRP A CE2 1 
ATOM   1253 C  CE3 . TRP A 1 158 ? -10.917 3.896   -6.852  1.00 18.71  ? 158 TRP A CE3 1 
ATOM   1254 C  CZ2 . TRP A 1 158 ? -11.878 5.239   -4.593  1.00 18.08  ? 158 TRP A CZ2 1 
ATOM   1255 C  CZ3 . TRP A 1 158 ? -10.269 3.861   -5.613  1.00 16.62  ? 158 TRP A CZ3 1 
ATOM   1256 C  CH2 . TRP A 1 158 ? -10.697 4.581   -4.502  1.00 10.99  ? 158 TRP A CH2 1 
ATOM   1257 N  N   . ASP A 1 159 ? -11.738 4.988   -12.615 1.00 12.66  ? 159 ASP A N   1 
ATOM   1258 C  CA  . ASP A 1 159 ? -11.697 4.227   -13.819 1.00 10.05  ? 159 ASP A CA  1 
ATOM   1259 C  C   . ASP A 1 159 ? -10.735 3.073   -13.962 1.00 22.30  ? 159 ASP A C   1 
ATOM   1260 O  O   . ASP A 1 159 ? -11.029 2.121   -14.651 1.00 21.49  ? 159 ASP A O   1 
ATOM   1261 C  CB  . ASP A 1 159 ? -11.619 5.150   -15.065 1.00 19.56  ? 159 ASP A CB  1 
ATOM   1262 C  CG  . ASP A 1 159 ? -12.657 6.265   -15.066 1.00 35.24  ? 159 ASP A CG  1 
ATOM   1263 O  OD1 . ASP A 1 159 ? -13.758 6.139   -14.526 1.00 39.33  ? 159 ASP A OD1 1 
ATOM   1264 O  OD2 . ASP A 1 159 ? -12.239 7.368   -15.673 1.00 73.07  ? 159 ASP A OD2 1 
ATOM   1265 N  N   . ALA A 1 160 ? -9.563  3.172   -13.372 1.00 17.11  ? 160 ALA A N   1 
ATOM   1266 C  CA  . ALA A 1 160 ? -8.554  2.135   -13.551 1.00 14.34  ? 160 ALA A CA  1 
ATOM   1267 C  C   . ALA A 1 160 ? -8.985  0.893   -12.806 1.00 15.79  ? 160 ALA A C   1 
ATOM   1268 O  O   . ALA A 1 160 ? -8.518  -0.171  -13.094 1.00 22.16  ? 160 ALA A O   1 
ATOM   1269 C  CB  . ALA A 1 160 ? -7.181  2.625   -13.028 1.00 10.61  ? 160 ALA A CB  1 
ATOM   1270 N  N   . TYR A 1 161 ? -9.899  1.047   -11.854 1.00 13.08  ? 161 TYR A N   1 
ATOM   1271 C  CA  . TYR A 1 161 ? -10.298 -0.076  -11.076 1.00 8.40   ? 161 TYR A CA  1 
ATOM   1272 C  C   . TYR A 1 161 ? -11.590 -0.543  -11.633 1.00 35.45  ? 161 TYR A C   1 
ATOM   1273 O  O   . TYR A 1 161 ? -12.150 -1.480  -11.084 1.00 25.33  ? 161 TYR A O   1 
ATOM   1274 C  CB  . TYR A 1 161 ? -10.347 0.281   -9.601  1.00 9.93   ? 161 TYR A CB  1 
ATOM   1275 C  CG  . TYR A 1 161 ? -8.937  0.371   -9.073  1.00 14.21  ? 161 TYR A CG  1 
ATOM   1276 C  CD1 . TYR A 1 161 ? -8.235  1.563   -9.212  1.00 10.61  ? 161 TYR A CD1 1 
ATOM   1277 C  CD2 . TYR A 1 161 ? -8.306  -0.706  -8.446  1.00 9.31   ? 161 TYR A CD2 1 
ATOM   1278 C  CE1 . TYR A 1 161 ? -6.926  1.683   -8.754  1.00 5.15   ? 161 TYR A CE1 1 
ATOM   1279 C  CE2 . TYR A 1 161 ? -7.011  -0.588  -7.947  1.00 12.07  ? 161 TYR A CE2 1 
ATOM   1280 C  CZ  . TYR A 1 161 ? -6.316  0.611   -8.106  1.00 7.04   ? 161 TYR A CZ  1 
ATOM   1281 O  OH  . TYR A 1 161 ? -5.008  0.755   -7.627  1.00 9.73   ? 161 TYR A OH  1 
ATOM   1282 N  N   . LYS A 1 162 ? -11.943 0.125   -12.741 1.00 56.11  ? 162 LYS A N   1 
ATOM   1283 C  CA  . LYS A 1 162 ? -13.106 -0.083  -13.576 1.00 56.20  ? 162 LYS A CA  1 
ATOM   1284 C  C   . LYS A 1 162 ? -14.410 -0.006  -12.788 1.00 52.09  ? 162 LYS A C   1 
ATOM   1285 O  O   . LYS A 1 162 ? -14.765 1.056   -12.244 1.00 90.94  ? 162 LYS A O   1 
ATOM   1286 C  CB  . LYS A 1 162 ? -12.934 -1.291  -14.482 1.00 38.10  ? 162 LYS A CB  1 
ATOM   1287 C  CG  . LYS A 1 162 ? -13.782 -2.454  -14.033 1.00 31.96  ? 162 LYS A CG  1 
ATOM   1288 C  CD  . LYS A 1 162 ? -13.268 -3.759  -14.648 1.00 100.00 ? 162 LYS A CD  1 
ATOM   1289 C  CE  . LYS A 1 162 ? -12.725 -4.792  -13.653 1.00 100.00 ? 162 LYS A CE  1 
ATOM   1290 N  NZ  . LYS A 1 162 ? -11.275 -4.680  -13.343 1.00 94.32  ? 162 LYS A NZ  1 
HETATM 1291 CL CL  . CL  B 2 .   ? 1.719   -4.856  -10.931 0.50 24.45  ? 173 CL  A CL  1 
HETATM 1292 CL CL  . CL  C 2 .   ? -1.553  -7.653  15.038  1.00 40.67  ? 178 CL  A CL  1 
HETATM 1293 C  C1  . BME D 3 .   ? -7.307  6.585   12.203  1.00 42.75  ? 168 BME A C1  1 
HETATM 1294 C  C2  . BME D 3 .   ? -7.011  6.721   10.693  1.00 68.34  ? 168 BME A C2  1 
HETATM 1295 O  O1  . BME D 3 .   ? -8.026  5.391   12.482  1.00 55.19  ? 168 BME A O1  1 
HETATM 1296 S  S2  . BME D 3 .   ? -6.367  8.374   10.293  1.00 70.30  ? 168 BME A S2  1 
HETATM 1297 C  C1  . BME E 3 .   ? -11.121 7.014   3.914   1.00 36.85  ? 170 BME A C1  1 
HETATM 1298 C  C2  . BME E 3 .   ? -10.569 6.042   4.959   1.00 63.32  ? 170 BME A C2  1 
HETATM 1299 O  O1  . BME E 3 .   ? -10.206 7.107   2.828   1.00 49.38  ? 170 BME A O1  1 
HETATM 1300 S  S2  . BME E 3 .   ? -10.284 6.916   6.493   1.00 65.22  ? 170 BME A S2  1 
HETATM 1301 C  C1  . PRY F 4 .   ? 1.475   10.877  -1.391  1.00 14.89  ? 406 PRY A C1  1 
HETATM 1302 C  C2  . PRY F 4 .   ? 1.372   9.766   -0.563  1.00 10.79  ? 406 PRY A C2  1 
HETATM 1303 C  C3  . PRY F 4 .   ? 1.103   12.135  -0.939  1.00 25.81  ? 406 PRY A C3  1 
HETATM 1304 C  C4  . PRY F 4 .   ? 1.992   10.696  -2.807  1.00 20.40  ? 406 PRY A C4  1 
HETATM 1305 C  C5  . PRY F 4 .   ? 0.900   9.950   0.749   1.00 13.71  ? 406 PRY A C5  1 
HETATM 1306 N  N6  . PRY F 4 .   ? 1.802   8.504   -1.113  1.00 15.82  ? 406 PRY A N6  1 
HETATM 1307 C  C7  . PRY F 4 .   ? 0.586   12.310  0.351   1.00 12.00  ? 406 PRY A C7  1 
HETATM 1308 C  C8  . PRY F 4 .   ? 0.510   11.201  1.208   1.00 13.61  ? 406 PRY A C8  1 
HETATM 1309 C  C9  . PRY F 4 .   ? 3.536   10.658  -2.830  1.00 33.88  ? 406 PRY A C9  1 
HETATM 1310 C  C10 . PRY F 4 .   ? 4.014   10.576  -4.283  1.00 25.84  ? 406 PRY A C10 1 
HETATM 1311 O  O   . HOH G 5 .   ? -3.213  -6.536  5.538   1.00 10.59  ? 171 HOH A O   1 
HETATM 1312 O  O   . HOH G 5 .   ? 7.539   -1.535  -6.003  1.00 48.66  ? 172 HOH A O   1 
HETATM 1313 O  O   . HOH G 5 .   ? 8.370   -7.428  -11.495 1.00 19.61  ? 174 HOH A O   1 
HETATM 1314 O  O   . HOH G 5 .   ? -8.565  5.027   -11.548 1.00 19.49  ? 175 HOH A O   1 
HETATM 1315 O  O   . HOH G 5 .   ? 2.599   -19.538 12.171  1.00 18.32  ? 176 HOH A O   1 
HETATM 1316 O  O   . HOH G 5 .   ? -7.213  -4.663  16.815  1.00 18.64  ? 177 HOH A O   1 
HETATM 1317 O  O   . HOH G 5 .   ? -4.325  -9.169  5.814   1.00 10.79  ? 179 HOH A O   1 
HETATM 1318 O  O   . HOH G 5 .   ? -2.275  -1.357  -15.094 1.00 27.79  ? 180 HOH A O   1 
HETATM 1319 O  O   . HOH G 5 .   ? -10.624 17.060  -0.117  1.00 32.36  ? 181 HOH A O   1 
HETATM 1320 O  O   . HOH G 5 .   ? -1.642  -5.081  11.625  1.00 24.24  ? 182 HOH A O   1 
HETATM 1321 O  O   . HOH G 5 .   ? -4.959  -7.870  16.681  1.00 31.40  ? 183 HOH A O   1 
HETATM 1322 O  O   . HOH G 5 .   ? -6.724  -0.012  13.767  1.00 34.81  ? 185 HOH A O   1 
HETATM 1323 O  O   . HOH G 5 .   ? -10.957 -5.387  6.521   1.00 24.81  ? 186 HOH A O   1 
HETATM 1324 O  O   . HOH G 5 .   ? -18.403 0.697   -3.088  1.00 45.37  ? 187 HOH A O   1 
HETATM 1325 O  O   . HOH G 5 .   ? 11.524  -1.764  -17.200 1.00 41.86  ? 188 HOH A O   1 
HETATM 1326 O  O   . HOH G 5 .   ? 10.961  -12.443 3.849   1.00 23.81  ? 190 HOH A O   1 
HETATM 1327 O  O   . HOH G 5 .   ? 12.658  -14.039 1.882   1.00 58.16  ? 191 HOH A O   1 
HETATM 1328 O  O   . HOH G 5 .   ? -2.804  21.187  2.767   1.00 26.35  ? 193 HOH A O   1 
HETATM 1329 O  O   . HOH G 5 .   ? -12.237 4.911   0.900   1.00 14.30  ? 195 HOH A O   1 
HETATM 1330 O  O   . HOH G 5 .   ? -3.951  -22.218 11.649  1.00 29.30  ? 196 HOH A O   1 
HETATM 1331 O  O   . HOH G 5 .   ? 8.911   -13.200 16.917  1.00 25.48  ? 198 HOH A O   1 
HETATM 1332 O  O   . HOH G 5 .   ? -11.266 9.138   1.438   1.00 30.69  ? 199 HOH A O   1 
HETATM 1333 O  O   . HOH G 5 .   ? 3.016   -8.341  11.707  1.00 39.74  ? 200 HOH A O   1 
HETATM 1334 O  O   . HOH G 5 .   ? -3.280  -0.266  13.409  1.00 35.18  ? 201 HOH A O   1 
HETATM 1335 O  O   . HOH G 5 .   ? 4.358   -7.652  1.332   1.00 20.35  ? 203 HOH A O   1 
HETATM 1336 O  O   . HOH G 5 .   ? 2.560   -7.390  -0.874  1.00 36.50  ? 204 HOH A O   1 
HETATM 1337 O  O   . HOH G 5 .   ? 1.577   -4.896  -5.978  1.00 39.01  ? 207 HOH A O   1 
HETATM 1338 O  O   . HOH G 5 .   ? 0.771   1.499   -4.801  1.00 10.33  ? 208 HOH A O   1 
HETATM 1339 O  O   . HOH G 5 .   ? -12.050 13.210  -7.162  1.00 29.30  ? 210 HOH A O   1 
HETATM 1340 O  O   . HOH G 5 .   ? -4.836  -2.874  -14.518 1.00 22.08  ? 211 HOH A O   1 
HETATM 1341 O  O   . HOH G 5 .   ? -3.571  18.518  -4.308  1.00 14.37  ? 213 HOH A O   1 
HETATM 1342 O  O   . HOH G 5 .   ? -5.043  16.315  -15.977 1.00 39.28  ? 217 HOH A O   1 
HETATM 1343 O  O   . HOH G 5 .   ? 6.778   15.665  -14.989 1.00 30.49  ? 218 HOH A O   1 
HETATM 1344 O  O   . HOH G 5 .   ? 9.432   14.719  -14.300 1.00 32.77  ? 219 HOH A O   1 
HETATM 1345 O  O   . HOH G 5 .   ? 9.814   4.845   -16.251 1.00 64.40  ? 220 HOH A O   1 
HETATM 1346 O  O   . HOH G 5 .   ? -18.239 2.219   -0.739  1.00 34.55  ? 223 HOH A O   1 
HETATM 1347 O  O   . HOH G 5 .   ? 2.642   -5.081  1.745   1.00 42.00  ? 225 HOH A O   1 
HETATM 1348 O  O   . HOH G 5 .   ? -6.368  15.379  8.378   1.00 37.15  ? 226 HOH A O   1 
HETATM 1349 O  O   . HOH G 5 .   ? 0.199   -8.972  -1.980  1.00 36.00  ? 229 HOH A O   1 
HETATM 1350 O  O   . HOH G 5 .   ? -15.059 6.466   -11.356 1.00 44.25  ? 231 HOH A O   1 
HETATM 1351 O  O   . HOH G 5 .   ? -2.042  18.453  -15.702 1.00 29.08  ? 235 HOH A O   1 
HETATM 1352 O  O   . HOH G 5 .   ? -7.358  15.505  -14.632 1.00 30.88  ? 238 HOH A O   1 
HETATM 1353 O  O   . HOH G 5 .   ? -5.003  -9.843  15.236  1.00 31.21  ? 239 HOH A O   1 
HETATM 1354 O  O   . HOH G 5 .   ? -12.379 -9.599  10.680  1.00 32.91  ? 240 HOH A O   1 
HETATM 1355 O  O   . HOH G 5 .   ? 1.522   4.050   11.573  1.00 54.01  ? 242 HOH A O   1 
HETATM 1356 O  O   . HOH G 5 .   ? 2.229   -4.334  5.048   1.00 42.90  ? 246 HOH A O   1 
HETATM 1357 O  O   . HOH G 5 .   ? 4.109   -15.993 -4.111  1.00 41.74  ? 247 HOH A O   1 
HETATM 1358 O  O   . HOH G 5 .   ? 7.416   8.480   -17.567 1.00 47.54  ? 251 HOH A O   1 
HETATM 1359 O  O   . HOH G 5 .   ? 5.663   18.166  1.564   1.00 29.43  ? 253 HOH A O   1 
HETATM 1360 O  O   . HOH G 5 .   ? 2.070   -4.448  -0.633  1.00 37.45  ? 256 HOH A O   1 
HETATM 1361 O  O   . HOH G 5 .   ? -7.741  -15.196 15.981  1.00 42.15  ? 259 HOH A O   1 
HETATM 1362 O  O   . HOH G 5 .   ? -10.741 -16.453 13.399  1.00 52.78  ? 260 HOH A O   1 
HETATM 1363 O  O   . HOH G 5 .   ? 7.726   14.295  9.525   1.00 48.17  ? 268 HOH A O   1 
HETATM 1364 O  O   . HOH G 5 .   ? 3.915   -12.587 -5.080  1.00 31.84  ? 269 HOH A O   1 
HETATM 1365 O  O   . HOH G 5 .   ? 10.513  4.046   -6.567  1.00 16.66  ? 270 HOH A O   1 
HETATM 1366 O  O   . HOH G 5 .   ? -14.586 11.308  -8.933  1.00 32.07  ? 273 HOH A O   1 
HETATM 1367 O  O   . HOH G 5 .   ? 1.114   -1.807  5.537   1.00 40.29  ? 274 HOH A O   1 
HETATM 1368 O  O   . HOH G 5 .   ? -11.898 14.631  -10.492 1.00 40.31  ? 277 HOH A O   1 
HETATM 1369 O  O   . HOH G 5 .   ? 2.905   -21.850 14.515  1.00 34.07  ? 278 HOH A O   1 
HETATM 1370 O  O   . HOH G 5 .   ? 5.972   -8.423  11.238  1.00 31.94  ? 281 HOH A O   1 
HETATM 1371 O  O   . HOH G 5 .   ? 0.762   -6.715  13.551  1.00 29.62  ? 282 HOH A O   1 
HETATM 1372 O  O   . HOH G 5 .   ? -6.373  21.788  -2.033  1.00 26.27  ? 291 HOH A O   1 
HETATM 1373 O  O   . HOH G 5 .   ? 0.298   18.920  -15.219 1.00 19.37  ? 293 HOH A O   1 
HETATM 1374 O  O   . HOH G 5 .   ? -17.721 4.444   -6.664  1.00 40.89  ? 296 HOH A O   1 
HETATM 1375 O  O   . HOH G 5 .   ? 5.270   19.599  -1.287  1.00 38.02  ? 301 HOH A O   1 
HETATM 1376 O  O   . HOH G 5 .   ? -2.310  20.276  6.639   1.00 49.18  ? 302 HOH A O   1 
HETATM 1377 O  O   . HOH G 5 .   ? -3.981  19.330  -14.105 1.00 26.06  ? 311 HOH A O   1 
HETATM 1378 O  O   . HOH G 5 .   ? -11.607 -7.157  11.286  1.00 42.70  ? 320 HOH A O   1 
# 
loop_
_pdbx_poly_seq_scheme.asym_id 
_pdbx_poly_seq_scheme.entity_id 
_pdbx_poly_seq_scheme.seq_id 
_pdbx_poly_seq_scheme.mon_id 
_pdbx_poly_seq_scheme.ndb_seq_num 
_pdbx_poly_seq_scheme.pdb_seq_num 
_pdbx_poly_seq_scheme.auth_seq_num 
_pdbx_poly_seq_scheme.pdb_mon_id 
_pdbx_poly_seq_scheme.auth_mon_id 
_pdbx_poly_seq_scheme.pdb_strand_id 
_pdbx_poly_seq_scheme.pdb_ins_code 
_pdbx_poly_seq_scheme.hetero 
A 1 1   MET 1   1   1   MET MET A . n 
A 1 2   ASN 2   2   2   ASN ASN A . n 
A 1 3   ILE 3   3   3   ILE ILE A . n 
A 1 4   PHE 4   4   4   PHE PHE A . n 
A 1 5   GLU 5   5   5   GLU GLU A . n 
A 1 6   MET 6   6   6   MET MET A . n 
A 1 7   LEU 7   7   7   LEU LEU A . n 
A 1 8   ARG 8   8   8   ARG ARG A . n 
A 1 9   ILE 9   9   9   ILE ILE A . n 
A 1 10  ASP 10  10  10  ASP ASP A . n 
A 1 11  GLU 11  11  11  GLU GLU A . n 
A 1 12  GLY 12  12  12  GLY GLY A . n 
A 1 13  LEU 13  13  13  LEU LEU A . n 
A 1 14  ARG 14  14  14  ARG ARG A . n 
A 1 15  LEU 15  15  15  LEU LEU A . n 
A 1 16  LYS 16  16  16  LYS LYS A . n 
A 1 17  ILE 17  17  17  ILE ILE A . n 
A 1 18  TYR 18  18  18  TYR TYR A . n 
A 1 19  LYS 19  19  19  LYS LYS A . n 
A 1 20  ASP 20  20  20  ASP ASP A . n 
A 1 21  THR 21  21  21  THR THR A . n 
A 1 22  GLU 22  22  22  GLU GLU A . n 
A 1 23  GLY 23  23  23  GLY GLY A . n 
A 1 24  TYR 24  24  24  TYR TYR A . n 
A 1 25  TYR 25  25  25  TYR TYR A . n 
A 1 26  THR 26  26  26  THR THR A . n 
A 1 27  ILE 27  27  27  ILE ILE A . n 
A 1 28  GLY 28  28  28  GLY GLY A . n 
A 1 29  ILE 29  29  29  ILE ILE A . n 
A 1 30  GLY 30  30  30  GLY GLY A . n 
A 1 31  HIS 31  31  31  HIS HIS A . n 
A 1 32  LEU 32  32  32  LEU LEU A . n 
A 1 33  LEU 33  33  33  LEU LEU A . n 
A 1 34  THR 34  34  34  THR THR A . n 
A 1 35  LYS 35  35  35  LYS LYS A . n 
A 1 36  SER 36  36  36  SER SER A . n 
A 1 37  PRO 37  37  37  PRO PRO A . n 
A 1 38  SER 38  38  38  SER SER A . n 
A 1 39  LEU 39  39  39  LEU LEU A . n 
A 1 40  ASN 40  40  40  ASN ASN A . n 
A 1 41  ALA 41  41  41  ALA ALA A . n 
A 1 42  ALA 42  42  42  ALA ALA A . n 
A 1 43  LYS 43  43  43  LYS LYS A . n 
A 1 44  SER 44  44  44  SER SER A . n 
A 1 45  GLU 45  45  45  GLU GLU A . n 
A 1 46  LEU 46  46  46  LEU LEU A . n 
A 1 47  ASP 47  47  47  ASP ASP A . n 
A 1 48  LYS 48  48  48  LYS LYS A . n 
A 1 49  ALA 49  49  49  ALA ALA A . n 
A 1 50  ILE 50  50  50  ILE ILE A . n 
A 1 51  GLY 51  51  51  GLY GLY A . n 
A 1 52  ARG 52  52  52  ARG ARG A . n 
A 1 53  ASN 53  53  53  ASN ASN A . n 
A 1 54  CYS 54  54  54  CYS CYS A . n 
A 1 55  ASN 55  55  55  ASN ASN A . n 
A 1 56  GLY 56  56  56  GLY GLY A . n 
A 1 57  VAL 57  57  57  VAL VAL A . n 
A 1 58  ILE 58  58  58  ILE ILE A . n 
A 1 59  THR 59  59  59  THR THR A . n 
A 1 60  LYS 60  60  60  LYS LYS A . n 
A 1 61  ASP 61  61  61  ASP ASP A . n 
A 1 62  GLU 62  62  62  GLU GLU A . n 
A 1 63  ALA 63  63  63  ALA ALA A . n 
A 1 64  GLU 64  64  64  GLU GLU A . n 
A 1 65  LYS 65  65  65  LYS LYS A . n 
A 1 66  LEU 66  66  66  LEU LEU A . n 
A 1 67  PHE 67  67  67  PHE PHE A . n 
A 1 68  ASN 68  68  68  ASN ASN A . n 
A 1 69  GLN 69  69  69  GLN GLN A . n 
A 1 70  ASP 70  70  70  ASP ASP A . n 
A 1 71  VAL 71  71  71  VAL VAL A . n 
A 1 72  ASP 72  72  72  ASP ASP A . n 
A 1 73  ALA 73  73  73  ALA ALA A . n 
A 1 74  ALA 74  74  74  ALA ALA A . n 
A 1 75  VAL 75  75  75  VAL VAL A . n 
A 1 76  ARG 76  76  76  ARG ARG A . n 
A 1 77  GLY 77  77  77  GLY GLY A . n 
A 1 78  ILE 78  78  78  ILE ILE A . n 
A 1 79  LEU 79  79  79  LEU LEU A . n 
A 1 80  ARG 80  80  80  ARG ARG A . n 
A 1 81  ASN 81  81  81  ASN ASN A . n 
A 1 82  ALA 82  82  82  ALA ALA A . n 
A 1 83  LYS 83  83  83  LYS LYS A . n 
A 1 84  LEU 84  84  84  LEU LEU A . n 
A 1 85  LYS 85  85  85  LYS LYS A . n 
A 1 86  PRO 86  86  86  PRO PRO A . n 
A 1 87  VAL 87  87  87  VAL VAL A . n 
A 1 88  TYR 88  88  88  TYR TYR A . n 
A 1 89  ASP 89  89  89  ASP ASP A . n 
A 1 90  SER 90  90  90  SER SER A . n 
A 1 91  LEU 91  91  91  LEU LEU A . n 
A 1 92  ASP 92  92  92  ASP ASP A . n 
A 1 93  ALA 93  93  93  ALA ALA A . n 
A 1 94  VAL 94  94  94  VAL VAL A . n 
A 1 95  ARG 95  95  95  ARG ARG A . n 
A 1 96  ARG 96  96  96  ARG ARG A . n 
A 1 97  CYS 97  97  97  CYS CYS A . n 
A 1 98  ALA 98  98  98  ALA ALA A . n 
A 1 99  ALA 99  99  99  ALA ALA A . n 
A 1 100 ILE 100 100 100 ILE ILE A . n 
A 1 101 ASN 101 101 101 ASN ASN A . n 
A 1 102 GLN 102 102 102 GLN GLN A . n 
A 1 103 VAL 103 103 103 VAL VAL A . n 
A 1 104 PHE 104 104 104 PHE PHE A . n 
A 1 105 GLN 105 105 105 GLN GLN A . n 
A 1 106 MET 106 106 106 MET MET A . n 
A 1 107 GLY 107 107 107 GLY GLY A . n 
A 1 108 GLU 108 108 108 GLU GLU A . n 
A 1 109 THR 109 109 109 THR THR A . n 
A 1 110 GLY 110 110 110 GLY GLY A . n 
A 1 111 VAL 111 111 111 VAL VAL A . n 
A 1 112 ALA 112 112 112 ALA ALA A . n 
A 1 113 GLY 113 113 113 GLY GLY A . n 
A 1 114 PHE 114 114 114 PHE PHE A . n 
A 1 115 THR 115 115 115 THR THR A . n 
A 1 116 ASN 116 116 116 ASN ASN A . n 
A 1 117 SER 117 117 117 SER SER A . n 
A 1 118 LEU 118 118 118 LEU LEU A . n 
A 1 119 ARG 119 119 119 ARG ARG A . n 
A 1 120 MET 120 120 120 MET MET A . n 
A 1 121 LEU 121 121 121 LEU LEU A . n 
A 1 122 GLN 122 122 122 GLN GLN A . n 
A 1 123 GLN 123 123 123 GLN GLN A . n 
A 1 124 LYS 124 124 124 LYS LYS A . n 
A 1 125 ARG 125 125 125 ARG ARG A . n 
A 1 126 TRP 126 126 126 TRP TRP A . n 
A 1 127 ASP 127 127 127 ASP ASP A . n 
A 1 128 GLU 128 128 128 GLU GLU A . n 
A 1 129 ALA 129 129 129 ALA ALA A . n 
A 1 130 ALA 130 130 130 ALA ALA A . n 
A 1 131 VAL 131 131 131 VAL VAL A . n 
A 1 132 ASN 132 132 132 ASN ASN A . n 
A 1 133 LEU 133 133 133 LEU LEU A . n 
A 1 134 ALA 134 134 134 ALA ALA A . n 
A 1 135 LYS 135 135 135 LYS LYS A . n 
A 1 136 SER 136 136 136 SER SER A . n 
A 1 137 ARG 137 137 137 ARG ARG A . n 
A 1 138 TRP 138 138 138 TRP TRP A . n 
A 1 139 TYR 139 139 139 TYR TYR A . n 
A 1 140 ASN 140 140 140 ASN ASN A . n 
A 1 141 GLN 141 141 141 GLN GLN A . n 
A 1 142 THR 142 142 142 THR THR A . n 
A 1 143 PRO 143 143 143 PRO PRO A . n 
A 1 144 ASN 144 144 144 ASN ASN A . n 
A 1 145 ARG 145 145 145 ARG ARG A . n 
A 1 146 ALA 146 146 146 ALA ALA A . n 
A 1 147 LYS 147 147 147 LYS LYS A . n 
A 1 148 ARG 148 148 148 ARG ARG A . n 
A 1 149 VAL 149 149 149 VAL VAL A . n 
A 1 150 ILE 150 150 150 ILE ILE A . n 
A 1 151 THR 151 151 151 THR THR A . n 
A 1 152 THR 152 152 152 THR THR A . n 
A 1 153 PHE 153 153 153 PHE PHE A . n 
A 1 154 ARG 154 154 154 ARG ARG A . n 
A 1 155 THR 155 155 155 THR THR A . n 
A 1 156 GLY 156 156 156 GLY GLY A . n 
A 1 157 THR 157 157 157 THR THR A . n 
A 1 158 TRP 158 158 158 TRP TRP A . n 
A 1 159 ASP 159 159 159 ASP ASP A . n 
A 1 160 ALA 160 160 160 ALA ALA A . n 
A 1 161 TYR 161 161 161 TYR TYR A . n 
A 1 162 LYS 162 162 162 LYS LYS A . n 
A 1 163 ASN 163 163 ?   ?   ?   A . n 
A 1 164 LEU 164 164 ?   ?   ?   A . n 
# 
loop_
_pdbx_nonpoly_scheme.asym_id 
_pdbx_nonpoly_scheme.entity_id 
_pdbx_nonpoly_scheme.mon_id 
_pdbx_nonpoly_scheme.ndb_seq_num 
_pdbx_nonpoly_scheme.pdb_seq_num 
_pdbx_nonpoly_scheme.auth_seq_num 
_pdbx_nonpoly_scheme.pdb_mon_id 
_pdbx_nonpoly_scheme.auth_mon_id 
_pdbx_nonpoly_scheme.pdb_strand_id 
_pdbx_nonpoly_scheme.pdb_ins_code 
B 2 CL  1  173 173 CL  SOL A . 
C 2 CL  1  178 178 CL  SOL A . 
D 3 BME 1  168 168 BME BME A . 
E 3 BME 1  170 170 BME BME A . 
F 4 PRY 1  406 406 PRY PRO A . 
G 5 HOH 1  171 171 HOH SOL A . 
G 5 HOH 2  172 172 HOH SOL A . 
G 5 HOH 3  174 174 HOH SOL A . 
G 5 HOH 4  175 175 HOH SOL A . 
G 5 HOH 5  176 176 HOH SOL A . 
G 5 HOH 6  177 177 HOH SOL A . 
G 5 HOH 7  179 179 HOH SOL A . 
G 5 HOH 8  180 180 HOH SOL A . 
G 5 HOH 9  181 181 HOH SOL A . 
G 5 HOH 10 182 182 HOH SOL A . 
G 5 HOH 11 183 183 HOH SOL A . 
G 5 HOH 12 185 185 HOH SOL A . 
G 5 HOH 13 186 186 HOH SOL A . 
G 5 HOH 14 187 187 HOH SOL A . 
G 5 HOH 15 188 188 HOH SOL A . 
G 5 HOH 16 190 190 HOH SOL A . 
G 5 HOH 17 191 191 HOH SOL A . 
G 5 HOH 18 193 193 HOH SOL A . 
G 5 HOH 19 195 195 HOH SOL A . 
G 5 HOH 20 196 196 HOH SOL A . 
G 5 HOH 21 198 198 HOH SOL A . 
G 5 HOH 22 199 199 HOH SOL A . 
G 5 HOH 23 200 200 HOH SOL A . 
G 5 HOH 24 201 201 HOH SOL A . 
G 5 HOH 25 203 203 HOH SOL A . 
G 5 HOH 26 204 204 HOH SOL A . 
G 5 HOH 27 207 207 HOH SOL A . 
G 5 HOH 28 208 208 HOH SOL A . 
G 5 HOH 29 210 210 HOH SOL A . 
G 5 HOH 30 211 211 HOH SOL A . 
G 5 HOH 31 213 213 HOH SOL A . 
G 5 HOH 32 217 217 HOH SOL A . 
G 5 HOH 33 218 218 HOH SOL A . 
G 5 HOH 34 219 219 HOH SOL A . 
G 5 HOH 35 220 220 HOH SOL A . 
G 5 HOH 36 223 223 HOH SOL A . 
G 5 HOH 37 225 225 HOH SOL A . 
G 5 HOH 38 226 226 HOH SOL A . 
G 5 HOH 39 229 229 HOH SOL A . 
G 5 HOH 40 231 231 HOH SOL A . 
G 5 HOH 41 235 235 HOH SOL A . 
G 5 HOH 42 238 238 HOH SOL A . 
G 5 HOH 43 239 239 HOH SOL A . 
G 5 HOH 44 240 240 HOH SOL A . 
G 5 HOH 45 242 242 HOH SOL A . 
G 5 HOH 46 246 246 HOH SOL A . 
G 5 HOH 47 247 247 HOH SOL A . 
G 5 HOH 48 251 251 HOH SOL A . 
G 5 HOH 49 253 253 HOH SOL A . 
G 5 HOH 50 256 256 HOH SOL A . 
G 5 HOH 51 259 259 HOH SOL A . 
G 5 HOH 52 260 260 HOH SOL A . 
G 5 HOH 53 268 268 HOH SOL A . 
G 5 HOH 54 269 269 HOH SOL A . 
G 5 HOH 55 270 270 HOH SOL A . 
G 5 HOH 56 273 273 HOH SOL A . 
G 5 HOH 57 274 274 HOH SOL A . 
G 5 HOH 58 277 277 HOH SOL A . 
G 5 HOH 59 278 278 HOH SOL A . 
G 5 HOH 60 281 281 HOH SOL A . 
G 5 HOH 61 282 282 HOH SOL A . 
G 5 HOH 62 291 291 HOH SOL A . 
G 5 HOH 63 293 293 HOH SOL A . 
G 5 HOH 64 296 296 HOH SOL A . 
G 5 HOH 65 301 301 HOH SOL A . 
G 5 HOH 66 302 302 HOH SOL A . 
G 5 HOH 67 311 311 HOH SOL A . 
G 5 HOH 68 320 320 HOH SOL A . 
# 
_pdbx_struct_assembly.id                   1 
_pdbx_struct_assembly.details              author_defined_assembly 
_pdbx_struct_assembly.method_details       ? 
_pdbx_struct_assembly.oligomeric_details   monomeric 
_pdbx_struct_assembly.oligomeric_count     1 
# 
_pdbx_struct_assembly_gen.assembly_id       1 
_pdbx_struct_assembly_gen.oper_expression   1 
_pdbx_struct_assembly_gen.asym_id_list      A,B,C,D,E,F,G 
# 
_pdbx_struct_oper_list.id                   1 
_pdbx_struct_oper_list.type                 'identity operation' 
_pdbx_struct_oper_list.name                 1_555 
_pdbx_struct_oper_list.symmetry_operation   x,y,z 
_pdbx_struct_oper_list.matrix[1][1]         1.0000000000 
_pdbx_struct_oper_list.matrix[1][2]         0.0000000000 
_pdbx_struct_oper_list.matrix[1][3]         0.0000000000 
_pdbx_struct_oper_list.vector[1]            0.0000000000 
_pdbx_struct_oper_list.matrix[2][1]         0.0000000000 
_pdbx_struct_oper_list.matrix[2][2]         1.0000000000 
_pdbx_struct_oper_list.matrix[2][3]         0.0000000000 
_pdbx_struct_oper_list.vector[2]            0.0000000000 
_pdbx_struct_oper_list.matrix[3][1]         0.0000000000 
_pdbx_struct_oper_list.matrix[3][2]         0.0000000000 
_pdbx_struct_oper_list.matrix[3][3]         1.0000000000 
_pdbx_struct_oper_list.vector[3]            0.0000000000 
# 
loop_
_pdbx_audit_revision_history.ordinal 
_pdbx_audit_revision_history.data_content_type 
_pdbx_audit_revision_history.major_revision 
_pdbx_audit_revision_history.minor_revision 
_pdbx_audit_revision_history.revision_date 
1 'Structure model' 1 0 2004-04-13 
2 'Structure model' 1 1 2008-04-29 
3 'Structure model' 1 2 2011-07-13 
4 'Structure model' 1 3 2021-10-27 
5 'Structure model' 1 4 2023-08-16 
# 
_pdbx_audit_revision_details.ordinal             1 
_pdbx_audit_revision_details.revision_ordinal    1 
_pdbx_audit_revision_details.data_content_type   'Structure model' 
_pdbx_audit_revision_details.provider            repository 
_pdbx_audit_revision_details.type                'Initial release' 
_pdbx_audit_revision_details.description         ? 
_pdbx_audit_revision_details.details             ? 
# 
loop_
_pdbx_audit_revision_group.ordinal 
_pdbx_audit_revision_group.revision_ordinal 
_pdbx_audit_revision_group.data_content_type 
_pdbx_audit_revision_group.group 
1 2 'Structure model' 'Version format compliance' 
2 3 'Structure model' 'Version format compliance' 
3 4 'Structure model' 'Database references'       
4 4 'Structure model' 'Derived calculations'      
5 5 'Structure model' 'Data collection'           
6 5 'Structure model' 'Refinement description'    
# 
loop_
_pdbx_audit_revision_category.ordinal 
_pdbx_audit_revision_category.revision_ordinal 
_pdbx_audit_revision_category.data_content_type 
_pdbx_audit_revision_category.category 
1 4 'Structure model' database_2                    
2 4 'Structure model' struct_ref_seq_dif            
3 4 'Structure model' struct_site                   
4 5 'Structure model' chem_comp_atom                
5 5 'Structure model' chem_comp_bond                
6 5 'Structure model' pdbx_initial_refinement_model 
# 
loop_
_pdbx_audit_revision_item.ordinal 
_pdbx_audit_revision_item.revision_ordinal 
_pdbx_audit_revision_item.data_content_type 
_pdbx_audit_revision_item.item 
1 4 'Structure model' '_database_2.pdbx_DOI'                
2 4 'Structure model' '_database_2.pdbx_database_accession' 
3 4 'Structure model' '_struct_ref_seq_dif.details'         
4 4 'Structure model' '_struct_site.pdbx_auth_asym_id'      
5 4 'Structure model' '_struct_site.pdbx_auth_comp_id'      
6 4 'Structure model' '_struct_site.pdbx_auth_seq_id'       
# 
loop_
_software.name 
_software.classification 
_software.version 
_software.citation_id 
_software.pdbx_ordinal 
San  'data collection' 'Diego Multiwire' ? 1 
San  'data reduction'  'Diego Multiwire' ? 2 
TNT  refinement        .                 ? 3 
SDMS 'data reduction'  .                 ? 4 
SDMS 'data scaling'    .                 ? 5 
TNT  phasing           .                 ? 6 
# 
loop_
_pdbx_validate_rmsd_bond.id 
_pdbx_validate_rmsd_bond.PDB_model_num 
_pdbx_validate_rmsd_bond.auth_atom_id_1 
_pdbx_validate_rmsd_bond.auth_asym_id_1 
_pdbx_validate_rmsd_bond.auth_comp_id_1 
_pdbx_validate_rmsd_bond.auth_seq_id_1 
_pdbx_validate_rmsd_bond.PDB_ins_code_1 
_pdbx_validate_rmsd_bond.label_alt_id_1 
_pdbx_validate_rmsd_bond.auth_atom_id_2 
_pdbx_validate_rmsd_bond.auth_asym_id_2 
_pdbx_validate_rmsd_bond.auth_comp_id_2 
_pdbx_validate_rmsd_bond.auth_seq_id_2 
_pdbx_validate_rmsd_bond.PDB_ins_code_2 
_pdbx_validate_rmsd_bond.label_alt_id_2 
_pdbx_validate_rmsd_bond.bond_value 
_pdbx_validate_rmsd_bond.bond_target_value 
_pdbx_validate_rmsd_bond.bond_deviation 
_pdbx_validate_rmsd_bond.bond_standard_deviation 
_pdbx_validate_rmsd_bond.linker_flag 
1 1 CD A GLU 22  ? ? OE2 A GLU 22  ? ? 1.320 1.252 0.068 0.011 N 
2 1 CD A GLU 108 ? ? OE2 A GLU 108 ? ? 1.321 1.252 0.069 0.011 N 
# 
loop_
_pdbx_validate_rmsd_angle.id 
_pdbx_validate_rmsd_angle.PDB_model_num 
_pdbx_validate_rmsd_angle.auth_atom_id_1 
_pdbx_validate_rmsd_angle.auth_asym_id_1 
_pdbx_validate_rmsd_angle.auth_comp_id_1 
_pdbx_validate_rmsd_angle.auth_seq_id_1 
_pdbx_validate_rmsd_angle.PDB_ins_code_1 
_pdbx_validate_rmsd_angle.label_alt_id_1 
_pdbx_validate_rmsd_angle.auth_atom_id_2 
_pdbx_validate_rmsd_angle.auth_asym_id_2 
_pdbx_validate_rmsd_angle.auth_comp_id_2 
_pdbx_validate_rmsd_angle.auth_seq_id_2 
_pdbx_validate_rmsd_angle.PDB_ins_code_2 
_pdbx_validate_rmsd_angle.label_alt_id_2 
_pdbx_validate_rmsd_angle.auth_atom_id_3 
_pdbx_validate_rmsd_angle.auth_asym_id_3 
_pdbx_validate_rmsd_angle.auth_comp_id_3 
_pdbx_validate_rmsd_angle.auth_seq_id_3 
_pdbx_validate_rmsd_angle.PDB_ins_code_3 
_pdbx_validate_rmsd_angle.label_alt_id_3 
_pdbx_validate_rmsd_angle.angle_value 
_pdbx_validate_rmsd_angle.angle_target_value 
_pdbx_validate_rmsd_angle.angle_deviation 
_pdbx_validate_rmsd_angle.angle_standard_deviation 
_pdbx_validate_rmsd_angle.linker_flag 
1  1 CB A ASP 10  ? ? CG A ASP 10  ? ? OD1 A ASP 10  ? ? 124.44 118.30 6.14   0.90 N 
2  1 CB A ASP 10  ? ? CG A ASP 10  ? ? OD2 A ASP 10  ? ? 111.19 118.30 -7.11  0.90 N 
3  1 CB A ASP 47  ? ? CG A ASP 47  ? ? OD1 A ASP 47  ? ? 127.78 118.30 9.48   0.90 N 
4  1 CB A ASP 47  ? ? CG A ASP 47  ? ? OD2 A ASP 47  ? ? 110.33 118.30 -7.97  0.90 N 
5  1 CB A ASP 70  ? ? CG A ASP 70  ? ? OD1 A ASP 70  ? ? 123.80 118.30 5.50   0.90 N 
6  1 CB A ASP 70  ? ? CG A ASP 70  ? ? OD2 A ASP 70  ? ? 110.47 118.30 -7.83  0.90 N 
7  1 CB A ASP 72  ? ? CG A ASP 72  ? ? OD2 A ASP 72  ? ? 112.04 118.30 -6.26  0.90 N 
8  1 CB A ASP 89  ? ? CG A ASP 89  ? ? OD2 A ASP 89  ? ? 111.89 118.30 -6.41  0.90 N 
9  1 CB A ASP 92  ? ? CG A ASP 92  ? ? OD1 A ASP 92  ? ? 124.83 118.30 6.53   0.90 N 
10 1 CB A ASP 92  ? ? CG A ASP 92  ? ? OD2 A ASP 92  ? ? 111.46 118.30 -6.84  0.90 N 
11 1 CB A ALA 112 ? ? CA A ALA 112 ? ? C   A ALA 112 ? ? 119.61 110.10 9.51   1.50 N 
12 1 NE A ARG 125 ? ? CZ A ARG 125 ? ? NH1 A ARG 125 ? ? 124.39 120.30 4.09   0.50 N 
13 1 NE A ARG 125 ? ? CZ A ARG 125 ? ? NH2 A ARG 125 ? ? 117.19 120.30 -3.11  0.50 N 
14 1 CB A ASP 127 ? ? CG A ASP 127 ? ? OD1 A ASP 127 ? ? 128.49 118.30 10.19  0.90 N 
15 1 CB A ASP 127 ? ? CG A ASP 127 ? ? OD2 A ASP 127 ? ? 107.81 118.30 -10.49 0.90 N 
16 1 NE A ARG 137 ? ? CZ A ARG 137 ? ? NH1 A ARG 137 ? ? 123.46 120.30 3.16   0.50 N 
17 1 NE A ARG 148 ? ? CZ A ARG 148 ? ? NH1 A ARG 148 ? ? 125.21 120.30 4.91   0.50 N 
# 
_pdbx_validate_torsion.id              1 
_pdbx_validate_torsion.PDB_model_num   1 
_pdbx_validate_torsion.auth_comp_id    PHE 
_pdbx_validate_torsion.auth_asym_id    A 
_pdbx_validate_torsion.auth_seq_id     114 
_pdbx_validate_torsion.PDB_ins_code    ? 
_pdbx_validate_torsion.label_alt_id    ? 
_pdbx_validate_torsion.phi             -97.22 
_pdbx_validate_torsion.psi             46.93 
# 
loop_
_pdbx_unobs_or_zero_occ_residues.id 
_pdbx_unobs_or_zero_occ_residues.PDB_model_num 
_pdbx_unobs_or_zero_occ_residues.polymer_flag 
_pdbx_unobs_or_zero_occ_residues.occupancy_flag 
_pdbx_unobs_or_zero_occ_residues.auth_asym_id 
_pdbx_unobs_or_zero_occ_residues.auth_comp_id 
_pdbx_unobs_or_zero_occ_residues.auth_seq_id 
_pdbx_unobs_or_zero_occ_residues.PDB_ins_code 
_pdbx_unobs_or_zero_occ_residues.label_asym_id 
_pdbx_unobs_or_zero_occ_residues.label_comp_id 
_pdbx_unobs_or_zero_occ_residues.label_seq_id 
1 1 Y 1 A ASN 163 ? A ASN 163 
2 1 Y 1 A LEU 164 ? A LEU 164 
# 
loop_
_chem_comp_atom.comp_id 
_chem_comp_atom.atom_id 
_chem_comp_atom.type_symbol 
_chem_comp_atom.pdbx_aromatic_flag 
_chem_comp_atom.pdbx_stereo_config 
_chem_comp_atom.pdbx_ordinal 
ALA N    N  N N 1   
ALA CA   C  N S 2   
ALA C    C  N N 3   
ALA O    O  N N 4   
ALA CB   C  N N 5   
ALA OXT  O  N N 6   
ALA H    H  N N 7   
ALA H2   H  N N 8   
ALA HA   H  N N 9   
ALA HB1  H  N N 10  
ALA HB2  H  N N 11  
ALA HB3  H  N N 12  
ALA HXT  H  N N 13  
ARG N    N  N N 14  
ARG CA   C  N S 15  
ARG C    C  N N 16  
ARG O    O  N N 17  
ARG CB   C  N N 18  
ARG CG   C  N N 19  
ARG CD   C  N N 20  
ARG NE   N  N N 21  
ARG CZ   C  N N 22  
ARG NH1  N  N N 23  
ARG NH2  N  N N 24  
ARG OXT  O  N N 25  
ARG H    H  N N 26  
ARG H2   H  N N 27  
ARG HA   H  N N 28  
ARG HB2  H  N N 29  
ARG HB3  H  N N 30  
ARG HG2  H  N N 31  
ARG HG3  H  N N 32  
ARG HD2  H  N N 33  
ARG HD3  H  N N 34  
ARG HE   H  N N 35  
ARG HH11 H  N N 36  
ARG HH12 H  N N 37  
ARG HH21 H  N N 38  
ARG HH22 H  N N 39  
ARG HXT  H  N N 40  
ASN N    N  N N 41  
ASN CA   C  N S 42  
ASN C    C  N N 43  
ASN O    O  N N 44  
ASN CB   C  N N 45  
ASN CG   C  N N 46  
ASN OD1  O  N N 47  
ASN ND2  N  N N 48  
ASN OXT  O  N N 49  
ASN H    H  N N 50  
ASN H2   H  N N 51  
ASN HA   H  N N 52  
ASN HB2  H  N N 53  
ASN HB3  H  N N 54  
ASN HD21 H  N N 55  
ASN HD22 H  N N 56  
ASN HXT  H  N N 57  
ASP N    N  N N 58  
ASP CA   C  N S 59  
ASP C    C  N N 60  
ASP O    O  N N 61  
ASP CB   C  N N 62  
ASP CG   C  N N 63  
ASP OD1  O  N N 64  
ASP OD2  O  N N 65  
ASP OXT  O  N N 66  
ASP H    H  N N 67  
ASP H2   H  N N 68  
ASP HA   H  N N 69  
ASP HB2  H  N N 70  
ASP HB3  H  N N 71  
ASP HD2  H  N N 72  
ASP HXT  H  N N 73  
BME C1   C  N N 74  
BME C2   C  N N 75  
BME O1   O  N N 76  
BME S2   S  N N 77  
BME H11  H  N N 78  
BME H12  H  N N 79  
BME H21  H  N N 80  
BME H22  H  N N 81  
BME HO1  H  N N 82  
BME HS2  H  N N 83  
CL  CL   CL N N 84  
CYS N    N  N N 85  
CYS CA   C  N R 86  
CYS C    C  N N 87  
CYS O    O  N N 88  
CYS CB   C  N N 89  
CYS SG   S  N N 90  
CYS OXT  O  N N 91  
CYS H    H  N N 92  
CYS H2   H  N N 93  
CYS HA   H  N N 94  
CYS HB2  H  N N 95  
CYS HB3  H  N N 96  
CYS HG   H  N N 97  
CYS HXT  H  N N 98  
GLN N    N  N N 99  
GLN CA   C  N S 100 
GLN C    C  N N 101 
GLN O    O  N N 102 
GLN CB   C  N N 103 
GLN CG   C  N N 104 
GLN CD   C  N N 105 
GLN OE1  O  N N 106 
GLN NE2  N  N N 107 
GLN OXT  O  N N 108 
GLN H    H  N N 109 
GLN H2   H  N N 110 
GLN HA   H  N N 111 
GLN HB2  H  N N 112 
GLN HB3  H  N N 113 
GLN HG2  H  N N 114 
GLN HG3  H  N N 115 
GLN HE21 H  N N 116 
GLN HE22 H  N N 117 
GLN HXT  H  N N 118 
GLU N    N  N N 119 
GLU CA   C  N S 120 
GLU C    C  N N 121 
GLU O    O  N N 122 
GLU CB   C  N N 123 
GLU CG   C  N N 124 
GLU CD   C  N N 125 
GLU OE1  O  N N 126 
GLU OE2  O  N N 127 
GLU OXT  O  N N 128 
GLU H    H  N N 129 
GLU H2   H  N N 130 
GLU HA   H  N N 131 
GLU HB2  H  N N 132 
GLU HB3  H  N N 133 
GLU HG2  H  N N 134 
GLU HG3  H  N N 135 
GLU HE2  H  N N 136 
GLU HXT  H  N N 137 
GLY N    N  N N 138 
GLY CA   C  N N 139 
GLY C    C  N N 140 
GLY O    O  N N 141 
GLY OXT  O  N N 142 
GLY H    H  N N 143 
GLY H2   H  N N 144 
GLY HA2  H  N N 145 
GLY HA3  H  N N 146 
GLY HXT  H  N N 147 
HIS N    N  N N 148 
HIS CA   C  N S 149 
HIS C    C  N N 150 
HIS O    O  N N 151 
HIS CB   C  N N 152 
HIS CG   C  Y N 153 
HIS ND1  N  Y N 154 
HIS CD2  C  Y N 155 
HIS CE1  C  Y N 156 
HIS NE2  N  Y N 157 
HIS OXT  O  N N 158 
HIS H    H  N N 159 
HIS H2   H  N N 160 
HIS HA   H  N N 161 
HIS HB2  H  N N 162 
HIS HB3  H  N N 163 
HIS HD1  H  N N 164 
HIS HD2  H  N N 165 
HIS HE1  H  N N 166 
HIS HE2  H  N N 167 
HIS HXT  H  N N 168 
HOH O    O  N N 169 
HOH H1   H  N N 170 
HOH H2   H  N N 171 
ILE N    N  N N 172 
ILE CA   C  N S 173 
ILE C    C  N N 174 
ILE O    O  N N 175 
ILE CB   C  N S 176 
ILE CG1  C  N N 177 
ILE CG2  C  N N 178 
ILE CD1  C  N N 179 
ILE OXT  O  N N 180 
ILE H    H  N N 181 
ILE H2   H  N N 182 
ILE HA   H  N N 183 
ILE HB   H  N N 184 
ILE HG12 H  N N 185 
ILE HG13 H  N N 186 
ILE HG21 H  N N 187 
ILE HG22 H  N N 188 
ILE HG23 H  N N 189 
ILE HD11 H  N N 190 
ILE HD12 H  N N 191 
ILE HD13 H  N N 192 
ILE HXT  H  N N 193 
LEU N    N  N N 194 
LEU CA   C  N S 195 
LEU C    C  N N 196 
LEU O    O  N N 197 
LEU CB   C  N N 198 
LEU CG   C  N N 199 
LEU CD1  C  N N 200 
LEU CD2  C  N N 201 
LEU OXT  O  N N 202 
LEU H    H  N N 203 
LEU H2   H  N N 204 
LEU HA   H  N N 205 
LEU HB2  H  N N 206 
LEU HB3  H  N N 207 
LEU HG   H  N N 208 
LEU HD11 H  N N 209 
LEU HD12 H  N N 210 
LEU HD13 H  N N 211 
LEU HD21 H  N N 212 
LEU HD22 H  N N 213 
LEU HD23 H  N N 214 
LEU HXT  H  N N 215 
LYS N    N  N N 216 
LYS CA   C  N S 217 
LYS C    C  N N 218 
LYS O    O  N N 219 
LYS CB   C  N N 220 
LYS CG   C  N N 221 
LYS CD   C  N N 222 
LYS CE   C  N N 223 
LYS NZ   N  N N 224 
LYS OXT  O  N N 225 
LYS H    H  N N 226 
LYS H2   H  N N 227 
LYS HA   H  N N 228 
LYS HB2  H  N N 229 
LYS HB3  H  N N 230 
LYS HG2  H  N N 231 
LYS HG3  H  N N 232 
LYS HD2  H  N N 233 
LYS HD3  H  N N 234 
LYS HE2  H  N N 235 
LYS HE3  H  N N 236 
LYS HZ1  H  N N 237 
LYS HZ2  H  N N 238 
LYS HZ3  H  N N 239 
LYS HXT  H  N N 240 
MET N    N  N N 241 
MET CA   C  N S 242 
MET C    C  N N 243 
MET O    O  N N 244 
MET CB   C  N N 245 
MET CG   C  N N 246 
MET SD   S  N N 247 
MET CE   C  N N 248 
MET OXT  O  N N 249 
MET H    H  N N 250 
MET H2   H  N N 251 
MET HA   H  N N 252 
MET HB2  H  N N 253 
MET HB3  H  N N 254 
MET HG2  H  N N 255 
MET HG3  H  N N 256 
MET HE1  H  N N 257 
MET HE2  H  N N 258 
MET HE3  H  N N 259 
MET HXT  H  N N 260 
PHE N    N  N N 261 
PHE CA   C  N S 262 
PHE C    C  N N 263 
PHE O    O  N N 264 
PHE CB   C  N N 265 
PHE CG   C  Y N 266 
PHE CD1  C  Y N 267 
PHE CD2  C  Y N 268 
PHE CE1  C  Y N 269 
PHE CE2  C  Y N 270 
PHE CZ   C  Y N 271 
PHE OXT  O  N N 272 
PHE H    H  N N 273 
PHE H2   H  N N 274 
PHE HA   H  N N 275 
PHE HB2  H  N N 276 
PHE HB3  H  N N 277 
PHE HD1  H  N N 278 
PHE HD2  H  N N 279 
PHE HE1  H  N N 280 
PHE HE2  H  N N 281 
PHE HZ   H  N N 282 
PHE HXT  H  N N 283 
PRO N    N  N N 284 
PRO CA   C  N S 285 
PRO C    C  N N 286 
PRO O    O  N N 287 
PRO CB   C  N N 288 
PRO CG   C  N N 289 
PRO CD   C  N N 290 
PRO OXT  O  N N 291 
PRO H    H  N N 292 
PRO HA   H  N N 293 
PRO HB2  H  N N 294 
PRO HB3  H  N N 295 
PRO HG2  H  N N 296 
PRO HG3  H  N N 297 
PRO HD2  H  N N 298 
PRO HD3  H  N N 299 
PRO HXT  H  N N 300 
PRY C1   C  Y N 301 
PRY C2   C  Y N 302 
PRY C3   C  Y N 303 
PRY C4   C  N N 304 
PRY C5   C  Y N 305 
PRY N6   N  N N 306 
PRY C7   C  Y N 307 
PRY C8   C  Y N 308 
PRY C9   C  N N 309 
PRY C10  C  N N 310 
PRY HC3  H  N N 311 
PRY HC41 H  N N 312 
PRY HC42 H  N N 313 
PRY HC5  H  N N 314 
PRY HN61 H  N N 315 
PRY HN62 H  N N 316 
PRY HC7  H  N N 317 
PRY HC8  H  N N 318 
PRY HC91 H  N N 319 
PRY HC92 H  N N 320 
PRY H101 H  N N 321 
PRY H102 H  N N 322 
PRY H103 H  N N 323 
SER N    N  N N 324 
SER CA   C  N S 325 
SER C    C  N N 326 
SER O    O  N N 327 
SER CB   C  N N 328 
SER OG   O  N N 329 
SER OXT  O  N N 330 
SER H    H  N N 331 
SER H2   H  N N 332 
SER HA   H  N N 333 
SER HB2  H  N N 334 
SER HB3  H  N N 335 
SER HG   H  N N 336 
SER HXT  H  N N 337 
THR N    N  N N 338 
THR CA   C  N S 339 
THR C    C  N N 340 
THR O    O  N N 341 
THR CB   C  N R 342 
THR OG1  O  N N 343 
THR CG2  C  N N 344 
THR OXT  O  N N 345 
THR H    H  N N 346 
THR H2   H  N N 347 
THR HA   H  N N 348 
THR HB   H  N N 349 
THR HG1  H  N N 350 
THR HG21 H  N N 351 
THR HG22 H  N N 352 
THR HG23 H  N N 353 
THR HXT  H  N N 354 
TRP N    N  N N 355 
TRP CA   C  N S 356 
TRP C    C  N N 357 
TRP O    O  N N 358 
TRP CB   C  N N 359 
TRP CG   C  Y N 360 
TRP CD1  C  Y N 361 
TRP CD2  C  Y N 362 
TRP NE1  N  Y N 363 
TRP CE2  C  Y N 364 
TRP CE3  C  Y N 365 
TRP CZ2  C  Y N 366 
TRP CZ3  C  Y N 367 
TRP CH2  C  Y N 368 
TRP OXT  O  N N 369 
TRP H    H  N N 370 
TRP H2   H  N N 371 
TRP HA   H  N N 372 
TRP HB2  H  N N 373 
TRP HB3  H  N N 374 
TRP HD1  H  N N 375 
TRP HE1  H  N N 376 
TRP HE3  H  N N 377 
TRP HZ2  H  N N 378 
TRP HZ3  H  N N 379 
TRP HH2  H  N N 380 
TRP HXT  H  N N 381 
TYR N    N  N N 382 
TYR CA   C  N S 383 
TYR C    C  N N 384 
TYR O    O  N N 385 
TYR CB   C  N N 386 
TYR CG   C  Y N 387 
TYR CD1  C  Y N 388 
TYR CD2  C  Y N 389 
TYR CE1  C  Y N 390 
TYR CE2  C  Y N 391 
TYR CZ   C  Y N 392 
TYR OH   O  N N 393 
TYR OXT  O  N N 394 
TYR H    H  N N 395 
TYR H2   H  N N 396 
TYR HA   H  N N 397 
TYR HB2  H  N N 398 
TYR HB3  H  N N 399 
TYR HD1  H  N N 400 
TYR HD2  H  N N 401 
TYR HE1  H  N N 402 
TYR HE2  H  N N 403 
TYR HH   H  N N 404 
TYR HXT  H  N N 405 
VAL N    N  N N 406 
VAL CA   C  N S 407 
VAL C    C  N N 408 
VAL O    O  N N 409 
VAL CB   C  N N 410 
VAL CG1  C  N N 411 
VAL CG2  C  N N 412 
VAL OXT  O  N N 413 
VAL H    H  N N 414 
VAL H2   H  N N 415 
VAL HA   H  N N 416 
VAL HB   H  N N 417 
VAL HG11 H  N N 418 
VAL HG12 H  N N 419 
VAL HG13 H  N N 420 
VAL HG21 H  N N 421 
VAL HG22 H  N N 422 
VAL HG23 H  N N 423 
VAL HXT  H  N N 424 
# 
loop_
_chem_comp_bond.comp_id 
_chem_comp_bond.atom_id_1 
_chem_comp_bond.atom_id_2 
_chem_comp_bond.value_order 
_chem_comp_bond.pdbx_aromatic_flag 
_chem_comp_bond.pdbx_stereo_config 
_chem_comp_bond.pdbx_ordinal 
ALA N   CA   sing N N 1   
ALA N   H    sing N N 2   
ALA N   H2   sing N N 3   
ALA CA  C    sing N N 4   
ALA CA  CB   sing N N 5   
ALA CA  HA   sing N N 6   
ALA C   O    doub N N 7   
ALA C   OXT  sing N N 8   
ALA CB  HB1  sing N N 9   
ALA CB  HB2  sing N N 10  
ALA CB  HB3  sing N N 11  
ALA OXT HXT  sing N N 12  
ARG N   CA   sing N N 13  
ARG N   H    sing N N 14  
ARG N   H2   sing N N 15  
ARG CA  C    sing N N 16  
ARG CA  CB   sing N N 17  
ARG CA  HA   sing N N 18  
ARG C   O    doub N N 19  
ARG C   OXT  sing N N 20  
ARG CB  CG   sing N N 21  
ARG CB  HB2  sing N N 22  
ARG CB  HB3  sing N N 23  
ARG CG  CD   sing N N 24  
ARG CG  HG2  sing N N 25  
ARG CG  HG3  sing N N 26  
ARG CD  NE   sing N N 27  
ARG CD  HD2  sing N N 28  
ARG CD  HD3  sing N N 29  
ARG NE  CZ   sing N N 30  
ARG NE  HE   sing N N 31  
ARG CZ  NH1  sing N N 32  
ARG CZ  NH2  doub N N 33  
ARG NH1 HH11 sing N N 34  
ARG NH1 HH12 sing N N 35  
ARG NH2 HH21 sing N N 36  
ARG NH2 HH22 sing N N 37  
ARG OXT HXT  sing N N 38  
ASN N   CA   sing N N 39  
ASN N   H    sing N N 40  
ASN N   H2   sing N N 41  
ASN CA  C    sing N N 42  
ASN CA  CB   sing N N 43  
ASN CA  HA   sing N N 44  
ASN C   O    doub N N 45  
ASN C   OXT  sing N N 46  
ASN CB  CG   sing N N 47  
ASN CB  HB2  sing N N 48  
ASN CB  HB3  sing N N 49  
ASN CG  OD1  doub N N 50  
ASN CG  ND2  sing N N 51  
ASN ND2 HD21 sing N N 52  
ASN ND2 HD22 sing N N 53  
ASN OXT HXT  sing N N 54  
ASP N   CA   sing N N 55  
ASP N   H    sing N N 56  
ASP N   H2   sing N N 57  
ASP CA  C    sing N N 58  
ASP CA  CB   sing N N 59  
ASP CA  HA   sing N N 60  
ASP C   O    doub N N 61  
ASP C   OXT  sing N N 62  
ASP CB  CG   sing N N 63  
ASP CB  HB2  sing N N 64  
ASP CB  HB3  sing N N 65  
ASP CG  OD1  doub N N 66  
ASP CG  OD2  sing N N 67  
ASP OD2 HD2  sing N N 68  
ASP OXT HXT  sing N N 69  
BME C1  C2   sing N N 70  
BME C1  O1   sing N N 71  
BME C1  H11  sing N N 72  
BME C1  H12  sing N N 73  
BME C2  S2   sing N N 74  
BME C2  H21  sing N N 75  
BME C2  H22  sing N N 76  
BME O1  HO1  sing N N 77  
BME S2  HS2  sing N N 78  
CYS N   CA   sing N N 79  
CYS N   H    sing N N 80  
CYS N   H2   sing N N 81  
CYS CA  C    sing N N 82  
CYS CA  CB   sing N N 83  
CYS CA  HA   sing N N 84  
CYS C   O    doub N N 85  
CYS C   OXT  sing N N 86  
CYS CB  SG   sing N N 87  
CYS CB  HB2  sing N N 88  
CYS CB  HB3  sing N N 89  
CYS SG  HG   sing N N 90  
CYS OXT HXT  sing N N 91  
GLN N   CA   sing N N 92  
GLN N   H    sing N N 93  
GLN N   H2   sing N N 94  
GLN CA  C    sing N N 95  
GLN CA  CB   sing N N 96  
GLN CA  HA   sing N N 97  
GLN C   O    doub N N 98  
GLN C   OXT  sing N N 99  
GLN CB  CG   sing N N 100 
GLN CB  HB2  sing N N 101 
GLN CB  HB3  sing N N 102 
GLN CG  CD   sing N N 103 
GLN CG  HG2  sing N N 104 
GLN CG  HG3  sing N N 105 
GLN CD  OE1  doub N N 106 
GLN CD  NE2  sing N N 107 
GLN NE2 HE21 sing N N 108 
GLN NE2 HE22 sing N N 109 
GLN OXT HXT  sing N N 110 
GLU N   CA   sing N N 111 
GLU N   H    sing N N 112 
GLU N   H2   sing N N 113 
GLU CA  C    sing N N 114 
GLU CA  CB   sing N N 115 
GLU CA  HA   sing N N 116 
GLU C   O    doub N N 117 
GLU C   OXT  sing N N 118 
GLU CB  CG   sing N N 119 
GLU CB  HB2  sing N N 120 
GLU CB  HB3  sing N N 121 
GLU CG  CD   sing N N 122 
GLU CG  HG2  sing N N 123 
GLU CG  HG3  sing N N 124 
GLU CD  OE1  doub N N 125 
GLU CD  OE2  sing N N 126 
GLU OE2 HE2  sing N N 127 
GLU OXT HXT  sing N N 128 
GLY N   CA   sing N N 129 
GLY N   H    sing N N 130 
GLY N   H2   sing N N 131 
GLY CA  C    sing N N 132 
GLY CA  HA2  sing N N 133 
GLY CA  HA3  sing N N 134 
GLY C   O    doub N N 135 
GLY C   OXT  sing N N 136 
GLY OXT HXT  sing N N 137 
HIS N   CA   sing N N 138 
HIS N   H    sing N N 139 
HIS N   H2   sing N N 140 
HIS CA  C    sing N N 141 
HIS CA  CB   sing N N 142 
HIS CA  HA   sing N N 143 
HIS C   O    doub N N 144 
HIS C   OXT  sing N N 145 
HIS CB  CG   sing N N 146 
HIS CB  HB2  sing N N 147 
HIS CB  HB3  sing N N 148 
HIS CG  ND1  sing Y N 149 
HIS CG  CD2  doub Y N 150 
HIS ND1 CE1  doub Y N 151 
HIS ND1 HD1  sing N N 152 
HIS CD2 NE2  sing Y N 153 
HIS CD2 HD2  sing N N 154 
HIS CE1 NE2  sing Y N 155 
HIS CE1 HE1  sing N N 156 
HIS NE2 HE2  sing N N 157 
HIS OXT HXT  sing N N 158 
HOH O   H1   sing N N 159 
HOH O   H2   sing N N 160 
ILE N   CA   sing N N 161 
ILE N   H    sing N N 162 
ILE N   H2   sing N N 163 
ILE CA  C    sing N N 164 
ILE CA  CB   sing N N 165 
ILE CA  HA   sing N N 166 
ILE C   O    doub N N 167 
ILE C   OXT  sing N N 168 
ILE CB  CG1  sing N N 169 
ILE CB  CG2  sing N N 170 
ILE CB  HB   sing N N 171 
ILE CG1 CD1  sing N N 172 
ILE CG1 HG12 sing N N 173 
ILE CG1 HG13 sing N N 174 
ILE CG2 HG21 sing N N 175 
ILE CG2 HG22 sing N N 176 
ILE CG2 HG23 sing N N 177 
ILE CD1 HD11 sing N N 178 
ILE CD1 HD12 sing N N 179 
ILE CD1 HD13 sing N N 180 
ILE OXT HXT  sing N N 181 
LEU N   CA   sing N N 182 
LEU N   H    sing N N 183 
LEU N   H2   sing N N 184 
LEU CA  C    sing N N 185 
LEU CA  CB   sing N N 186 
LEU CA  HA   sing N N 187 
LEU C   O    doub N N 188 
LEU C   OXT  sing N N 189 
LEU CB  CG   sing N N 190 
LEU CB  HB2  sing N N 191 
LEU CB  HB3  sing N N 192 
LEU CG  CD1  sing N N 193 
LEU CG  CD2  sing N N 194 
LEU CG  HG   sing N N 195 
LEU CD1 HD11 sing N N 196 
LEU CD1 HD12 sing N N 197 
LEU CD1 HD13 sing N N 198 
LEU CD2 HD21 sing N N 199 
LEU CD2 HD22 sing N N 200 
LEU CD2 HD23 sing N N 201 
LEU OXT HXT  sing N N 202 
LYS N   CA   sing N N 203 
LYS N   H    sing N N 204 
LYS N   H2   sing N N 205 
LYS CA  C    sing N N 206 
LYS CA  CB   sing N N 207 
LYS CA  HA   sing N N 208 
LYS C   O    doub N N 209 
LYS C   OXT  sing N N 210 
LYS CB  CG   sing N N 211 
LYS CB  HB2  sing N N 212 
LYS CB  HB3  sing N N 213 
LYS CG  CD   sing N N 214 
LYS CG  HG2  sing N N 215 
LYS CG  HG3  sing N N 216 
LYS CD  CE   sing N N 217 
LYS CD  HD2  sing N N 218 
LYS CD  HD3  sing N N 219 
LYS CE  NZ   sing N N 220 
LYS CE  HE2  sing N N 221 
LYS CE  HE3  sing N N 222 
LYS NZ  HZ1  sing N N 223 
LYS NZ  HZ2  sing N N 224 
LYS NZ  HZ3  sing N N 225 
LYS OXT HXT  sing N N 226 
MET N   CA   sing N N 227 
MET N   H    sing N N 228 
MET N   H2   sing N N 229 
MET CA  C    sing N N 230 
MET CA  CB   sing N N 231 
MET CA  HA   sing N N 232 
MET C   O    doub N N 233 
MET C   OXT  sing N N 234 
MET CB  CG   sing N N 235 
MET CB  HB2  sing N N 236 
MET CB  HB3  sing N N 237 
MET CG  SD   sing N N 238 
MET CG  HG2  sing N N 239 
MET CG  HG3  sing N N 240 
MET SD  CE   sing N N 241 
MET CE  HE1  sing N N 242 
MET CE  HE2  sing N N 243 
MET CE  HE3  sing N N 244 
MET OXT HXT  sing N N 245 
PHE N   CA   sing N N 246 
PHE N   H    sing N N 247 
PHE N   H2   sing N N 248 
PHE CA  C    sing N N 249 
PHE CA  CB   sing N N 250 
PHE CA  HA   sing N N 251 
PHE C   O    doub N N 252 
PHE C   OXT  sing N N 253 
PHE CB  CG   sing N N 254 
PHE CB  HB2  sing N N 255 
PHE CB  HB3  sing N N 256 
PHE CG  CD1  doub Y N 257 
PHE CG  CD2  sing Y N 258 
PHE CD1 CE1  sing Y N 259 
PHE CD1 HD1  sing N N 260 
PHE CD2 CE2  doub Y N 261 
PHE CD2 HD2  sing N N 262 
PHE CE1 CZ   doub Y N 263 
PHE CE1 HE1  sing N N 264 
PHE CE2 CZ   sing Y N 265 
PHE CE2 HE2  sing N N 266 
PHE CZ  HZ   sing N N 267 
PHE OXT HXT  sing N N 268 
PRO N   CA   sing N N 269 
PRO N   CD   sing N N 270 
PRO N   H    sing N N 271 
PRO CA  C    sing N N 272 
PRO CA  CB   sing N N 273 
PRO CA  HA   sing N N 274 
PRO C   O    doub N N 275 
PRO C   OXT  sing N N 276 
PRO CB  CG   sing N N 277 
PRO CB  HB2  sing N N 278 
PRO CB  HB3  sing N N 279 
PRO CG  CD   sing N N 280 
PRO CG  HG2  sing N N 281 
PRO CG  HG3  sing N N 282 
PRO CD  HD2  sing N N 283 
PRO CD  HD3  sing N N 284 
PRO OXT HXT  sing N N 285 
PRY C1  C2   doub Y N 286 
PRY C1  C3   sing Y N 287 
PRY C1  C4   sing N N 288 
PRY C2  C5   sing Y N 289 
PRY C2  N6   sing N N 290 
PRY C3  C7   doub Y N 291 
PRY C3  HC3  sing N N 292 
PRY C4  C9   sing N N 293 
PRY C4  HC41 sing N N 294 
PRY C4  HC42 sing N N 295 
PRY C5  C8   doub Y N 296 
PRY C5  HC5  sing N N 297 
PRY N6  HN61 sing N N 298 
PRY N6  HN62 sing N N 299 
PRY C7  C8   sing Y N 300 
PRY C7  HC7  sing N N 301 
PRY C8  HC8  sing N N 302 
PRY C9  C10  sing N N 303 
PRY C9  HC91 sing N N 304 
PRY C9  HC92 sing N N 305 
PRY C10 H101 sing N N 306 
PRY C10 H102 sing N N 307 
PRY C10 H103 sing N N 308 
SER N   CA   sing N N 309 
SER N   H    sing N N 310 
SER N   H2   sing N N 311 
SER CA  C    sing N N 312 
SER CA  CB   sing N N 313 
SER CA  HA   sing N N 314 
SER C   O    doub N N 315 
SER C   OXT  sing N N 316 
SER CB  OG   sing N N 317 
SER CB  HB2  sing N N 318 
SER CB  HB3  sing N N 319 
SER OG  HG   sing N N 320 
SER OXT HXT  sing N N 321 
THR N   CA   sing N N 322 
THR N   H    sing N N 323 
THR N   H2   sing N N 324 
THR CA  C    sing N N 325 
THR CA  CB   sing N N 326 
THR CA  HA   sing N N 327 
THR C   O    doub N N 328 
THR C   OXT  sing N N 329 
THR CB  OG1  sing N N 330 
THR CB  CG2  sing N N 331 
THR CB  HB   sing N N 332 
THR OG1 HG1  sing N N 333 
THR CG2 HG21 sing N N 334 
THR CG2 HG22 sing N N 335 
THR CG2 HG23 sing N N 336 
THR OXT HXT  sing N N 337 
TRP N   CA   sing N N 338 
TRP N   H    sing N N 339 
TRP N   H2   sing N N 340 
TRP CA  C    sing N N 341 
TRP CA  CB   sing N N 342 
TRP CA  HA   sing N N 343 
TRP C   O    doub N N 344 
TRP C   OXT  sing N N 345 
TRP CB  CG   sing N N 346 
TRP CB  HB2  sing N N 347 
TRP CB  HB3  sing N N 348 
TRP CG  CD1  doub Y N 349 
TRP CG  CD2  sing Y N 350 
TRP CD1 NE1  sing Y N 351 
TRP CD1 HD1  sing N N 352 
TRP CD2 CE2  doub Y N 353 
TRP CD2 CE3  sing Y N 354 
TRP NE1 CE2  sing Y N 355 
TRP NE1 HE1  sing N N 356 
TRP CE2 CZ2  sing Y N 357 
TRP CE3 CZ3  doub Y N 358 
TRP CE3 HE3  sing N N 359 
TRP CZ2 CH2  doub Y N 360 
TRP CZ2 HZ2  sing N N 361 
TRP CZ3 CH2  sing Y N 362 
TRP CZ3 HZ3  sing N N 363 
TRP CH2 HH2  sing N N 364 
TRP OXT HXT  sing N N 365 
TYR N   CA   sing N N 366 
TYR N   H    sing N N 367 
TYR N   H2   sing N N 368 
TYR CA  C    sing N N 369 
TYR CA  CB   sing N N 370 
TYR CA  HA   sing N N 371 
TYR C   O    doub N N 372 
TYR C   OXT  sing N N 373 
TYR CB  CG   sing N N 374 
TYR CB  HB2  sing N N 375 
TYR CB  HB3  sing N N 376 
TYR CG  CD1  doub Y N 377 
TYR CG  CD2  sing Y N 378 
TYR CD1 CE1  sing Y N 379 
TYR CD1 HD1  sing N N 380 
TYR CD2 CE2  doub Y N 381 
TYR CD2 HD2  sing N N 382 
TYR CE1 CZ   doub Y N 383 
TYR CE1 HE1  sing N N 384 
TYR CE2 CZ   sing Y N 385 
TYR CE2 HE2  sing N N 386 
TYR CZ  OH   sing N N 387 
TYR OH  HH   sing N N 388 
TYR OXT HXT  sing N N 389 
VAL N   CA   sing N N 390 
VAL N   H    sing N N 391 
VAL N   H2   sing N N 392 
VAL CA  C    sing N N 393 
VAL CA  CB   sing N N 394 
VAL CA  HA   sing N N 395 
VAL C   O    doub N N 396 
VAL C   OXT  sing N N 397 
VAL CB  CG1  sing N N 398 
VAL CB  CG2  sing N N 399 
VAL CB  HB   sing N N 400 
VAL CG1 HG11 sing N N 401 
VAL CG1 HG12 sing N N 402 
VAL CG1 HG13 sing N N 403 
VAL CG2 HG21 sing N N 404 
VAL CG2 HG22 sing N N 405 
VAL CG2 HG23 sing N N 406 
VAL OXT HXT  sing N N 407 
# 
loop_
_pdbx_entity_nonpoly.entity_id 
_pdbx_entity_nonpoly.name 
_pdbx_entity_nonpoly.comp_id 
2 'CHLORIDE ION'       CL  
3 BETA-MERCAPTOETHANOL BME 
4 2-PROPYL-ANILINE     PRY 
5 water                HOH 
# 
_pdbx_initial_refinement_model.id               1 
_pdbx_initial_refinement_model.entity_id_list   ? 
_pdbx_initial_refinement_model.type             'experimental model' 
_pdbx_initial_refinement_model.source_name      PDB 
_pdbx_initial_refinement_model.accession_code   1LGU 
_pdbx_initial_refinement_model.details          'PDB entry 1LGU' 
# 
